data_7ND2
#
_entry.id   7ND2
#
_cell.length_a   1.00
_cell.length_b   1.00
_cell.length_c   1.00
_cell.angle_alpha   90.00
_cell.angle_beta   90.00
_cell.angle_gamma   90.00
#
_symmetry.space_group_name_H-M   'P 1'
#
loop_
_entity.id
_entity.type
_entity.pdbx_description
1 polymer 'Protein phosphatase 1 regulatory subunit 21'
2 polymer 'Quinone oxidoreductase-like protein 1'
3 polymer 'Glutamine amidotransferase-like class 1 domain-containing protein 1'
#
loop_
_entity_poly.entity_id
_entity_poly.type
_entity_poly.pdbx_seq_one_letter_code
_entity_poly.pdbx_strand_id
1 'polypeptide(L)'
;MAAAMASAELQGKYQKLAQEYSKLRAQNQVLKKGVVDEQANSAALKEQLKMKDQSLRKLQQEMDSLTFRNLQLAKRVELL
QDELALSEPRGKKNKKSGESSSQLSQEQKSVFDEDLQKKIEENERLHIQFFEADEQHKHVEAELRSRLATLETEAAQHQA
VVDGLTRKYMETIEKLQNDKAKLEVKSQTLEKEAKECRLRTEECQLQLKTLHEDLSGRLEESLSIINEKVPFNDTKYSQY
NALNVPLHNRRHQLKMRDIAGQALAFVQDLVTALLNFHTYTEQRIQIFPVDSAIDTISPLNQKFSQYLHENASYVRPLEE
GMLHLFESITEDTVTVLETTVKLKTFSEHLTSYICFLRKILPYQLKSLEEECESSLCTSALRARNLELSQDMKKMTAVFE
KLQTYIALLALPSTEPDGLLRTNYSSVLTNVGAALHGFHDVMKDISKHYSQKAAIEHELPTATQKLITTNDCILSSVVAL
TNGAGKIASFFSNNLDYFIASLSYGPKAASGFISPLSAECMLQYKKKAAAYMKSLRKPLLESVPYEEALANRRILLSSTE
SREGLAQQVQQSLEKISKLEQEKEHWMLEAQLAKIKLEKENQRIADKLKNTGSAQLVGLAQENAAVSNTAGQDEATAKAV
LEPIQSTSLIGTLTRTSDSEVPDVESREDLIKNHYMARIVELTSQLQLADSKSVHFYAECRALSKRLALAEKSKEALTEE
MKLASQNISRLQDELTTTKRSYEDQLSMMSDHLCSMNETLSKQREEIDTLKMSSKGNSKKNKSR
;
A,B
2 'polypeptide(L)'
;MSHHHHHHKGLYFQQSSTDEEITFVFQEKEDLPVTEDNFVKLQVKACALSQINTKLLAEMKMKKDLFPVGREIAGIVLDV
GSKVSFFQPDDEVVGILPLDSEDPGLCEVVRVHEHYLVHKPEKVTWTEAAGSIRDGVRAYTALHYLSHLSPGKSVLIMDG
ASAFGTIAIQLAHHRGAKVISTACSLEDKQCLERFRPPIARVIDVSNGKVHVAESCLEETGGLGVDIVLDAGVRLYSKDD
EPAVKLQLLPHKHDIITLLGVGGHWVTTEENLQLDPPDSHCLFLKGATLAFLNDEVWNLSNVQQGKYLCILKDVMEKLST
GVFRPQLDEPIPLYEAKVSMEAVQKNQGRKKQVVQF
;
C,D
3 'polypeptide(L)'
;MSHHHHHHASERLPNRPACLLVASGAAEGVSAQSFLHCFTMASTAFNLQVATPGGKAMEFVDVTESNARWVQDFRLKAYA
SPAKLESIDGARYHALLIPSCPGALTDLASSGSLARILQHFHSESKPICAVGHGVAALCCATNEDRSWVFDSYSLTGPSV
CELVRAPGFARLPLVVEDFVKDSGACFSASEPDAVHVVLDRHLVTGQNASSTVPAVQNLLFLCGSRK
;
E,F,H,G
#
# COMPACT_ATOMS: atom_id res chain seq x y z
N SER A 222 6.16 0.73 -0.30
CA SER A 222 6.09 -0.20 0.83
C SER A 222 5.80 -1.61 0.32
N LEU A 223 6.73 -2.52 0.57
CA LEU A 223 6.60 -3.90 0.10
C LEU A 223 6.03 -4.81 1.18
N SER A 224 6.74 -4.98 2.28
CA SER A 224 6.27 -5.80 3.40
C SER A 224 5.14 -5.11 4.15
N ILE A 225 5.16 -3.78 4.19
CA ILE A 225 4.24 -3.02 5.02
C ILE A 225 2.80 -3.19 4.57
N ILE A 226 2.56 -3.13 3.25
CA ILE A 226 1.20 -3.33 2.73
C ILE A 226 0.73 -4.75 3.03
N ASN A 227 1.63 -5.72 3.01
CA ASN A 227 1.28 -7.06 3.44
C ASN A 227 0.94 -7.10 4.92
N GLU A 228 1.72 -6.42 5.76
CA GLU A 228 1.52 -6.46 7.20
C GLU A 228 0.21 -5.78 7.61
N LYS A 229 0.02 -4.52 7.20
CA LYS A 229 -1.13 -3.76 7.68
C LYS A 229 -2.43 -4.26 7.08
N VAL A 230 -2.39 -4.71 5.83
CA VAL A 230 -3.61 -5.15 5.16
C VAL A 230 -3.39 -6.58 4.70
N PRO A 231 -3.53 -7.55 5.60
CA PRO A 231 -3.41 -8.94 5.15
C PRO A 231 -4.55 -9.35 4.23
N PHE A 232 -5.76 -8.94 4.56
CA PHE A 232 -6.94 -9.22 3.76
C PHE A 232 -7.50 -7.90 3.28
N ASN A 233 -7.92 -7.89 2.04
CA ASN A 233 -8.52 -6.72 1.45
C ASN A 233 -9.89 -7.14 0.92
N ASP A 234 -10.84 -6.22 0.96
CA ASP A 234 -12.15 -6.45 0.40
C ASP A 234 -12.32 -5.82 -0.96
N THR A 235 -11.35 -5.00 -1.36
CA THR A 235 -11.37 -4.20 -2.57
C THR A 235 -10.67 -4.95 -3.70
N LYS A 236 -10.29 -6.21 -3.45
CA LYS A 236 -9.74 -7.06 -4.49
C LYS A 236 -10.74 -7.20 -5.63
N TYR A 237 -12.02 -7.26 -5.27
CA TYR A 237 -13.10 -7.47 -6.22
C TYR A 237 -13.98 -6.23 -6.18
N SER A 238 -14.05 -5.50 -7.29
CA SER A 238 -14.92 -4.33 -7.37
C SER A 238 -16.38 -4.72 -7.46
N GLN A 239 -16.63 -5.77 -8.24
CA GLN A 239 -17.97 -6.25 -8.51
C GLN A 239 -18.67 -6.68 -7.23
N TYR A 240 -17.96 -7.38 -6.36
CA TYR A 240 -18.55 -7.72 -5.06
C TYR A 240 -18.65 -6.48 -4.20
N ASN A 241 -17.66 -5.58 -4.32
CA ASN A 241 -17.59 -4.39 -3.49
C ASN A 241 -18.82 -3.54 -3.63
N ALA A 242 -19.40 -3.51 -4.82
CA ALA A 242 -20.64 -2.78 -5.01
C ALA A 242 -21.77 -3.39 -4.17
N LEU A 243 -21.77 -4.71 -4.04
CA LEU A 243 -22.92 -5.42 -3.49
C LEU A 243 -23.19 -5.08 -2.02
N ASN A 244 -22.15 -4.86 -1.24
CA ASN A 244 -22.34 -4.55 0.18
C ASN A 244 -23.08 -3.24 0.38
N VAL A 245 -23.91 -3.20 1.42
CA VAL A 245 -24.82 -2.09 1.70
C VAL A 245 -24.02 -0.82 1.99
N PRO A 246 -24.32 0.29 1.33
CA PRO A 246 -23.66 1.55 1.64
C PRO A 246 -24.41 2.29 2.74
N LEU A 247 -23.75 3.31 3.26
CA LEU A 247 -24.32 4.16 4.30
C LEU A 247 -25.62 4.82 3.84
N HIS A 248 -26.61 4.80 4.74
CA HIS A 248 -27.93 5.40 4.56
C HIS A 248 -27.88 6.92 4.65
N ASN A 249 -27.36 7.58 3.63
CA ASN A 249 -27.35 9.03 3.65
C ASN A 249 -28.79 9.52 3.59
N ARG A 250 -29.22 10.18 4.65
CA ARG A 250 -30.56 10.72 4.72
C ARG A 250 -30.72 11.98 3.88
N ARG A 251 -29.69 12.85 3.89
CA ARG A 251 -29.80 14.19 3.32
C ARG A 251 -30.08 14.16 1.83
N HIS A 252 -29.39 13.28 1.12
CA HIS A 252 -29.63 13.12 -0.31
C HIS A 252 -31.04 12.64 -0.58
N GLN A 253 -31.55 11.75 0.27
CA GLN A 253 -32.92 11.32 0.09
C GLN A 253 -33.90 12.43 0.30
N LEU A 254 -33.70 13.26 1.32
CA LEU A 254 -34.62 14.37 1.55
C LEU A 254 -34.59 15.38 0.41
N LYS A 255 -33.40 15.61 -0.16
CA LYS A 255 -33.32 16.48 -1.33
C LYS A 255 -34.07 15.87 -2.51
N MET A 256 -33.94 14.56 -2.72
CA MET A 256 -34.77 13.95 -3.76
C MET A 256 -36.25 13.99 -3.43
N ARG A 257 -36.63 13.91 -2.16
CA ARG A 257 -38.05 13.95 -1.79
C ARG A 257 -38.68 15.29 -2.18
N ASP A 258 -38.08 16.41 -1.75
CA ASP A 258 -38.73 17.68 -2.06
C ASP A 258 -38.59 18.02 -3.54
N ILE A 259 -37.43 17.74 -4.13
CA ILE A 259 -37.23 18.04 -5.55
C ILE A 259 -38.18 17.23 -6.42
N ALA A 260 -38.36 15.94 -6.12
CA ALA A 260 -39.32 15.12 -6.85
C ALA A 260 -40.74 15.61 -6.65
N GLY A 261 -41.09 16.07 -5.44
CA GLY A 261 -42.41 16.64 -5.22
C GLY A 261 -42.63 17.91 -6.02
N GLN A 262 -41.60 18.75 -6.10
CA GLN A 262 -41.66 19.99 -6.86
C GLN A 262 -41.86 19.71 -8.34
N ALA A 263 -41.01 18.84 -8.89
CA ALA A 263 -41.14 18.40 -10.27
C ALA A 263 -42.50 17.79 -10.56
N LEU A 264 -43.04 17.00 -9.62
CA LEU A 264 -44.36 16.42 -9.81
C LEU A 264 -45.42 17.49 -9.94
N ALA A 265 -45.31 18.54 -9.11
CA ALA A 265 -46.24 19.65 -9.20
C ALA A 265 -46.13 20.38 -10.54
N PHE A 266 -44.91 20.55 -11.04
CA PHE A 266 -44.74 21.19 -12.34
C PHE A 266 -45.18 20.29 -13.49
N VAL A 267 -45.03 18.97 -13.36
CA VAL A 267 -45.54 18.00 -14.32
C VAL A 267 -47.06 18.05 -14.41
N GLN A 268 -47.72 18.44 -13.31
CA GLN A 268 -49.17 18.64 -13.37
C GLN A 268 -49.58 19.74 -14.34
N ASP A 269 -48.74 20.78 -14.51
CA ASP A 269 -49.02 21.88 -15.44
C ASP A 269 -49.20 21.45 -16.89
N LEU A 270 -48.70 20.30 -17.30
CA LEU A 270 -48.89 19.79 -18.66
C LEU A 270 -50.35 19.63 -19.07
N VAL A 271 -51.26 19.47 -18.10
CA VAL A 271 -52.69 19.42 -18.37
C VAL A 271 -53.14 20.69 -19.10
N THR A 272 -52.50 21.83 -18.82
CA THR A 272 -52.79 23.07 -19.55
C THR A 272 -52.46 22.92 -21.03
N ALA A 273 -51.35 22.24 -21.36
CA ALA A 273 -51.04 21.92 -22.75
C ALA A 273 -52.13 21.04 -23.34
N LEU A 274 -52.64 20.12 -22.55
CA LEU A 274 -53.74 19.26 -23.02
C LEU A 274 -55.00 20.07 -23.29
N LEU A 275 -55.27 21.03 -22.42
CA LEU A 275 -56.43 21.91 -22.58
C LEU A 275 -56.30 22.73 -23.85
N ASN A 276 -55.12 23.30 -24.10
CA ASN A 276 -54.96 24.05 -25.34
C ASN A 276 -54.97 23.15 -26.56
N PHE A 277 -54.52 21.91 -26.45
CA PHE A 277 -54.66 21.01 -27.57
C PHE A 277 -56.13 20.75 -27.91
N HIS A 278 -56.98 20.59 -26.89
CA HIS A 278 -58.42 20.50 -27.13
C HIS A 278 -58.98 21.80 -27.71
N THR A 279 -58.45 22.91 -27.23
CA THR A 279 -58.79 24.22 -27.77
C THR A 279 -58.37 24.30 -29.22
N TYR A 280 -57.22 23.73 -29.54
CA TYR A 280 -56.76 23.66 -30.91
C TYR A 280 -57.69 22.81 -31.77
N THR A 281 -58.26 21.75 -31.20
CA THR A 281 -59.25 20.95 -31.94
C THR A 281 -60.45 21.79 -32.32
N GLU A 282 -61.05 22.46 -31.32
CA GLU A 282 -62.19 23.32 -31.62
C GLU A 282 -61.80 24.50 -32.51
N GLN A 283 -60.56 24.95 -32.44
CA GLN A 283 -60.06 26.00 -33.33
C GLN A 283 -60.13 25.54 -34.77
N ARG A 284 -59.68 24.31 -35.03
CA ARG A 284 -59.78 23.73 -36.35
C ARG A 284 -61.22 23.53 -36.80
N ILE A 285 -62.09 23.09 -35.88
CA ILE A 285 -63.52 22.91 -36.19
C ILE A 285 -64.14 24.26 -36.59
N GLN A 286 -63.70 25.33 -35.93
CA GLN A 286 -64.16 26.68 -36.25
C GLN A 286 -63.85 27.07 -37.68
N ILE A 287 -62.72 26.62 -38.24
CA ILE A 287 -62.37 27.07 -39.58
C ILE A 287 -63.05 26.21 -40.65
N PHE A 288 -63.81 25.17 -40.25
CA PHE A 288 -64.57 24.39 -41.23
C PHE A 288 -65.64 25.20 -41.98
N PRO A 289 -66.50 26.01 -41.34
CA PRO A 289 -67.34 26.88 -42.17
C PRO A 289 -66.51 27.95 -42.87
N VAL A 290 -65.50 28.49 -42.17
CA VAL A 290 -64.68 29.58 -42.70
C VAL A 290 -63.90 29.15 -43.93
N THR A 296 -59.73 17.90 -49.60
CA THR A 296 -59.34 16.91 -48.60
C THR A 296 -59.40 17.42 -47.16
N ILE A 297 -59.39 18.74 -46.97
CA ILE A 297 -59.43 19.29 -45.63
C ILE A 297 -60.71 18.91 -44.89
N SER A 298 -61.85 18.81 -45.59
CA SER A 298 -63.08 18.45 -44.89
C SER A 298 -63.01 17.04 -44.26
N PRO A 299 -62.55 15.97 -44.94
CA PRO A 299 -62.27 14.74 -44.16
C PRO A 299 -61.09 14.89 -43.21
N LEU A 300 -60.07 15.64 -43.64
CA LEU A 300 -58.83 15.78 -42.89
C LEU A 300 -59.02 16.42 -41.52
N ASN A 301 -59.87 17.42 -41.40
CA ASN A 301 -60.07 18.07 -40.11
C ASN A 301 -60.74 17.14 -39.11
N GLN A 302 -61.76 16.39 -39.53
CA GLN A 302 -62.40 15.45 -38.60
C GLN A 302 -61.45 14.31 -38.24
N LYS A 303 -60.67 13.81 -39.20
CA LYS A 303 -59.66 12.80 -38.90
C LYS A 303 -58.60 13.36 -37.96
N PHE A 304 -58.21 14.60 -38.20
CA PHE A 304 -57.22 15.30 -37.42
C PHE A 304 -57.72 15.46 -35.99
N SER A 305 -58.99 15.83 -35.85
CA SER A 305 -59.62 15.98 -34.56
C SER A 305 -59.70 14.66 -33.82
N GLN A 306 -60.06 13.58 -34.52
CA GLN A 306 -60.15 12.28 -33.88
C GLN A 306 -58.80 11.83 -33.37
N TYR A 307 -57.75 12.07 -34.15
CA TYR A 307 -56.41 11.77 -33.68
C TYR A 307 -56.04 12.66 -32.51
N LEU A 308 -56.47 13.92 -32.55
CA LEU A 308 -56.23 14.84 -31.45
C LEU A 308 -56.92 14.45 -30.15
N HIS A 309 -58.10 13.81 -30.21
CA HIS A 309 -58.78 13.38 -28.99
C HIS A 309 -57.93 12.42 -28.15
N GLU A 310 -57.09 11.63 -28.81
CA GLU A 310 -56.22 10.62 -28.21
C GLU A 310 -55.24 11.17 -27.19
N ASN A 311 -54.92 12.47 -27.23
CA ASN A 311 -53.86 13.04 -26.39
C ASN A 311 -54.09 12.83 -24.91
N ALA A 312 -55.33 12.91 -24.42
CA ALA A 312 -55.58 12.68 -23.00
C ALA A 312 -55.17 11.27 -22.59
N SER A 313 -55.48 10.30 -23.44
CA SER A 313 -55.03 8.93 -23.26
C SER A 313 -53.52 8.82 -23.34
N TYR A 314 -52.92 9.57 -24.25
CA TYR A 314 -51.47 9.50 -24.40
C TYR A 314 -50.74 10.11 -23.21
N VAL A 315 -51.18 11.27 -22.74
CA VAL A 315 -50.40 12.03 -21.78
C VAL A 315 -50.72 11.68 -20.33
N ARG A 316 -51.90 11.13 -20.04
CA ARG A 316 -52.22 10.78 -18.66
C ARG A 316 -51.25 9.78 -18.03
N PRO A 317 -50.77 8.73 -18.71
CA PRO A 317 -49.71 7.91 -18.10
C PRO A 317 -48.42 8.66 -17.81
N LEU A 318 -48.01 9.65 -18.61
CA LEU A 318 -46.83 10.45 -18.29
C LEU A 318 -46.87 10.98 -16.87
N GLU A 319 -47.97 11.65 -16.53
CA GLU A 319 -48.13 12.16 -15.17
C GLU A 319 -48.29 11.02 -14.17
N GLU A 320 -48.97 9.94 -14.56
CA GLU A 320 -49.10 8.80 -13.66
C GLU A 320 -47.75 8.16 -13.35
N GLY A 321 -46.91 7.98 -14.36
CA GLY A 321 -45.57 7.44 -14.16
C GLY A 321 -44.66 8.35 -13.37
N MET A 322 -44.76 9.67 -13.59
CA MET A 322 -43.98 10.60 -12.79
C MET A 322 -44.39 10.52 -11.33
N LEU A 323 -45.69 10.33 -11.08
CA LEU A 323 -46.17 10.05 -9.73
C LEU A 323 -45.57 8.77 -9.18
N HIS A 324 -45.50 7.71 -10.02
CA HIS A 324 -44.83 6.48 -9.59
C HIS A 324 -43.36 6.71 -9.23
N LEU A 325 -42.67 7.57 -9.98
CA LEU A 325 -41.28 7.89 -9.66
C LEU A 325 -41.21 8.55 -8.30
N PHE A 326 -42.17 9.43 -8.01
CA PHE A 326 -42.22 10.04 -6.70
C PHE A 326 -42.48 8.98 -5.63
N GLU A 327 -43.31 8.00 -5.93
CA GLU A 327 -43.56 6.94 -4.95
C GLU A 327 -42.28 6.14 -4.67
N SER A 328 -41.52 5.82 -5.70
CA SER A 328 -40.26 5.10 -5.46
C SER A 328 -39.17 5.95 -4.85
N ILE A 329 -39.25 7.28 -4.92
CA ILE A 329 -38.16 8.09 -4.38
C ILE A 329 -38.27 8.26 -2.88
N THR A 330 -39.29 7.67 -2.25
CA THR A 330 -39.45 7.73 -0.80
C THR A 330 -38.31 7.05 -0.06
N GLU A 331 -38.08 7.53 1.16
CA GLU A 331 -36.94 7.19 2.01
C GLU A 331 -37.01 5.71 2.41
N ASP A 332 -35.86 5.22 2.89
CA ASP A 332 -35.41 3.86 3.31
C ASP A 332 -34.86 3.19 2.05
N THR A 333 -34.87 3.92 0.95
CA THR A 333 -34.30 3.51 -0.32
C THR A 333 -33.22 4.50 -0.70
N VAL A 334 -32.04 4.00 -1.10
CA VAL A 334 -30.92 4.87 -1.45
C VAL A 334 -31.24 5.74 -2.68
N THR A 335 -31.84 5.14 -3.72
CA THR A 335 -32.29 5.81 -4.96
C THR A 335 -31.22 6.62 -5.70
N VAL A 336 -30.00 6.10 -5.76
CA VAL A 336 -29.00 6.78 -6.56
C VAL A 336 -29.40 6.74 -8.03
N LEU A 337 -29.70 5.54 -8.53
CA LEU A 337 -30.30 5.27 -9.81
C LEU A 337 -31.39 4.24 -9.66
N GLU A 338 -31.63 3.78 -8.44
CA GLU A 338 -32.60 2.70 -8.26
C GLU A 338 -34.01 3.13 -8.66
N THR A 339 -34.43 4.33 -8.20
CA THR A 339 -35.78 4.84 -8.45
C THR A 339 -36.04 5.11 -9.93
N THR A 340 -34.99 5.07 -10.72
CA THR A 340 -35.04 5.31 -12.14
C THR A 340 -35.83 4.23 -12.84
N VAL A 341 -35.98 3.05 -12.22
CA VAL A 341 -36.80 2.00 -12.83
C VAL A 341 -38.19 2.54 -13.15
N LYS A 342 -38.77 3.35 -12.25
CA LYS A 342 -40.03 4.00 -12.60
C LYS A 342 -39.82 5.02 -13.70
N LEU A 343 -38.67 5.70 -13.68
CA LEU A 343 -38.31 6.63 -14.73
C LEU A 343 -38.27 5.92 -16.06
N LYS A 344 -37.87 4.64 -16.04
CA LYS A 344 -37.89 3.85 -17.26
C LYS A 344 -39.29 3.79 -17.84
N THR A 345 -40.29 3.53 -16.99
CA THR A 345 -41.68 3.60 -17.43
C THR A 345 -42.02 5.00 -17.88
N PHE A 346 -41.53 5.98 -17.12
CA PHE A 346 -41.80 7.37 -17.42
C PHE A 346 -41.20 7.75 -18.75
N SER A 347 -40.01 7.22 -19.05
CA SER A 347 -39.37 7.52 -20.33
C SER A 347 -40.26 7.09 -21.47
N GLU A 348 -40.78 5.86 -21.40
CA GLU A 348 -41.69 5.39 -22.43
C GLU A 348 -42.97 6.20 -22.43
N HIS A 349 -43.42 6.58 -21.23
CA HIS A 349 -44.55 7.47 -21.11
C HIS A 349 -44.28 8.80 -21.75
N LEU A 350 -43.07 9.35 -21.56
CA LEU A 350 -42.72 10.58 -22.25
C LEU A 350 -42.66 10.33 -23.74
N THR A 351 -42.18 9.15 -24.12
CA THR A 351 -42.16 8.76 -25.52
C THR A 351 -43.57 8.73 -26.06
N SER A 352 -44.51 8.25 -25.22
CA SER A 352 -45.93 8.19 -25.58
C SER A 352 -46.47 9.57 -25.88
N TYR A 353 -46.05 10.57 -25.11
CA TYR A 353 -46.43 11.95 -25.41
C TYR A 353 -45.90 12.37 -26.75
N ILE A 354 -44.59 12.21 -26.89
CA ILE A 354 -43.91 12.79 -28.02
C ILE A 354 -44.22 12.05 -29.29
N CYS A 355 -44.54 10.76 -29.18
CA CYS A 355 -44.98 10.00 -30.33
C CYS A 355 -46.20 10.65 -30.92
N PHE A 356 -47.14 11.03 -30.04
CA PHE A 356 -48.33 11.78 -30.45
C PHE A 356 -47.94 13.12 -31.02
N LEU A 357 -46.98 13.79 -30.39
CA LEU A 357 -46.55 15.07 -30.90
C LEU A 357 -45.91 14.88 -32.28
N ARG A 358 -45.09 13.84 -32.42
CA ARG A 358 -44.59 13.51 -33.74
C ARG A 358 -45.73 13.08 -34.65
N LYS A 359 -46.73 12.41 -34.08
CA LYS A 359 -47.93 12.06 -34.82
C LYS A 359 -48.62 13.30 -35.34
N ILE A 360 -48.64 14.37 -34.55
CA ILE A 360 -49.34 15.55 -35.01
C ILE A 360 -48.42 16.46 -35.80
N LEU A 361 -47.11 16.17 -35.85
CA LEU A 361 -46.20 17.11 -36.50
C LEU A 361 -46.39 17.28 -38.01
N PRO A 362 -46.41 16.23 -38.85
CA PRO A 362 -46.70 16.50 -40.28
C PRO A 362 -48.13 16.93 -40.49
N TYR A 363 -49.02 16.38 -39.67
CA TYR A 363 -50.43 16.71 -39.70
C TYR A 363 -50.66 18.20 -39.48
N GLN A 364 -49.91 18.80 -38.56
CA GLN A 364 -50.00 20.25 -38.41
C GLN A 364 -49.56 21.00 -39.65
N LEU A 365 -48.46 20.55 -40.27
CA LEU A 365 -47.85 21.26 -41.40
C LEU A 365 -48.82 21.37 -42.55
N LYS A 366 -49.47 20.27 -42.89
CA LYS A 366 -50.43 20.28 -43.99
C LYS A 366 -51.66 21.07 -43.60
N SER A 367 -52.12 20.91 -42.36
CA SER A 367 -53.36 21.54 -41.91
C SER A 367 -53.25 23.05 -41.98
N LEU A 368 -52.10 23.58 -41.54
CA LEU A 368 -51.89 25.01 -41.62
C LEU A 368 -51.84 25.47 -43.07
N GLU A 369 -51.29 24.62 -43.96
CA GLU A 369 -51.33 24.92 -45.39
C GLU A 369 -52.76 24.98 -45.89
N GLU A 370 -53.60 24.04 -45.45
CA GLU A 370 -55.01 24.13 -45.76
C GLU A 370 -55.64 25.33 -45.08
N GLU A 371 -55.17 25.67 -43.87
CA GLU A 371 -55.59 26.91 -43.24
C GLU A 371 -55.14 28.10 -44.08
N CYS A 372 -53.99 27.97 -44.75
CA CYS A 372 -53.62 28.95 -45.75
C CYS A 372 -54.57 28.94 -46.93
N GLU A 373 -55.06 27.75 -47.30
CA GLU A 373 -56.02 27.62 -48.40
C GLU A 373 -57.31 28.37 -48.10
N SER A 374 -57.69 28.44 -46.82
CA SER A 374 -58.81 29.27 -46.38
C SER A 374 -58.50 30.73 -46.66
N SER A 375 -59.55 31.52 -46.86
CA SER A 375 -59.39 32.92 -47.27
C SER A 375 -58.59 33.72 -46.27
N LEU A 376 -57.39 34.10 -46.69
CA LEU A 376 -56.43 34.91 -45.94
C LEU A 376 -55.86 35.82 -47.03
N CYS A 377 -56.56 36.92 -47.27
CA CYS A 377 -56.19 37.88 -48.30
C CYS A 377 -54.82 38.47 -48.02
N THR A 378 -54.54 38.76 -46.75
CA THR A 378 -53.25 39.30 -46.37
C THR A 378 -52.19 38.23 -46.51
N SER A 379 -51.13 38.56 -47.24
CA SER A 379 -50.01 37.65 -47.40
C SER A 379 -49.26 37.49 -46.09
N ALA A 380 -49.18 38.57 -45.32
CA ALA A 380 -48.41 38.60 -44.08
C ALA A 380 -48.89 37.56 -43.08
N LEU A 381 -50.21 37.43 -42.93
CA LEU A 381 -50.75 36.39 -42.07
C LEU A 381 -50.42 35.00 -42.58
N ARG A 382 -50.51 34.80 -43.89
CA ARG A 382 -50.21 33.49 -44.48
C ARG A 382 -48.74 33.12 -44.30
N ALA A 383 -47.84 34.05 -44.58
CA ALA A 383 -46.41 33.78 -44.47
C ALA A 383 -46.04 33.58 -43.01
N ARG A 384 -46.55 34.43 -42.14
CA ARG A 384 -46.19 34.38 -40.74
C ARG A 384 -46.67 33.09 -40.09
N ASN A 385 -47.89 32.63 -40.42
CA ASN A 385 -48.32 31.35 -39.89
C ASN A 385 -47.48 30.19 -40.45
N LEU A 386 -46.98 30.29 -41.70
CA LEU A 386 -45.99 29.30 -42.13
C LEU A 386 -44.73 29.33 -41.27
N GLU A 387 -44.30 30.53 -40.87
CA GLU A 387 -43.20 30.64 -39.91
C GLU A 387 -43.56 30.01 -38.58
N LEU A 388 -44.81 30.18 -38.15
CA LEU A 388 -45.31 29.58 -36.91
C LEU A 388 -45.24 28.07 -36.96
N SER A 389 -45.65 27.49 -38.10
CA SER A 389 -45.57 26.04 -38.25
C SER A 389 -44.13 25.58 -38.19
N GLN A 390 -43.22 26.37 -38.78
CA GLN A 390 -41.79 26.09 -38.64
C GLN A 390 -41.33 26.20 -37.19
N ASP A 391 -41.83 27.19 -36.46
CA ASP A 391 -41.54 27.34 -35.05
C ASP A 391 -42.05 26.14 -34.24
N MET A 392 -43.23 25.65 -34.60
CA MET A 392 -43.80 24.45 -33.99
C MET A 392 -42.91 23.26 -34.26
N LYS A 393 -42.36 23.19 -35.46
CA LYS A 393 -41.42 22.15 -35.83
C LYS A 393 -40.16 22.23 -34.96
N LYS A 394 -39.71 23.45 -34.67
CA LYS A 394 -38.55 23.65 -33.81
C LYS A 394 -38.82 23.18 -32.38
N MET A 395 -40.01 23.52 -31.84
CA MET A 395 -40.30 23.14 -30.46
C MET A 395 -40.43 21.63 -30.35
N THR A 396 -40.95 21.00 -31.41
CA THR A 396 -40.96 19.55 -31.43
C THR A 396 -39.56 19.01 -31.41
N ALA A 397 -38.66 19.60 -32.21
CA ALA A 397 -37.30 19.08 -32.34
C ALA A 397 -36.52 19.13 -31.02
N VAL A 398 -36.61 20.26 -30.32
CA VAL A 398 -35.95 20.33 -29.01
C VAL A 398 -36.60 19.36 -28.03
N PHE A 399 -37.93 19.19 -28.14
CA PHE A 399 -38.63 18.25 -27.30
C PHE A 399 -38.15 16.82 -27.57
N GLU A 400 -37.91 16.46 -28.87
CA GLU A 400 -37.37 15.13 -29.16
C GLU A 400 -35.96 14.97 -28.66
N LYS A 401 -35.17 16.04 -28.64
CA LYS A 401 -33.82 15.90 -28.08
C LYS A 401 -33.92 15.51 -26.62
N LEU A 402 -34.90 16.11 -25.91
CA LEU A 402 -35.10 15.77 -24.51
C LEU A 402 -35.49 14.31 -24.35
N GLN A 403 -36.41 13.86 -25.21
CA GLN A 403 -36.90 12.49 -25.06
C GLN A 403 -35.82 11.47 -25.38
N THR A 404 -35.03 11.68 -26.43
CA THR A 404 -33.99 10.71 -26.76
C THR A 404 -32.91 10.65 -25.69
N TYR A 405 -32.53 11.80 -25.10
CA TYR A 405 -31.60 11.72 -23.98
C TYR A 405 -32.22 10.95 -22.82
N ILE A 406 -33.44 11.32 -22.42
CA ILE A 406 -34.03 10.74 -21.21
C ILE A 406 -34.26 9.25 -21.38
N ALA A 407 -34.64 8.82 -22.60
CA ALA A 407 -34.75 7.40 -22.89
C ALA A 407 -33.40 6.72 -22.81
N LEU A 408 -32.34 7.38 -23.29
CA LEU A 408 -31.00 6.83 -23.09
C LEU A 408 -30.61 6.81 -21.61
N LEU A 409 -31.05 7.81 -20.85
CA LEU A 409 -30.80 7.87 -19.42
C LEU A 409 -31.50 6.75 -18.68
N ALA A 410 -32.56 6.18 -19.26
CA ALA A 410 -33.14 5.00 -18.66
C ALA A 410 -32.25 3.76 -18.80
N LEU A 411 -31.37 3.72 -19.79
CA LEU A 411 -30.44 2.59 -19.94
C LEU A 411 -29.49 2.38 -18.76
N PRO A 412 -28.96 3.40 -18.07
CA PRO A 412 -28.27 3.13 -16.81
C PRO A 412 -29.11 2.40 -15.78
N SER A 413 -30.43 2.58 -15.77
CA SER A 413 -31.26 1.88 -14.80
C SER A 413 -31.13 0.37 -14.99
N THR A 414 -31.18 -0.09 -16.24
CA THR A 414 -31.08 -1.53 -16.48
C THR A 414 -30.13 -1.80 -17.64
N GLU A 415 -29.18 -2.70 -17.37
CA GLU A 415 -28.16 -3.15 -18.31
C GLU A 415 -27.34 -2.10 -19.06
N PRO A 416 -26.62 -1.18 -18.35
CA PRO A 416 -25.77 -0.24 -19.09
C PRO A 416 -24.43 -0.83 -19.48
N ASP A 417 -24.44 -1.45 -20.67
CA ASP A 417 -23.24 -2.08 -21.23
C ASP A 417 -22.12 -1.07 -21.47
N GLY A 418 -22.49 0.13 -21.92
CA GLY A 418 -21.51 1.16 -22.23
C GLY A 418 -20.70 1.60 -21.02
N LEU A 419 -21.36 1.75 -19.87
CA LEU A 419 -20.78 2.08 -18.55
C LEU A 419 -20.10 3.44 -18.51
N LEU A 420 -20.40 4.34 -19.44
CA LEU A 420 -19.70 5.61 -19.47
C LEU A 420 -20.38 6.56 -18.49
N ARG A 421 -20.12 6.30 -17.20
CA ARG A 421 -20.73 7.03 -16.09
C ARG A 421 -20.41 8.51 -16.15
N THR A 422 -19.16 8.83 -16.49
CA THR A 422 -18.69 10.20 -16.62
C THR A 422 -19.41 10.91 -17.76
N ASN A 423 -19.61 10.18 -18.86
CA ASN A 423 -20.19 10.77 -20.06
C ASN A 423 -21.59 11.28 -19.80
N TYR A 424 -22.46 10.47 -19.21
CA TYR A 424 -23.77 11.06 -19.03
C TYR A 424 -23.85 11.84 -17.76
N SER A 425 -22.82 11.78 -16.92
CA SER A 425 -22.74 12.67 -15.77
C SER A 425 -22.62 14.11 -16.25
N SER A 426 -21.73 14.35 -17.21
CA SER A 426 -21.68 15.69 -17.79
C SER A 426 -22.86 15.96 -18.72
N VAL A 427 -23.14 15.01 -19.63
CA VAL A 427 -24.25 15.04 -20.59
C VAL A 427 -25.62 15.42 -19.98
N LEU A 428 -25.87 15.10 -18.69
CA LEU A 428 -27.11 15.52 -18.02
C LEU A 428 -27.37 17.02 -18.14
N THR A 429 -26.30 17.82 -18.20
CA THR A 429 -26.42 19.26 -18.30
C THR A 429 -27.15 19.68 -19.57
N ASN A 430 -26.98 18.90 -20.65
CA ASN A 430 -27.45 19.29 -21.97
C ASN A 430 -28.96 19.48 -22.00
N VAL A 431 -29.72 18.63 -21.31
CA VAL A 431 -31.16 18.90 -21.24
C VAL A 431 -31.44 20.15 -20.44
N GLY A 432 -30.63 20.46 -19.45
CA GLY A 432 -30.80 21.73 -18.77
C GLY A 432 -30.64 22.91 -19.70
N ALA A 433 -29.63 22.84 -20.59
CA ALA A 433 -29.49 23.85 -21.64
C ALA A 433 -30.64 23.82 -22.63
N ALA A 434 -31.05 22.63 -23.04
CA ALA A 434 -32.12 22.46 -24.01
C ALA A 434 -33.44 22.96 -23.44
N LEU A 435 -33.70 22.61 -22.19
CA LEU A 435 -34.91 22.97 -21.49
C LEU A 435 -34.97 24.48 -21.25
N HIS A 436 -33.83 25.07 -20.86
CA HIS A 436 -33.77 26.51 -20.62
C HIS A 436 -34.02 27.28 -21.91
N GLY A 437 -33.41 26.85 -23.00
CA GLY A 437 -33.73 27.43 -24.29
C GLY A 437 -35.15 27.15 -24.72
N PHE A 438 -35.68 25.98 -24.36
CA PHE A 438 -37.04 25.57 -24.68
C PHE A 438 -38.05 26.51 -24.06
N HIS A 439 -37.71 27.09 -22.91
CA HIS A 439 -38.55 28.14 -22.31
C HIS A 439 -38.71 29.29 -23.31
N ASP A 440 -37.60 29.76 -23.88
CA ASP A 440 -37.68 30.81 -24.88
C ASP A 440 -38.36 30.35 -26.16
N VAL A 441 -38.14 29.11 -26.57
CA VAL A 441 -38.79 28.56 -27.76
C VAL A 441 -40.31 28.50 -27.60
N MET A 442 -40.76 28.09 -26.42
CA MET A 442 -42.18 28.16 -26.09
C MET A 442 -42.67 29.61 -26.08
N LYS A 443 -41.82 30.52 -25.58
CA LYS A 443 -42.20 31.92 -25.62
C LYS A 443 -42.30 32.41 -27.07
N ASP A 444 -41.42 31.91 -27.94
CA ASP A 444 -41.45 32.25 -29.35
C ASP A 444 -42.78 31.86 -29.97
N ILE A 445 -43.27 30.66 -29.62
CA ILE A 445 -44.59 30.24 -30.07
C ILE A 445 -45.63 31.19 -29.52
N SER A 446 -45.47 31.58 -28.25
CA SER A 446 -46.47 32.40 -27.60
C SER A 446 -46.59 33.77 -28.25
N LYS A 447 -45.46 34.48 -28.40
CA LYS A 447 -45.50 35.82 -28.98
C LYS A 447 -45.90 35.78 -30.45
N HIS A 448 -45.41 34.79 -31.18
CA HIS A 448 -45.71 34.68 -32.59
C HIS A 448 -47.20 34.40 -32.78
N TYR A 449 -47.71 33.49 -31.95
CA TYR A 449 -49.12 33.14 -31.97
C TYR A 449 -49.98 34.31 -31.52
N SER A 450 -49.45 35.20 -30.67
CA SER A 450 -50.27 36.28 -30.11
C SER A 450 -50.83 37.17 -31.22
N GLN A 451 -49.94 37.66 -32.09
CA GLN A 451 -50.42 38.40 -33.24
C GLN A 451 -51.07 37.49 -34.28
N LYS A 452 -50.64 36.22 -34.41
CA LYS A 452 -51.33 35.35 -35.38
C LYS A 452 -52.81 35.16 -35.03
N ALA A 453 -53.08 34.88 -33.75
CA ALA A 453 -54.45 34.75 -33.26
C ALA A 453 -55.18 36.08 -33.30
N ALA A 454 -54.48 37.18 -32.99
CA ALA A 454 -55.11 38.49 -32.99
C ALA A 454 -55.56 38.88 -34.38
N ILE A 455 -54.68 38.73 -35.37
CA ILE A 455 -55.00 39.08 -36.75
C ILE A 455 -56.08 38.15 -37.30
N GLU A 456 -56.00 36.85 -36.99
CA GLU A 456 -57.05 35.91 -37.39
C GLU A 456 -58.39 36.27 -36.75
N HIS A 457 -58.38 36.75 -35.52
CA HIS A 457 -59.61 37.28 -34.92
C HIS A 457 -60.10 38.53 -35.64
N GLU A 458 -59.17 39.40 -36.05
CA GLU A 458 -59.54 40.72 -36.54
C GLU A 458 -60.22 40.68 -37.92
N LEU A 459 -59.61 40.02 -38.89
CA LEU A 459 -60.18 40.20 -40.23
C LEU A 459 -61.34 39.24 -40.53
N PRO A 460 -61.22 37.90 -40.46
CA PRO A 460 -62.41 37.05 -40.67
C PRO A 460 -63.50 37.26 -39.63
N THR A 461 -64.74 37.10 -40.09
CA THR A 461 -65.95 37.22 -39.28
C THR A 461 -66.08 36.15 -38.19
N ALA A 462 -67.23 36.14 -37.50
CA ALA A 462 -67.50 35.28 -36.32
C ALA A 462 -66.48 35.57 -35.22
N THR A 463 -66.37 36.86 -34.90
CA THR A 463 -65.39 37.37 -33.94
C THR A 463 -65.58 36.77 -32.55
N GLN A 464 -66.83 36.59 -32.13
CA GLN A 464 -67.09 36.00 -30.81
C GLN A 464 -66.59 34.56 -30.70
N LYS A 465 -66.77 33.75 -31.75
CA LYS A 465 -66.16 32.41 -31.78
C LYS A 465 -64.64 32.49 -31.84
N LEU A 466 -64.13 33.45 -32.60
CA LEU A 466 -62.68 33.64 -32.72
C LEU A 466 -62.07 34.01 -31.38
N ILE A 467 -62.72 34.91 -30.64
CA ILE A 467 -62.29 35.25 -29.29
C ILE A 467 -62.41 34.04 -28.38
N THR A 468 -63.47 33.24 -28.57
CA THR A 468 -63.71 32.05 -27.76
C THR A 468 -62.57 31.06 -27.88
N THR A 469 -62.09 30.82 -29.09
CA THR A 469 -60.93 29.94 -29.20
C THR A 469 -59.63 30.64 -28.80
N ASN A 470 -59.47 31.92 -29.19
CA ASN A 470 -58.18 32.59 -29.08
C ASN A 470 -57.81 32.88 -27.65
N ASP A 471 -58.77 33.31 -26.83
CA ASP A 471 -58.45 33.72 -25.47
C ASP A 471 -57.90 32.55 -24.67
N CYS A 472 -58.54 31.39 -24.77
CA CYS A 472 -58.06 30.23 -24.04
C CYS A 472 -56.76 29.70 -24.61
N ILE A 473 -56.59 29.68 -25.95
CA ILE A 473 -55.32 29.16 -26.46
C ILE A 473 -54.17 30.09 -26.08
N LEU A 474 -54.38 31.41 -26.16
CA LEU A 474 -53.33 32.37 -25.86
C LEU A 474 -52.94 32.32 -24.38
N SER A 475 -53.93 32.33 -23.49
CA SER A 475 -53.66 32.29 -22.07
C SER A 475 -53.00 30.97 -21.67
N SER A 476 -53.48 29.86 -22.21
CA SER A 476 -52.90 28.56 -21.90
C SER A 476 -51.47 28.43 -22.39
N VAL A 477 -51.16 28.95 -23.58
CA VAL A 477 -49.77 28.94 -24.04
C VAL A 477 -48.90 29.82 -23.15
N VAL A 478 -49.43 30.95 -22.68
CA VAL A 478 -48.70 31.75 -21.69
C VAL A 478 -48.48 30.97 -20.39
N ALA A 479 -49.48 30.20 -19.97
CA ALA A 479 -49.32 29.31 -18.83
C ALA A 479 -48.27 28.23 -19.09
N LEU A 480 -48.19 27.73 -20.32
CA LEU A 480 -47.11 26.80 -20.65
C LEU A 480 -45.75 27.47 -20.58
N THR A 481 -45.65 28.72 -21.04
CA THR A 481 -44.38 29.44 -20.92
C THR A 481 -43.99 29.61 -19.46
N ASN A 482 -44.98 29.88 -18.61
CA ASN A 482 -44.75 29.86 -17.17
C ASN A 482 -44.31 28.48 -16.69
N GLY A 483 -44.95 27.43 -17.19
CA GLY A 483 -44.59 26.07 -16.79
C GLY A 483 -43.19 25.68 -17.22
N ALA A 484 -42.83 26.01 -18.46
CA ALA A 484 -41.49 25.80 -18.98
C ALA A 484 -40.46 26.61 -18.20
N GLY A 485 -40.81 27.83 -17.82
CA GLY A 485 -39.93 28.62 -16.98
C GLY A 485 -39.70 27.99 -15.62
N LYS A 486 -40.76 27.44 -15.02
CA LYS A 486 -40.62 26.73 -13.76
C LYS A 486 -39.71 25.52 -13.91
N ILE A 487 -39.89 24.75 -14.99
CA ILE A 487 -39.04 23.59 -15.25
C ILE A 487 -37.60 24.02 -15.45
N ALA A 488 -37.38 25.11 -16.18
CA ALA A 488 -36.03 25.60 -16.44
C ALA A 488 -35.34 26.05 -15.17
N SER A 489 -36.04 26.84 -14.35
CA SER A 489 -35.48 27.33 -13.09
C SER A 489 -35.19 26.16 -12.17
N PHE A 490 -36.11 25.21 -12.13
CA PHE A 490 -36.01 24.02 -11.33
C PHE A 490 -34.82 23.17 -11.71
N PHE A 491 -34.63 22.98 -13.01
CA PHE A 491 -33.55 22.15 -13.47
C PHE A 491 -32.22 22.83 -13.21
N SER A 492 -32.18 24.16 -13.37
CA SER A 492 -30.94 24.90 -13.15
C SER A 492 -30.50 24.81 -11.69
N ASN A 493 -31.45 24.96 -10.75
CA ASN A 493 -31.06 24.85 -9.34
C ASN A 493 -30.64 23.43 -8.99
N ASN A 494 -31.32 22.42 -9.53
CA ASN A 494 -31.06 21.05 -9.07
C ASN A 494 -30.11 20.28 -9.96
N LEU A 495 -29.56 20.94 -10.98
CA LEU A 495 -28.68 20.27 -11.93
C LEU A 495 -27.39 19.77 -11.28
N ASP A 496 -26.79 20.61 -10.43
CA ASP A 496 -25.55 20.22 -9.77
C ASP A 496 -25.82 19.08 -8.80
N TYR A 497 -26.99 19.12 -8.14
CA TYR A 497 -27.31 18.11 -7.15
C TYR A 497 -27.45 16.77 -7.83
N PHE A 498 -28.10 16.74 -9.00
CA PHE A 498 -28.25 15.48 -9.72
C PHE A 498 -26.91 14.93 -10.21
N ILE A 499 -26.03 15.79 -10.74
CA ILE A 499 -24.71 15.30 -11.17
C ILE A 499 -23.91 14.76 -10.01
N ALA A 500 -23.92 15.47 -8.87
CA ALA A 500 -23.27 14.96 -7.67
C ALA A 500 -23.94 13.70 -7.15
N SER A 501 -25.26 13.63 -7.26
CA SER A 501 -26.02 12.47 -6.81
C SER A 501 -25.72 11.22 -7.62
N LEU A 502 -25.58 11.35 -8.94
CA LEU A 502 -25.35 10.19 -9.79
C LEU A 502 -24.03 9.51 -9.47
N SER A 503 -22.98 10.29 -9.23
CA SER A 503 -21.65 9.75 -8.98
C SER A 503 -21.32 9.92 -7.50
N TYR A 504 -21.33 8.82 -6.76
CA TYR A 504 -20.95 8.86 -5.36
C TYR A 504 -19.45 9.13 -5.21
N GLY A 505 -18.63 8.46 -6.01
CA GLY A 505 -17.20 8.64 -5.97
C GLY A 505 -16.56 8.18 -7.27
N PRO A 506 -15.30 8.55 -7.49
CA PRO A 506 -14.60 8.16 -8.71
C PRO A 506 -14.42 6.65 -8.79
N LYS A 507 -14.89 6.08 -9.91
CA LYS A 507 -14.92 4.66 -10.29
C LYS A 507 -15.98 3.89 -9.49
N ALA A 508 -16.60 4.55 -8.51
CA ALA A 508 -17.65 4.00 -7.67
C ALA A 508 -19.04 4.29 -8.21
N ALA A 509 -19.16 5.15 -9.22
CA ALA A 509 -20.45 5.36 -9.86
C ALA A 509 -20.89 4.11 -10.63
N SER A 510 -19.97 3.46 -11.36
CA SER A 510 -20.32 2.29 -12.17
C SER A 510 -20.78 1.12 -11.31
N GLY A 511 -20.14 0.92 -10.15
CA GLY A 511 -20.59 -0.11 -9.23
C GLY A 511 -22.00 0.15 -8.76
N PHE A 512 -22.33 1.42 -8.53
CA PHE A 512 -23.69 1.82 -8.22
C PHE A 512 -24.64 1.52 -9.37
N ILE A 513 -24.16 1.67 -10.63
CA ILE A 513 -25.04 1.46 -11.78
C ILE A 513 -25.03 0.01 -12.26
N SER A 514 -24.34 -0.89 -11.55
CA SER A 514 -24.26 -2.30 -11.94
C SER A 514 -25.64 -2.94 -11.97
N PRO A 515 -25.98 -3.65 -13.04
CA PRO A 515 -27.36 -4.09 -13.24
C PRO A 515 -27.78 -5.17 -12.27
N LEU A 516 -28.97 -4.99 -11.71
CA LEU A 516 -29.69 -5.98 -10.89
C LEU A 516 -28.83 -6.56 -9.78
N SER A 517 -27.98 -5.71 -9.23
CA SER A 517 -27.25 -5.93 -7.99
C SER A 517 -27.79 -5.01 -6.93
N ALA A 518 -28.08 -3.79 -7.38
CA ALA A 518 -28.72 -2.80 -6.53
C ALA A 518 -30.08 -3.26 -6.06
N GLU A 519 -30.83 -3.95 -6.93
CA GLU A 519 -32.09 -4.53 -6.48
C GLU A 519 -31.86 -5.58 -5.40
N CYS A 520 -30.83 -6.42 -5.57
CA CYS A 520 -30.42 -7.34 -4.52
C CYS A 520 -29.97 -6.57 -3.29
N MET A 521 -29.39 -5.40 -3.50
CA MET A 521 -28.89 -4.61 -2.38
C MET A 521 -30.06 -3.98 -1.63
N LEU A 522 -31.10 -3.57 -2.33
CA LEU A 522 -32.30 -3.09 -1.66
C LEU A 522 -32.96 -4.18 -0.86
N GLN A 523 -32.99 -5.40 -1.40
CA GLN A 523 -33.53 -6.52 -0.64
C GLN A 523 -32.69 -6.78 0.61
N TYR A 524 -31.37 -6.63 0.48
CA TYR A 524 -30.48 -6.82 1.62
C TYR A 524 -30.72 -5.75 2.68
N LYS A 525 -30.81 -4.50 2.26
CA LYS A 525 -30.93 -3.40 3.20
C LYS A 525 -32.23 -3.48 3.96
N LYS A 526 -33.31 -3.84 3.26
CA LYS A 526 -34.58 -4.04 3.96
C LYS A 526 -34.49 -5.23 4.91
N LYS A 527 -33.75 -6.28 4.53
CA LYS A 527 -33.60 -7.45 5.39
C LYS A 527 -32.89 -7.11 6.69
N ALA A 528 -31.79 -6.39 6.62
CA ALA A 528 -31.07 -6.00 7.83
C ALA A 528 -31.84 -5.02 8.69
N ALA A 529 -32.54 -4.09 8.06
CA ALA A 529 -33.41 -3.22 8.83
C ALA A 529 -34.46 -4.02 9.56
N ALA A 530 -35.02 -5.02 8.88
CA ALA A 530 -35.95 -5.95 9.51
C ALA A 530 -35.27 -6.74 10.60
N TYR A 531 -33.98 -7.02 10.43
CA TYR A 531 -33.24 -7.78 11.42
C TYR A 531 -33.20 -7.06 12.75
N MET A 532 -32.74 -5.81 12.77
CA MET A 532 -32.68 -5.18 14.08
C MET A 532 -34.04 -4.78 14.61
N LYS A 533 -35.00 -4.41 13.74
CA LYS A 533 -36.36 -4.18 14.26
C LYS A 533 -36.94 -5.43 14.90
N SER A 534 -36.63 -6.61 14.38
CA SER A 534 -36.95 -7.84 15.08
C SER A 534 -36.15 -7.99 16.35
N LEU A 535 -34.88 -7.61 16.28
CA LEU A 535 -33.95 -7.84 17.38
C LEU A 535 -34.26 -7.04 18.62
N ARG A 536 -34.81 -5.82 18.48
CA ARG A 536 -35.04 -4.94 19.62
C ARG A 536 -35.97 -5.59 20.65
N LYS A 537 -35.55 -5.52 21.90
CA LYS A 537 -36.22 -6.06 23.08
C LYS A 537 -36.43 -4.95 24.11
N PRO A 538 -37.52 -5.00 24.87
CA PRO A 538 -37.77 -3.96 25.86
C PRO A 538 -36.78 -4.02 27.01
N LEU A 539 -36.66 -2.88 27.69
CA LEU A 539 -35.69 -2.66 28.77
C LEU A 539 -36.08 -3.48 30.00
N LEU A 540 -35.67 -4.74 29.99
CA LEU A 540 -35.83 -5.60 31.16
C LEU A 540 -34.65 -5.34 32.11
N GLU A 541 -34.75 -4.18 32.78
CA GLU A 541 -33.68 -3.63 33.62
C GLU A 541 -33.26 -4.59 34.71
N SER A 542 -31.95 -4.87 34.78
CA SER A 542 -31.41 -5.78 35.80
C SER A 542 -29.95 -5.45 36.11
N VAL A 543 -29.72 -4.49 37.02
CA VAL A 543 -28.34 -4.19 37.42
C VAL A 543 -28.12 -4.38 38.94
N PRO A 544 -28.57 -5.47 39.56
CA PRO A 544 -28.52 -5.43 41.03
C PRO A 544 -27.23 -5.98 41.59
N TYR A 545 -26.16 -6.15 40.79
CA TYR A 545 -25.04 -6.99 41.20
C TYR A 545 -24.33 -6.50 42.46
N GLU A 546 -24.08 -5.20 42.55
CA GLU A 546 -23.29 -4.64 43.65
C GLU A 546 -23.95 -4.86 44.99
N GLU A 547 -25.27 -4.65 45.08
CA GLU A 547 -25.97 -5.07 46.27
C GLU A 547 -26.16 -6.59 46.31
N ALA A 548 -26.34 -7.24 45.14
CA ALA A 548 -26.65 -8.68 45.08
C ALA A 548 -25.53 -9.55 45.64
N LEU A 549 -24.28 -9.14 45.47
CA LEU A 549 -23.14 -9.91 45.96
C LEU A 549 -23.24 -10.10 47.46
N ALA A 550 -23.60 -9.04 48.19
CA ALA A 550 -23.93 -9.18 49.60
C ALA A 550 -25.24 -9.93 49.80
N ASN A 551 -26.25 -9.64 48.97
CA ASN A 551 -27.61 -10.16 49.17
C ASN A 551 -27.67 -11.69 49.12
N ARG A 552 -26.97 -12.29 48.16
CA ARG A 552 -26.96 -13.72 48.00
C ARG A 552 -26.37 -14.40 49.23
N ARG A 553 -25.24 -13.88 49.69
CA ARG A 553 -24.56 -14.49 50.81
C ARG A 553 -25.35 -14.31 52.10
N ILE A 554 -25.88 -13.10 52.35
CA ILE A 554 -26.62 -12.84 53.58
C ILE A 554 -27.92 -13.62 53.63
N LEU A 555 -28.56 -13.83 52.47
CA LEU A 555 -29.83 -14.57 52.44
C LEU A 555 -29.65 -15.99 52.95
N LEU A 556 -28.55 -16.63 52.57
CA LEU A 556 -28.26 -17.97 53.06
C LEU A 556 -27.77 -17.85 54.50
N HIS B 5 16.88 30.68 47.83
CA HIS B 5 17.38 31.29 46.61
C HIS B 5 16.45 31.00 45.43
N HIS B 6 17.02 30.59 44.30
CA HIS B 6 16.22 30.23 43.13
C HIS B 6 15.37 29.01 43.45
N HIS B 7 14.10 29.10 43.13
CA HIS B 7 13.18 28.03 43.47
C HIS B 7 12.17 27.88 42.35
N HIS B 8 11.67 26.66 42.17
CA HIS B 8 10.66 26.38 41.17
C HIS B 8 9.43 25.81 41.86
N LYS B 9 8.27 26.38 41.59
CA LYS B 9 7.08 26.14 42.39
C LYS B 9 6.25 25.03 41.75
N GLY B 10 5.98 23.95 42.50
CA GLY B 10 5.18 22.83 41.98
C GLY B 10 3.99 22.38 42.79
N LEU B 11 2.82 22.36 42.17
CA LEU B 11 1.59 21.92 42.82
C LEU B 11 1.58 20.42 43.09
N TYR B 12 1.09 20.03 44.26
CA TYR B 12 1.10 18.62 44.65
C TYR B 12 -0.27 18.15 45.16
N PHE B 13 -0.77 17.07 44.54
CA PHE B 13 -1.98 16.36 44.96
C PHE B 13 -1.75 15.66 46.29
N GLN B 14 -2.71 15.76 47.20
CA GLN B 14 -2.63 15.00 48.44
C GLN B 14 -3.64 13.86 48.41
N GLN B 15 -3.18 12.67 48.76
CA GLN B 15 -4.03 11.47 48.83
C GLN B 15 -4.77 11.40 50.16
N SER B 16 -6.07 11.69 50.15
CA SER B 16 -6.88 11.50 51.34
C SER B 16 -8.27 11.04 50.93
N SER B 17 -8.90 10.29 51.85
CA SER B 17 -10.22 9.67 51.78
C SER B 17 -10.64 9.15 50.40
N THR B 18 -9.71 8.48 49.74
CA THR B 18 -9.83 7.78 48.46
C THR B 18 -10.15 8.60 47.21
N ASP B 19 -10.63 9.84 47.33
CA ASP B 19 -10.93 10.73 46.19
C ASP B 19 -11.52 12.05 46.66
N GLU B 20 -11.54 13.02 45.74
CA GLU B 20 -12.26 14.29 45.76
C GLU B 20 -11.74 15.27 46.83
N GLU B 21 -10.62 14.97 47.48
CA GLU B 21 -10.12 15.82 48.55
C GLU B 21 -8.77 16.49 48.22
N ILE B 22 -8.40 16.57 46.94
CA ILE B 22 -7.17 17.25 46.55
C ILE B 22 -7.18 18.71 46.97
N THR B 23 -6.05 19.18 47.51
CA THR B 23 -5.75 20.55 47.91
C THR B 23 -4.29 20.52 48.32
N PHE B 24 -3.60 21.64 48.08
CA PHE B 24 -2.38 22.20 48.69
C PHE B 24 -1.86 23.31 47.81
N VAL B 25 -1.06 24.21 48.38
CA VAL B 25 -0.42 25.22 47.58
C VAL B 25 0.81 24.61 46.93
N PHE B 26 1.31 25.26 45.91
CA PHE B 26 2.52 24.76 45.29
C PHE B 26 3.70 24.91 46.22
N GLN B 27 4.51 23.86 46.28
CA GLN B 27 5.68 23.74 47.13
C GLN B 27 6.94 23.91 46.31
N GLU B 28 7.95 24.47 46.95
CA GLU B 28 9.22 24.76 46.30
C GLU B 28 9.96 23.51 45.85
N LYS B 29 10.74 23.70 44.79
CA LYS B 29 11.80 22.81 44.36
C LYS B 29 13.07 23.63 44.42
N GLU B 30 14.07 23.13 45.13
CA GLU B 30 15.30 23.87 45.36
C GLU B 30 16.47 23.14 44.73
N ASP B 31 17.22 23.85 43.88
CA ASP B 31 18.47 23.39 43.27
C ASP B 31 18.33 22.06 42.54
N LEU B 32 17.23 21.91 41.82
CA LEU B 32 17.00 20.66 41.11
C LEU B 32 17.99 20.52 39.96
N PRO B 33 18.74 19.44 39.91
CA PRO B 33 19.66 19.25 38.78
C PRO B 33 19.05 18.35 37.74
N VAL B 34 19.75 18.14 36.63
CA VAL B 34 19.23 17.19 35.65
C VAL B 34 19.92 15.84 35.90
N THR B 35 19.59 15.20 37.01
CA THR B 35 20.14 13.87 37.17
C THR B 35 19.24 12.86 36.50
N GLU B 36 19.88 11.76 36.06
CA GLU B 36 19.44 10.42 35.64
C GLU B 36 19.99 10.40 34.21
N ASP B 37 19.92 9.32 33.44
CA ASP B 37 20.61 9.37 32.16
C ASP B 37 19.70 9.24 30.93
N ASN B 38 18.39 9.28 31.11
CA ASN B 38 17.45 9.27 29.99
C ASN B 38 16.35 10.29 30.22
N PHE B 39 16.53 11.14 31.21
CA PHE B 39 15.58 12.15 31.60
C PHE B 39 16.16 13.51 31.23
N VAL B 40 15.41 14.29 30.47
CA VAL B 40 15.86 15.58 29.97
C VAL B 40 15.15 16.70 30.72
N LYS B 41 15.85 17.81 30.83
CA LYS B 41 15.34 19.00 31.47
C LYS B 41 14.84 19.96 30.40
N LEU B 42 13.59 20.39 30.58
CA LEU B 42 12.83 21.28 29.72
C LEU B 42 12.60 22.62 30.39
N GLN B 43 12.68 23.68 29.61
CA GLN B 43 12.02 24.92 30.00
C GLN B 43 10.57 24.76 29.57
N VAL B 44 9.69 24.54 30.54
CA VAL B 44 8.29 24.31 30.26
C VAL B 44 7.66 25.62 29.81
N LYS B 45 7.00 25.60 28.67
CA LYS B 45 6.26 26.76 28.22
C LYS B 45 4.76 26.69 28.48
N ALA B 46 4.19 25.48 28.53
CA ALA B 46 2.75 25.38 28.68
C ALA B 46 2.40 24.05 29.33
N CYS B 47 1.38 24.10 30.18
CA CYS B 47 0.92 22.95 30.95
C CYS B 47 -0.59 22.91 30.86
N ALA B 48 -1.14 21.83 30.36
CA ALA B 48 -2.58 21.75 30.30
C ALA B 48 -3.08 21.06 31.54
N LEU B 49 -4.29 21.40 31.93
CA LEU B 49 -4.90 20.82 33.11
C LEU B 49 -5.92 19.77 32.69
N SER B 50 -5.97 18.68 33.44
CA SER B 50 -6.96 17.64 33.26
C SER B 50 -7.44 17.20 34.63
N GLN B 51 -8.71 16.80 34.70
CA GLN B 51 -9.22 16.19 35.92
C GLN B 51 -8.39 14.98 36.26
N ILE B 52 -7.98 14.88 37.51
CA ILE B 52 -7.09 13.81 37.91
C ILE B 52 -7.95 12.57 38.12
N ASN B 53 -7.63 11.49 37.44
CA ASN B 53 -8.33 10.24 37.72
C ASN B 53 -7.71 9.67 38.98
N THR B 54 -8.23 10.12 40.12
CA THR B 54 -7.66 9.80 41.42
C THR B 54 -7.84 8.34 41.78
N LYS B 55 -9.00 7.79 41.45
CA LYS B 55 -9.29 6.38 41.74
C LYS B 55 -8.27 5.48 41.06
N LEU B 56 -7.89 5.84 39.85
CA LEU B 56 -6.83 5.13 39.17
C LEU B 56 -5.49 5.27 39.88
N LEU B 57 -5.22 6.43 40.48
CA LEU B 57 -4.01 6.55 41.29
C LEU B 57 -4.05 5.66 42.52
N ALA B 58 -5.23 5.55 43.13
CA ALA B 58 -5.40 4.77 44.36
C ALA B 58 -5.23 3.28 44.09
N GLU B 59 -5.90 2.75 43.08
CA GLU B 59 -5.69 1.35 42.73
C GLU B 59 -4.33 1.12 42.08
N MET B 60 -3.76 2.14 41.45
CA MET B 60 -2.39 2.06 40.95
C MET B 60 -1.39 1.97 42.12
N LYS B 61 -1.75 2.60 43.25
CA LYS B 61 -1.15 2.33 44.57
C LYS B 61 0.27 2.86 44.78
N MET B 62 0.64 4.02 44.25
CA MET B 62 1.95 4.45 44.74
C MET B 62 1.72 5.24 46.02
N LYS B 63 2.75 5.25 46.88
CA LYS B 63 2.57 5.51 48.31
C LYS B 63 2.95 6.93 48.69
N LYS B 64 2.80 7.87 47.78
CA LYS B 64 3.28 9.21 48.06
C LYS B 64 2.24 9.96 48.85
N ASP B 65 2.71 10.91 49.65
CA ASP B 65 1.78 11.83 50.27
C ASP B 65 1.44 12.96 49.33
N LEU B 66 2.41 13.37 48.53
CA LEU B 66 2.24 14.37 47.50
C LEU B 66 2.48 13.74 46.14
N PHE B 67 1.58 13.96 45.25
CA PHE B 67 1.63 13.49 43.89
C PHE B 67 1.85 14.69 42.97
N PRO B 68 2.70 14.55 41.97
CA PRO B 68 2.94 15.67 41.05
C PRO B 68 1.72 16.02 40.22
N VAL B 69 1.56 17.31 39.95
CA VAL B 69 0.40 17.84 39.25
C VAL B 69 0.84 18.41 37.91
N GLY B 70 0.01 18.23 36.89
CA GLY B 70 0.31 18.73 35.58
C GLY B 70 1.03 17.66 34.80
N ARG B 71 0.48 17.27 33.65
CA ARG B 71 1.12 16.22 32.86
C ARG B 71 1.20 16.52 31.37
N GLU B 72 0.48 17.49 30.85
CA GLU B 72 0.41 17.75 29.42
C GLU B 72 1.28 18.96 29.13
N ILE B 73 2.50 18.73 28.67
CA ILE B 73 3.49 19.78 28.71
C ILE B 73 3.98 20.09 27.31
N ALA B 74 4.31 21.35 27.07
CA ALA B 74 5.07 21.77 25.91
C ALA B 74 6.20 22.68 26.38
N GLY B 75 7.38 22.50 25.80
CA GLY B 75 8.47 23.35 26.20
C GLY B 75 9.69 23.18 25.32
N ILE B 76 10.79 23.77 25.79
CA ILE B 76 12.04 23.83 25.05
C ILE B 76 13.08 23.05 25.83
N VAL B 77 13.87 22.24 25.13
CA VAL B 77 14.83 21.36 25.77
C VAL B 77 16.00 22.15 26.31
N LEU B 78 16.16 22.17 27.63
CA LEU B 78 17.31 22.87 28.17
C LEU B 78 18.56 22.01 28.08
N ASP B 79 18.51 20.79 28.61
CA ASP B 79 19.69 19.92 28.51
C ASP B 79 19.27 18.46 28.66
N VAL B 80 20.17 17.57 28.24
CA VAL B 80 19.90 16.15 28.14
C VAL B 80 20.91 15.32 28.93
N GLY B 81 20.49 14.14 29.33
CA GLY B 81 21.42 13.20 29.92
C GLY B 81 22.29 12.58 28.85
N SER B 82 23.32 11.84 29.29
CA SER B 82 24.35 11.34 28.38
C SER B 82 23.84 10.29 27.41
N LYS B 83 22.80 9.53 27.77
CA LYS B 83 22.34 8.44 26.93
C LYS B 83 21.25 8.88 25.98
N VAL B 84 20.87 10.16 26.05
CA VAL B 84 19.83 10.69 25.21
C VAL B 84 20.26 10.62 23.75
N SER B 85 19.36 10.14 22.89
CA SER B 85 19.71 10.00 21.49
C SER B 85 18.86 10.84 20.56
N PHE B 86 17.56 10.97 20.82
CA PHE B 86 16.68 11.65 19.89
C PHE B 86 16.62 13.15 20.09
N PHE B 87 17.30 13.69 21.11
CA PHE B 87 17.03 15.07 21.46
C PHE B 87 18.30 15.82 21.80
N GLN B 88 18.34 17.09 21.41
CA GLN B 88 19.42 18.01 21.68
C GLN B 88 18.88 19.23 22.41
N PRO B 89 19.73 19.95 23.15
CA PRO B 89 19.30 21.19 23.77
C PRO B 89 18.83 22.21 22.76
N ASP B 90 17.94 23.10 23.24
CA ASP B 90 17.21 24.16 22.54
C ASP B 90 16.09 23.61 21.66
N ASP B 91 15.99 22.29 21.53
CA ASP B 91 14.91 21.70 20.76
C ASP B 91 13.56 21.97 21.42
N GLU B 92 12.52 21.93 20.60
CA GLU B 92 11.18 22.30 21.01
C GLU B 92 10.29 21.07 20.97
N VAL B 93 9.88 20.57 22.13
CA VAL B 93 9.14 19.33 22.19
C VAL B 93 7.89 19.52 23.03
N VAL B 94 7.00 18.54 22.93
CA VAL B 94 5.69 18.52 23.56
C VAL B 94 5.45 17.07 23.96
N GLY B 95 4.65 16.86 24.98
CA GLY B 95 4.50 15.50 25.45
C GLY B 95 3.62 15.39 26.66
N ILE B 96 3.40 14.15 27.06
CA ILE B 96 2.62 13.83 28.23
C ILE B 96 3.59 13.39 29.31
N LEU B 97 3.52 14.03 30.47
CA LEU B 97 4.24 13.46 31.60
C LEU B 97 3.59 12.14 32.00
N PRO B 98 4.38 11.18 32.45
CA PRO B 98 3.80 9.92 32.90
C PRO B 98 2.96 10.12 34.14
N LEU B 99 2.11 9.14 34.41
CA LEU B 99 1.24 9.22 35.57
C LEU B 99 2.05 9.13 36.86
N ASP B 100 3.12 8.35 36.84
CA ASP B 100 4.00 8.21 38.00
C ASP B 100 5.23 9.11 37.87
N SER B 101 5.06 10.32 37.33
CA SER B 101 6.15 11.27 37.19
C SER B 101 6.78 11.63 38.51
N GLU B 102 8.09 11.82 38.48
CA GLU B 102 8.74 12.36 39.66
C GLU B 102 8.43 13.83 39.80
N ASP B 103 8.35 14.56 38.68
CA ASP B 103 8.24 16.01 38.77
C ASP B 103 6.89 16.52 38.25
N PRO B 104 6.36 17.58 38.87
CA PRO B 104 5.06 18.10 38.42
C PRO B 104 5.17 18.84 37.09
N GLY B 105 4.04 18.88 36.40
CA GLY B 105 3.96 19.68 35.20
C GLY B 105 3.71 21.14 35.49
N LEU B 106 3.06 21.43 36.62
CA LEU B 106 2.92 22.80 37.09
C LEU B 106 4.25 23.25 37.68
N CYS B 107 5.19 23.55 36.80
CA CYS B 107 6.53 24.07 37.12
C CYS B 107 7.18 24.47 35.81
N GLU B 108 8.08 25.46 35.88
CA GLU B 108 8.62 26.06 34.68
C GLU B 108 9.75 25.26 34.05
N VAL B 109 10.32 24.29 34.77
CA VAL B 109 11.31 23.36 34.23
C VAL B 109 10.85 21.96 34.58
N VAL B 110 11.24 20.98 33.77
CA VAL B 110 10.82 19.62 34.10
C VAL B 110 11.88 18.62 33.65
N ARG B 111 12.06 17.62 34.48
CA ARG B 111 12.81 16.42 34.17
C ARG B 111 11.83 15.34 33.76
N VAL B 112 12.02 14.81 32.56
CA VAL B 112 11.07 13.86 32.01
C VAL B 112 11.80 12.88 31.10
N HIS B 113 11.32 11.63 31.09
CA HIS B 113 11.86 10.61 30.23
C HIS B 113 11.73 11.05 28.78
N GLU B 114 12.73 10.73 27.98
CA GLU B 114 12.81 11.32 26.66
C GLU B 114 11.77 10.76 25.71
N HIS B 115 11.29 9.55 25.93
CA HIS B 115 10.35 8.92 25.02
C HIS B 115 8.91 9.26 25.37
N TYR B 116 8.72 10.25 26.21
CA TYR B 116 7.42 10.84 26.37
C TYR B 116 7.32 12.10 25.56
N LEU B 117 8.34 12.45 24.81
CA LEU B 117 8.34 13.73 24.12
C LEU B 117 8.32 13.53 22.61
N VAL B 118 7.81 14.54 21.90
CA VAL B 118 7.87 14.61 20.45
C VAL B 118 8.11 16.06 20.06
N HIS B 119 8.76 16.25 18.92
CA HIS B 119 9.08 17.60 18.47
C HIS B 119 7.84 18.37 18.08
N LYS B 120 7.88 19.65 18.32
CA LYS B 120 6.73 20.46 17.95
C LYS B 120 6.89 20.90 16.51
N PRO B 121 5.89 20.67 15.68
CA PRO B 121 5.90 21.24 14.34
C PRO B 121 5.82 22.75 14.40
N GLU B 122 6.55 23.41 13.51
CA GLU B 122 6.75 24.85 13.53
C GLU B 122 5.47 25.67 13.41
N LYS B 123 4.40 25.13 12.87
CA LYS B 123 3.24 25.98 12.63
C LYS B 123 2.39 26.19 13.88
N VAL B 124 2.46 25.29 14.85
CA VAL B 124 1.56 25.34 16.01
C VAL B 124 2.22 26.04 17.19
N THR B 125 1.44 26.88 17.87
CA THR B 125 1.95 27.52 19.07
C THR B 125 2.02 26.55 20.23
N TRP B 126 2.65 27.03 21.29
CA TRP B 126 2.84 26.26 22.52
C TRP B 126 1.51 25.90 23.18
N THR B 127 0.64 26.89 23.37
CA THR B 127 -0.52 26.67 24.21
C THR B 127 -1.55 25.80 23.54
N GLU B 128 -1.71 25.91 22.22
CA GLU B 128 -2.66 25.06 21.51
C GLU B 128 -2.19 23.63 21.51
N ALA B 129 -0.91 23.44 21.22
CA ALA B 129 -0.36 22.09 21.13
C ALA B 129 -0.48 21.41 22.47
N ALA B 130 -0.01 22.08 23.51
CA ALA B 130 -0.06 21.53 24.84
C ALA B 130 -1.48 21.31 25.31
N GLY B 131 -2.41 22.12 24.83
CA GLY B 131 -3.74 21.80 25.24
C GLY B 131 -4.37 20.73 24.40
N SER B 132 -3.67 20.27 23.37
CA SER B 132 -4.26 19.30 22.49
C SER B 132 -3.72 17.91 22.71
N ILE B 133 -2.59 17.78 23.39
CA ILE B 133 -1.88 16.50 23.44
C ILE B 133 -2.73 15.40 24.04
N ARG B 134 -3.47 15.70 25.09
CA ARG B 134 -4.03 14.59 25.85
C ARG B 134 -5.31 14.13 25.21
N ASP B 135 -6.16 15.07 24.85
CA ASP B 135 -7.37 14.70 24.15
C ASP B 135 -7.07 14.22 22.74
N GLY B 136 -6.01 14.71 22.12
CA GLY B 136 -5.60 14.16 20.84
C GLY B 136 -5.22 12.70 20.94
N VAL B 137 -4.53 12.32 22.01
CA VAL B 137 -4.09 10.94 22.06
C VAL B 137 -5.23 10.02 22.48
N ARG B 138 -6.04 10.38 23.48
CA ARG B 138 -7.12 9.49 23.89
C ARG B 138 -8.15 9.36 22.77
N ALA B 139 -8.40 10.44 22.04
CA ALA B 139 -9.26 10.35 20.88
C ALA B 139 -8.66 9.47 19.80
N TYR B 140 -7.37 9.64 19.52
CA TYR B 140 -6.72 8.87 18.47
C TYR B 140 -6.66 7.40 18.86
N THR B 141 -6.52 7.16 20.16
CA THR B 141 -6.68 5.84 20.73
C THR B 141 -8.06 5.28 20.48
N ALA B 142 -9.07 6.10 20.71
CA ALA B 142 -10.44 5.64 20.60
C ALA B 142 -10.78 5.30 19.16
N LEU B 143 -10.35 6.13 18.24
CA LEU B 143 -10.73 5.96 16.86
C LEU B 143 -9.74 5.20 16.01
N HIS B 144 -8.60 4.77 16.53
CA HIS B 144 -7.75 4.02 15.64
C HIS B 144 -7.21 2.72 16.17
N TYR B 145 -7.34 2.43 17.44
CA TYR B 145 -6.89 1.13 17.92
C TYR B 145 -8.03 0.30 18.45
N LEU B 146 -8.78 0.86 19.38
CA LEU B 146 -9.92 0.17 19.94
C LEU B 146 -11.02 0.00 18.91
N SER B 147 -11.30 1.04 18.14
CA SER B 147 -12.29 1.02 17.09
C SER B 147 -11.60 1.34 15.79
N HIS B 148 -11.98 0.68 14.73
CA HIS B 148 -11.21 0.79 13.50
C HIS B 148 -12.02 1.57 12.49
N LEU B 149 -11.57 2.77 12.18
CA LEU B 149 -12.28 3.60 11.23
C LEU B 149 -11.94 3.23 9.81
N SER B 150 -12.78 3.73 8.92
CA SER B 150 -12.70 3.72 7.47
C SER B 150 -13.85 4.59 7.05
N PRO B 151 -13.73 5.38 6.00
CA PRO B 151 -14.86 6.15 5.50
C PRO B 151 -16.04 5.25 5.13
N GLY B 152 -17.23 5.72 5.47
CA GLY B 152 -18.46 5.01 5.23
C GLY B 152 -19.08 4.45 6.50
N LYS B 153 -18.27 4.20 7.50
CA LYS B 153 -18.80 3.75 8.77
C LYS B 153 -19.46 4.91 9.48
N SER B 154 -20.47 4.61 10.28
CA SER B 154 -21.20 5.62 11.02
C SER B 154 -20.67 5.68 12.44
N VAL B 155 -20.39 6.88 12.90
CA VAL B 155 -19.80 7.09 14.21
C VAL B 155 -20.71 7.96 15.04
N LEU B 156 -21.00 7.51 16.24
CA LEU B 156 -21.72 8.26 17.24
C LEU B 156 -20.74 8.74 18.27
N ILE B 157 -20.66 10.05 18.45
CA ILE B 157 -19.81 10.65 19.46
C ILE B 157 -20.72 11.20 20.52
N MET B 158 -20.81 10.53 21.65
CA MET B 158 -21.73 11.02 22.66
C MET B 158 -21.03 12.02 23.56
N ASP B 159 -21.74 13.10 23.88
CA ASP B 159 -21.19 14.34 24.40
C ASP B 159 -19.97 14.78 23.59
N GLY B 160 -20.21 14.99 22.31
CA GLY B 160 -19.18 15.50 21.42
C GLY B 160 -18.90 16.96 21.57
N ALA B 161 -19.78 17.67 22.27
CA ALA B 161 -19.59 19.10 22.45
C ALA B 161 -18.50 19.44 23.43
N SER B 162 -18.08 18.49 24.27
CA SER B 162 -17.06 18.76 25.26
C SER B 162 -15.70 18.93 24.60
N ALA B 163 -14.70 19.25 25.42
CA ALA B 163 -13.35 19.50 24.96
C ALA B 163 -12.77 18.30 24.22
N PHE B 164 -13.05 17.11 24.70
CA PHE B 164 -12.56 15.90 24.05
C PHE B 164 -13.28 15.66 22.75
N GLY B 165 -14.59 15.88 22.76
CA GLY B 165 -15.43 15.57 21.62
C GLY B 165 -15.05 16.31 20.35
N THR B 166 -14.56 17.55 20.47
CA THR B 166 -14.18 18.29 19.28
C THR B 166 -13.04 17.61 18.55
N ILE B 167 -12.11 17.05 19.30
CA ILE B 167 -11.04 16.33 18.66
C ILE B 167 -11.54 15.01 18.14
N ALA B 168 -12.49 14.39 18.83
CA ALA B 168 -13.01 13.11 18.34
C ALA B 168 -13.77 13.29 17.02
N ILE B 169 -14.60 14.33 16.95
CA ILE B 169 -15.36 14.62 15.75
C ILE B 169 -14.45 14.97 14.60
N GLN B 170 -13.51 15.89 14.83
CA GLN B 170 -12.60 16.30 13.77
C GLN B 170 -11.72 15.15 13.29
N LEU B 171 -11.34 14.24 14.19
CA LEU B 171 -10.64 13.06 13.73
C LEU B 171 -11.55 12.21 12.86
N ALA B 172 -12.82 12.11 13.23
CA ALA B 172 -13.72 11.24 12.48
C ALA B 172 -14.00 11.79 11.08
N HIS B 173 -14.23 13.10 10.99
CA HIS B 173 -14.38 13.77 9.70
C HIS B 173 -13.12 13.67 8.87
N HIS B 174 -11.97 13.76 9.52
CA HIS B 174 -10.71 13.60 8.82
C HIS B 174 -10.52 12.20 8.28
N ARG B 175 -11.20 11.22 8.85
CA ARG B 175 -11.15 9.87 8.35
C ARG B 175 -12.40 9.51 7.58
N GLY B 176 -13.12 10.52 7.10
CA GLY B 176 -14.27 10.28 6.24
C GLY B 176 -15.47 9.65 6.90
N ALA B 177 -15.53 9.69 8.23
CA ALA B 177 -16.69 9.15 8.90
C ALA B 177 -17.84 10.13 8.89
N LYS B 178 -19.05 9.59 8.91
CA LYS B 178 -20.24 10.38 9.16
C LYS B 178 -20.59 10.32 10.64
N VAL B 179 -20.85 11.47 11.23
CA VAL B 179 -20.92 11.60 12.67
C VAL B 179 -22.32 12.01 13.11
N ILE B 180 -22.86 11.27 14.07
CA ILE B 180 -23.96 11.71 14.92
C ILE B 180 -23.45 12.06 16.30
N SER B 181 -23.81 13.23 16.79
CA SER B 181 -23.29 13.68 18.07
C SER B 181 -24.39 14.19 18.97
N THR B 182 -24.18 13.99 20.26
CA THR B 182 -25.18 14.33 21.26
C THR B 182 -24.74 15.61 21.92
N ALA B 183 -25.69 16.52 22.12
CA ALA B 183 -25.40 17.76 22.80
C ALA B 183 -26.32 17.90 23.99
N CYS B 184 -25.79 18.45 25.07
CA CYS B 184 -26.52 18.57 26.32
C CYS B 184 -27.12 19.96 26.48
N SER B 185 -26.31 21.01 26.40
CA SER B 185 -26.93 22.32 26.41
C SER B 185 -27.36 22.70 25.00
N LEU B 186 -28.34 23.60 24.93
CA LEU B 186 -28.69 24.28 23.69
C LEU B 186 -27.48 24.97 23.09
N GLU B 187 -26.66 25.61 23.95
CA GLU B 187 -25.44 26.24 23.49
C GLU B 187 -24.46 25.21 22.95
N ASP B 188 -24.50 24.00 23.48
CA ASP B 188 -23.68 22.94 22.94
C ASP B 188 -24.16 22.49 21.56
N LYS B 189 -25.47 22.50 21.35
CA LYS B 189 -26.01 22.28 20.00
C LYS B 189 -25.54 23.37 19.07
N GLN B 190 -25.52 24.60 19.57
CA GLN B 190 -25.05 25.74 18.80
C GLN B 190 -23.58 25.56 18.42
N CYS B 191 -22.78 25.01 19.32
CA CYS B 191 -21.37 24.72 19.01
C CYS B 191 -21.25 23.68 17.90
N LEU B 192 -22.08 22.65 17.95
CA LEU B 192 -22.12 21.70 16.84
C LEU B 192 -22.55 22.36 15.54
N GLU B 193 -23.47 23.32 15.62
CA GLU B 193 -23.80 24.12 14.44
C GLU B 193 -22.60 24.92 13.96
N ARG B 194 -21.81 25.44 14.89
CA ARG B 194 -20.63 26.23 14.56
C ARG B 194 -19.51 25.46 13.87
N PHE B 195 -19.46 24.12 13.92
CA PHE B 195 -18.45 23.38 13.16
C PHE B 195 -18.46 23.75 11.70
N ARG B 196 -17.28 24.12 11.18
CA ARG B 196 -17.15 24.36 9.74
C ARG B 196 -17.48 23.11 8.95
N PRO B 197 -16.98 21.90 9.26
CA PRO B 197 -17.52 20.77 8.57
C PRO B 197 -18.92 20.49 9.09
N PRO B 198 -19.81 20.12 8.23
CA PRO B 198 -21.17 19.85 8.68
C PRO B 198 -21.33 18.40 9.12
N ILE B 199 -21.59 18.23 10.41
CA ILE B 199 -21.81 16.91 10.94
C ILE B 199 -23.17 16.46 10.47
N ALA B 200 -23.37 15.15 10.37
CA ALA B 200 -24.58 14.60 9.77
C ALA B 200 -25.83 15.00 10.54
N ARG B 201 -25.79 14.88 11.85
CA ARG B 201 -26.97 15.22 12.60
C ARG B 201 -26.52 15.65 13.98
N VAL B 202 -27.35 16.45 14.61
CA VAL B 202 -27.18 16.82 16.01
C VAL B 202 -28.36 16.24 16.72
N ILE B 203 -28.10 15.44 17.74
CA ILE B 203 -29.19 14.84 18.48
C ILE B 203 -29.19 15.46 19.86
N ASP B 204 -30.35 15.89 20.29
CA ASP B 204 -30.51 16.67 21.51
C ASP B 204 -31.09 15.82 22.62
N VAL B 205 -30.39 15.78 23.75
CA VAL B 205 -30.86 15.15 24.97
C VAL B 205 -31.29 16.20 25.99
N SER B 206 -31.30 17.48 25.58
CA SER B 206 -31.67 18.59 26.46
C SER B 206 -33.09 18.47 26.97
N ASN B 207 -34.01 18.01 26.11
CA ASN B 207 -35.38 17.84 26.53
C ASN B 207 -35.50 16.69 27.52
N GLY B 208 -36.57 16.75 28.32
CA GLY B 208 -36.84 15.72 29.29
C GLY B 208 -37.02 14.36 28.65
N LYS B 209 -37.67 14.34 27.49
CA LYS B 209 -37.71 13.12 26.72
C LYS B 209 -36.31 12.82 26.22
N VAL B 210 -35.92 11.56 26.31
CA VAL B 210 -34.61 11.10 25.84
C VAL B 210 -34.91 10.24 24.63
N HIS B 211 -34.39 10.67 23.48
CA HIS B 211 -34.67 10.03 22.21
C HIS B 211 -33.39 9.72 21.49
N VAL B 212 -32.37 9.32 22.24
CA VAL B 212 -31.07 9.08 21.66
C VAL B 212 -31.09 7.89 20.71
N ALA B 213 -31.70 6.78 21.12
CA ALA B 213 -31.70 5.57 20.32
C ALA B 213 -32.60 5.71 19.10
N GLU B 214 -33.81 6.22 19.31
CA GLU B 214 -34.83 6.23 18.27
C GLU B 214 -34.43 7.18 17.15
N SER B 215 -34.07 8.40 17.51
CA SER B 215 -33.67 9.39 16.53
C SER B 215 -32.35 9.03 15.88
N CYS B 216 -31.39 8.53 16.67
CA CYS B 216 -30.12 8.18 16.07
C CYS B 216 -30.29 6.99 15.12
N LEU B 217 -31.13 6.03 15.49
CA LEU B 217 -31.39 4.87 14.65
C LEU B 217 -32.05 5.28 13.35
N GLU B 218 -33.00 6.22 13.41
CA GLU B 218 -33.64 6.62 12.16
C GLU B 218 -32.70 7.44 11.31
N GLU B 219 -31.71 8.11 11.92
CA GLU B 219 -30.66 8.73 11.10
C GLU B 219 -29.87 7.69 10.31
N THR B 220 -29.64 6.54 10.89
CA THR B 220 -29.02 5.49 10.10
C THR B 220 -30.04 4.69 9.34
N GLY B 221 -31.32 5.02 9.48
CA GLY B 221 -32.39 4.39 8.73
C GLY B 221 -32.53 2.92 8.95
N GLY B 222 -32.30 2.47 10.17
CA GLY B 222 -32.30 1.05 10.42
C GLY B 222 -31.00 0.36 10.14
N LEU B 223 -30.01 1.04 9.56
CA LEU B 223 -28.75 0.35 9.32
C LEU B 223 -27.97 0.20 10.59
N GLY B 224 -28.03 1.19 11.46
CA GLY B 224 -27.41 1.09 12.75
C GLY B 224 -26.08 1.84 12.77
N VAL B 225 -25.63 2.15 13.97
CA VAL B 225 -24.43 2.94 14.16
C VAL B 225 -23.30 1.99 14.44
N ASP B 226 -22.17 2.17 13.75
CA ASP B 226 -21.05 1.28 14.00
C ASP B 226 -20.20 1.65 15.21
N ILE B 227 -19.87 2.91 15.41
CA ILE B 227 -18.83 3.21 16.39
C ILE B 227 -19.38 4.21 17.37
N VAL B 228 -19.67 3.77 18.58
CA VAL B 228 -20.19 4.65 19.61
C VAL B 228 -19.13 4.90 20.69
N LEU B 229 -18.47 6.05 20.59
CA LEU B 229 -17.54 6.50 21.64
C LEU B 229 -18.30 7.09 22.81
N ASP B 230 -19.02 6.25 23.54
CA ASP B 230 -19.83 6.82 24.61
C ASP B 230 -19.01 7.35 25.77
N ALA B 231 -19.37 8.55 26.23
CA ALA B 231 -18.70 9.16 27.37
C ALA B 231 -19.00 8.41 28.65
N GLY B 232 -20.24 8.02 28.87
CA GLY B 232 -20.56 7.34 30.10
C GLY B 232 -21.86 6.59 29.93
N VAL B 233 -22.15 5.75 30.90
CA VAL B 233 -23.35 4.95 30.86
C VAL B 233 -24.17 5.31 32.10
N ARG B 234 -25.50 5.31 31.97
CA ARG B 234 -26.39 5.64 33.08
C ARG B 234 -26.68 4.41 33.91
N LEU B 235 -26.09 3.28 33.57
CA LEU B 235 -26.30 2.02 34.26
C LEU B 235 -25.82 2.10 35.72
N TYR B 236 -26.45 1.28 36.57
CA TYR B 236 -26.26 0.96 38.00
C TYR B 236 -26.86 2.03 38.90
N SER B 237 -27.41 3.10 38.35
CA SER B 237 -28.14 4.06 39.17
C SER B 237 -29.60 4.16 38.75
N LYS B 238 -30.07 3.25 37.90
CA LYS B 238 -31.42 3.35 37.33
C LYS B 238 -32.52 3.23 38.39
N ASP B 239 -32.36 2.31 39.35
CA ASP B 239 -33.37 2.09 40.37
C ASP B 239 -32.95 2.61 41.74
N ASP B 240 -31.65 2.78 41.96
CA ASP B 240 -31.17 3.25 43.25
C ASP B 240 -30.41 4.53 43.04
N GLU B 241 -30.84 5.59 43.75
CA GLU B 241 -30.31 6.95 43.70
C GLU B 241 -30.17 7.44 42.27
N PRO B 242 -31.27 7.71 41.55
CA PRO B 242 -31.15 8.14 40.15
C PRO B 242 -30.36 9.43 40.03
N ALA B 243 -29.58 9.51 38.95
CA ALA B 243 -28.71 10.66 38.63
C ALA B 243 -27.67 10.88 39.72
N VAL B 244 -26.92 9.83 40.05
CA VAL B 244 -25.77 9.98 40.96
C VAL B 244 -24.82 10.99 40.34
N LYS B 245 -24.38 11.94 41.17
CA LYS B 245 -23.55 13.08 40.78
C LYS B 245 -24.22 13.89 39.66
N LEU B 246 -25.56 13.92 39.69
CA LEU B 246 -26.41 14.63 38.75
C LEU B 246 -26.10 14.24 37.29
N GLN B 247 -26.18 12.95 37.02
CA GLN B 247 -25.79 12.47 35.70
C GLN B 247 -27.04 12.15 34.90
N LEU B 248 -27.02 12.56 33.64
CA LEU B 248 -28.09 12.27 32.70
C LEU B 248 -27.44 11.61 31.50
N LEU B 249 -26.72 10.58 31.82
CA LEU B 249 -25.97 9.80 30.87
C LEU B 249 -26.93 8.89 30.11
N PRO B 250 -26.52 8.39 28.97
CA PRO B 250 -27.38 7.45 28.24
C PRO B 250 -27.55 6.13 28.96
N HIS B 251 -28.77 5.61 28.89
CA HIS B 251 -29.07 4.29 29.39
C HIS B 251 -28.27 3.25 28.61
N LYS B 252 -27.88 2.18 29.30
CA LYS B 252 -27.11 1.13 28.65
C LYS B 252 -27.90 0.48 27.52
N HIS B 253 -29.17 0.19 27.75
CA HIS B 253 -29.96 -0.54 26.77
C HIS B 253 -30.19 0.24 25.50
N ASP B 254 -30.42 1.54 25.58
CA ASP B 254 -30.67 2.31 24.37
C ASP B 254 -29.41 2.36 23.50
N ILE B 255 -28.24 2.41 24.15
CA ILE B 255 -26.97 2.34 23.44
C ILE B 255 -26.81 0.98 22.77
N ILE B 256 -27.13 -0.08 23.51
CA ILE B 256 -26.87 -1.41 23.00
C ILE B 256 -27.81 -1.76 21.84
N THR B 257 -29.05 -1.29 21.88
CA THR B 257 -29.89 -1.45 20.70
C THR B 257 -29.38 -0.56 19.58
N LEU B 258 -28.91 0.61 19.94
CA LEU B 258 -28.47 1.58 18.96
C LEU B 258 -27.29 1.09 18.15
N LEU B 259 -26.44 0.27 18.74
CA LEU B 259 -25.26 -0.21 18.05
C LEU B 259 -25.60 -1.03 16.82
N GLY B 260 -24.96 -0.73 15.72
CA GLY B 260 -25.26 -1.44 14.50
C GLY B 260 -24.58 -2.77 14.47
N VAL B 261 -24.94 -3.59 13.48
CA VAL B 261 -24.38 -4.93 13.35
C VAL B 261 -22.90 -4.86 13.05
N GLY B 262 -22.11 -5.69 13.72
CA GLY B 262 -20.68 -5.64 13.62
C GLY B 262 -20.03 -4.38 14.16
N GLY B 263 -20.80 -3.59 14.90
CA GLY B 263 -20.34 -2.32 15.40
C GLY B 263 -19.33 -2.39 16.51
N HIS B 264 -18.72 -1.24 16.77
CA HIS B 264 -17.74 -1.08 17.83
C HIS B 264 -18.25 -0.07 18.84
N TRP B 265 -18.45 -0.52 20.04
CA TRP B 265 -18.73 0.34 21.18
C TRP B 265 -17.44 0.55 21.95
N VAL B 266 -16.93 1.77 21.98
CA VAL B 266 -15.77 2.07 22.82
C VAL B 266 -16.24 2.89 24.00
N THR B 267 -16.03 2.33 25.17
CA THR B 267 -16.61 2.85 26.40
C THR B 267 -15.57 3.32 27.38
N THR B 268 -15.96 4.31 28.16
CA THR B 268 -15.08 4.88 29.15
C THR B 268 -15.37 4.34 30.53
N GLU B 269 -16.63 3.98 30.78
CA GLU B 269 -17.10 3.61 32.11
C GLU B 269 -16.35 2.44 32.72
N GLU B 270 -15.77 2.70 33.89
CA GLU B 270 -14.92 1.76 34.60
C GLU B 270 -15.69 0.56 35.16
N ASN B 271 -16.85 0.79 35.75
CA ASN B 271 -17.67 -0.31 36.26
C ASN B 271 -18.79 -0.54 35.27
N LEU B 272 -18.71 -1.63 34.54
CA LEU B 272 -19.69 -1.94 33.54
C LEU B 272 -20.30 -3.29 33.89
N GLN B 273 -21.61 -3.31 34.01
CA GLN B 273 -22.34 -4.53 34.28
C GLN B 273 -22.91 -5.00 32.96
N LEU B 274 -22.45 -6.12 32.47
CA LEU B 274 -22.98 -6.64 31.22
C LEU B 274 -23.92 -7.78 31.57
N ASP B 275 -25.20 -7.54 31.41
CA ASP B 275 -26.14 -8.59 31.71
C ASP B 275 -26.17 -9.62 30.60
N PRO B 276 -26.53 -10.85 30.92
CA PRO B 276 -26.72 -11.87 29.91
C PRO B 276 -27.75 -11.53 28.84
N PRO B 277 -28.87 -10.81 29.13
CA PRO B 277 -29.66 -10.33 27.99
C PRO B 277 -28.89 -9.39 27.08
N ASP B 278 -28.11 -8.48 27.66
CA ASP B 278 -27.26 -7.61 26.86
C ASP B 278 -26.18 -8.36 26.12
N SER B 279 -25.56 -9.34 26.79
CA SER B 279 -24.54 -10.09 26.09
C SER B 279 -25.13 -11.01 25.04
N HIS B 280 -26.42 -11.28 25.12
CA HIS B 280 -27.05 -11.97 24.00
C HIS B 280 -27.35 -10.99 22.89
N CYS B 281 -27.69 -9.75 23.23
CA CYS B 281 -27.89 -8.73 22.20
C CYS B 281 -26.61 -8.45 21.44
N LEU B 282 -25.50 -8.41 22.15
CA LEU B 282 -24.24 -8.23 21.45
C LEU B 282 -23.87 -9.45 20.65
N PHE B 283 -24.17 -10.64 21.18
CA PHE B 283 -23.85 -11.87 20.48
C PHE B 283 -24.59 -11.94 19.16
N LEU B 284 -25.87 -11.55 19.17
CA LEU B 284 -26.63 -11.44 17.94
C LEU B 284 -26.08 -10.37 17.02
N LYS B 285 -25.63 -9.24 17.54
CA LYS B 285 -25.21 -8.22 16.59
C LYS B 285 -23.76 -8.28 16.23
N GLY B 286 -23.04 -9.28 16.74
CA GLY B 286 -21.62 -9.42 16.47
C GLY B 286 -20.83 -8.18 16.80
N ALA B 287 -21.13 -7.55 17.91
CA ALA B 287 -20.52 -6.27 18.21
C ALA B 287 -19.26 -6.46 19.02
N THR B 288 -18.33 -5.53 18.86
CA THR B 288 -17.14 -5.50 19.68
C THR B 288 -17.31 -4.45 20.75
N LEU B 289 -16.83 -4.75 21.93
CA LEU B 289 -16.84 -3.82 23.04
C LEU B 289 -15.40 -3.59 23.44
N ALA B 290 -14.96 -2.36 23.42
CA ALA B 290 -13.60 -2.02 23.81
C ALA B 290 -13.62 -0.95 24.88
N PHE B 291 -12.58 -0.93 25.70
CA PHE B 291 -12.48 -0.03 26.83
C PHE B 291 -11.44 1.05 26.55
N LEU B 292 -11.87 2.29 26.56
CA LEU B 292 -10.93 3.37 26.33
C LEU B 292 -10.21 3.71 27.61
N ASN B 293 -8.89 3.55 27.60
CA ASN B 293 -8.06 4.02 28.70
C ASN B 293 -6.82 4.61 28.07
N ASP B 294 -6.75 5.94 28.04
CA ASP B 294 -5.57 6.63 27.58
C ASP B 294 -4.32 6.19 28.32
N GLU B 295 -4.34 6.14 29.67
CA GLU B 295 -3.03 6.15 30.33
C GLU B 295 -2.37 4.77 30.36
N VAL B 296 -2.80 3.81 29.54
CA VAL B 296 -2.11 2.53 29.44
C VAL B 296 -0.73 2.72 28.88
N TRP B 297 -0.51 3.81 28.19
CA TRP B 297 0.77 4.04 27.61
C TRP B 297 1.77 4.60 28.59
N ASN B 298 1.34 5.15 29.72
CA ASN B 298 2.41 5.57 30.62
C ASN B 298 2.67 4.51 31.67
N LEU B 299 1.61 4.08 32.36
CA LEU B 299 1.76 3.12 33.43
C LEU B 299 2.16 1.74 32.94
N SER B 300 1.48 1.17 31.96
CA SER B 300 1.95 -0.13 31.49
C SER B 300 3.10 0.02 30.51
N ASN B 301 2.94 0.90 29.53
CA ASN B 301 4.00 1.35 28.63
C ASN B 301 4.67 0.21 27.89
N VAL B 302 3.88 -0.71 27.37
CA VAL B 302 4.49 -1.80 26.64
C VAL B 302 4.79 -1.39 25.22
N GLN B 303 3.83 -0.82 24.51
CA GLN B 303 4.01 -0.43 23.12
C GLN B 303 4.36 1.05 23.03
N GLN B 304 5.49 1.38 23.66
CA GLN B 304 5.95 2.76 23.75
C GLN B 304 6.19 3.37 22.40
N GLY B 305 6.72 2.57 21.47
CA GLY B 305 6.96 3.05 20.13
C GLY B 305 5.71 3.46 19.40
N LYS B 306 4.64 2.67 19.51
CA LYS B 306 3.39 2.96 18.84
C LYS B 306 2.83 4.29 19.30
N TYR B 307 2.80 4.48 20.62
CA TYR B 307 2.28 5.69 21.22
C TYR B 307 3.11 6.87 20.86
N LEU B 308 4.43 6.68 20.85
CA LEU B 308 5.30 7.78 20.55
C LEU B 308 5.07 8.23 19.11
N CYS B 309 4.86 7.27 18.21
CA CYS B 309 4.52 7.59 16.83
C CYS B 309 3.18 8.33 16.77
N ILE B 310 2.25 7.96 17.66
CA ILE B 310 0.91 8.53 17.67
C ILE B 310 0.99 10.01 17.91
N LEU B 311 1.80 10.42 18.88
CA LEU B 311 1.83 11.83 19.23
C LEU B 311 2.38 12.69 18.12
N LYS B 312 3.44 12.23 17.47
CA LYS B 312 3.98 13.01 16.37
C LYS B 312 3.01 13.07 15.21
N ASP B 313 2.30 11.99 14.94
CA ASP B 313 1.28 12.08 13.91
C ASP B 313 0.11 12.96 14.33
N VAL B 314 -0.22 12.99 15.62
CA VAL B 314 -1.23 13.92 16.11
C VAL B 314 -0.78 15.36 15.89
N MET B 315 0.49 15.64 16.14
CA MET B 315 1.06 16.94 15.80
C MET B 315 1.08 17.22 14.32
N GLU B 316 1.31 16.21 13.49
CA GLU B 316 1.19 16.40 12.06
C GLU B 316 -0.24 16.78 11.68
N LYS B 317 -1.23 16.17 12.33
CA LYS B 317 -2.61 16.59 12.15
C LYS B 317 -2.84 18.01 12.65
N LEU B 318 -2.22 18.37 13.76
CA LEU B 318 -2.35 19.73 14.28
C LEU B 318 -1.71 20.75 13.36
N SER B 319 -0.54 20.42 12.82
CA SER B 319 0.15 21.27 11.86
C SER B 319 -0.65 21.44 10.59
N THR B 320 -1.30 20.37 10.12
CA THR B 320 -2.18 20.54 8.96
C THR B 320 -3.43 21.32 9.30
N GLY B 321 -3.82 21.39 10.57
CA GLY B 321 -5.00 22.12 10.98
C GLY B 321 -6.23 21.27 11.20
N VAL B 322 -6.09 19.95 11.16
CA VAL B 322 -7.23 19.05 11.38
C VAL B 322 -7.79 19.21 12.77
N PHE B 323 -6.91 19.31 13.76
CA PHE B 323 -7.37 19.52 15.13
C PHE B 323 -7.41 21.01 15.42
N ARG B 324 -8.43 21.42 16.10
CA ARG B 324 -8.43 22.73 16.70
C ARG B 324 -8.98 22.53 18.10
N PRO B 325 -8.16 22.73 19.11
CA PRO B 325 -8.61 22.48 20.48
C PRO B 325 -9.64 23.50 20.94
N GLN B 326 -10.36 23.11 21.98
CA GLN B 326 -11.38 23.96 22.60
C GLN B 326 -10.79 24.67 23.82
N LEU B 327 -9.85 25.56 23.54
CA LEU B 327 -9.11 26.21 24.61
C LEU B 327 -9.89 27.33 25.27
N ASP B 328 -9.67 27.48 26.56
CA ASP B 328 -10.05 28.67 27.28
C ASP B 328 -8.92 29.67 27.14
N GLU B 329 -9.09 30.88 27.66
CA GLU B 329 -7.98 31.83 27.66
C GLU B 329 -6.90 31.34 28.63
N PRO B 330 -5.65 31.26 28.19
CA PRO B 330 -4.58 30.77 29.05
C PRO B 330 -4.37 31.63 30.27
N ILE B 331 -3.81 31.00 31.30
CA ILE B 331 -3.76 31.60 32.63
C ILE B 331 -2.32 31.61 33.12
N PRO B 332 -1.99 32.50 34.07
CA PRO B 332 -0.69 32.40 34.72
C PRO B 332 -0.72 31.29 35.76
N LEU B 333 0.48 30.90 36.17
CA LEU B 333 0.66 29.69 36.98
C LEU B 333 0.00 29.80 38.34
N TYR B 334 0.15 30.96 38.98
CA TYR B 334 -0.30 31.09 40.36
C TYR B 334 -1.81 31.09 40.49
N GLU B 335 -2.53 31.34 39.42
CA GLU B 335 -3.98 31.29 39.50
C GLU B 335 -4.51 29.91 39.13
N ALA B 336 -3.62 28.95 38.84
CA ALA B 336 -4.10 27.68 38.31
C ALA B 336 -4.77 26.80 39.35
N LYS B 337 -4.39 26.96 40.61
CA LYS B 337 -4.84 26.03 41.64
C LYS B 337 -6.30 26.28 41.93
N VAL B 338 -6.67 27.56 41.93
CA VAL B 338 -8.05 27.98 42.12
C VAL B 338 -8.88 27.46 40.97
N SER B 339 -8.30 27.42 39.77
CA SER B 339 -9.04 26.86 38.66
C SER B 339 -9.10 25.36 38.77
N MET B 340 -7.98 24.76 39.17
CA MET B 340 -7.78 23.31 39.10
C MET B 340 -8.84 22.53 39.85
N GLU B 341 -9.28 23.06 41.00
CA GLU B 341 -10.26 22.36 41.83
C GLU B 341 -11.58 22.20 41.09
N ALA B 342 -12.03 23.25 40.42
CA ALA B 342 -13.25 23.14 39.64
C ALA B 342 -13.01 22.23 38.45
N VAL B 343 -11.82 22.31 37.86
CA VAL B 343 -11.40 21.38 36.82
C VAL B 343 -11.37 19.98 37.39
N GLN B 344 -10.95 19.88 38.64
CA GLN B 344 -10.98 18.60 39.33
C GLN B 344 -12.41 18.13 39.50
N LYS B 345 -13.34 19.05 39.76
CA LYS B 345 -14.72 18.63 39.90
C LYS B 345 -15.28 18.17 38.56
N ASN B 346 -15.14 18.98 37.53
CA ASN B 346 -15.67 18.65 36.23
C ASN B 346 -14.93 19.44 35.17
N GLN B 347 -14.99 18.96 33.94
CA GLN B 347 -14.42 19.73 32.85
C GLN B 347 -15.29 20.94 32.59
N GLY B 348 -14.66 22.05 32.27
CA GLY B 348 -15.39 23.27 32.02
C GLY B 348 -15.88 23.44 30.61
N ARG B 349 -15.53 22.50 29.73
CA ARG B 349 -15.86 22.36 28.30
C ARG B 349 -14.98 23.29 27.50
N LYS B 350 -14.09 24.01 28.16
CA LYS B 350 -13.08 24.84 27.55
C LYS B 350 -11.77 24.37 28.17
N LYS B 351 -10.79 24.04 27.34
CA LYS B 351 -9.53 23.54 27.86
C LYS B 351 -8.77 24.65 28.57
N GLN B 352 -8.31 24.35 29.78
CA GLN B 352 -7.59 25.31 30.60
C GLN B 352 -6.10 25.00 30.56
N VAL B 353 -5.30 25.99 30.18
CA VAL B 353 -3.87 25.81 29.94
C VAL B 353 -3.12 26.90 30.68
N VAL B 354 -2.10 26.52 31.42
CA VAL B 354 -1.17 27.44 32.02
C VAL B 354 -0.07 27.71 31.01
N GLN B 355 0.20 28.98 30.72
CA GLN B 355 1.29 29.31 29.83
C GLN B 355 2.43 29.97 30.59
N PHE B 356 3.64 29.54 30.28
CA PHE B 356 4.83 30.10 30.88
C PHE B 356 5.54 31.06 29.93
N ASN C 15 -15.49 9.86 -71.46
CA ASN C 15 -15.21 10.57 -70.21
C ASN C 15 -15.89 9.90 -69.03
N ARG C 16 -15.20 9.91 -67.88
CA ARG C 16 -15.77 9.39 -66.66
C ARG C 16 -15.65 10.45 -65.58
N PRO C 17 -16.67 10.61 -64.75
CA PRO C 17 -16.76 11.79 -63.87
C PRO C 17 -15.74 11.88 -62.74
N ALA C 18 -15.64 13.11 -62.22
CA ALA C 18 -14.75 13.51 -61.14
C ALA C 18 -15.53 13.76 -59.86
N CYS C 19 -14.91 13.47 -58.74
CA CYS C 19 -15.51 13.61 -57.44
C CYS C 19 -14.56 14.29 -56.47
N LEU C 20 -15.12 15.22 -55.70
CA LEU C 20 -14.37 15.93 -54.68
C LEU C 20 -14.54 15.22 -53.35
N LEU C 21 -13.42 14.89 -52.73
CA LEU C 21 -13.38 14.31 -51.39
C LEU C 21 -12.87 15.40 -50.47
N VAL C 22 -13.73 15.92 -49.63
CA VAL C 22 -13.30 16.84 -48.61
C VAL C 22 -13.21 16.10 -47.28
N ALA C 23 -12.16 16.40 -46.52
CA ALA C 23 -11.90 15.71 -45.26
C ALA C 23 -11.25 16.69 -44.30
N SER C 24 -11.24 16.33 -43.02
CA SER C 24 -10.62 17.16 -42.01
C SER C 24 -9.10 16.98 -41.99
N GLY C 25 -8.39 18.07 -41.71
CA GLY C 25 -6.95 18.00 -41.61
C GLY C 25 -6.46 18.50 -40.27
N ALA C 26 -6.50 17.65 -39.25
CA ALA C 26 -6.07 17.98 -37.90
C ALA C 26 -5.90 16.68 -37.12
N ALA C 27 -5.68 16.82 -35.80
CA ALA C 27 -5.52 15.69 -34.88
C ALA C 27 -6.71 14.76 -34.98
N GLU C 28 -6.41 13.46 -35.09
CA GLU C 28 -7.31 12.31 -35.26
C GLU C 28 -8.34 12.63 -36.36
N GLY C 29 -7.77 13.00 -37.51
CA GLY C 29 -8.50 13.51 -38.65
C GLY C 29 -9.20 12.61 -39.62
N VAL C 30 -9.18 11.26 -39.51
CA VAL C 30 -9.82 10.32 -40.45
C VAL C 30 -9.91 8.90 -39.87
N SER C 31 -11.13 8.34 -39.80
CA SER C 31 -11.30 6.91 -39.62
C SER C 31 -10.77 6.14 -40.83
N ALA C 32 -9.87 5.18 -40.60
CA ALA C 32 -9.10 4.59 -41.70
C ALA C 32 -9.95 3.70 -42.60
N GLN C 33 -10.82 2.88 -42.01
CA GLN C 33 -11.60 1.91 -42.77
C GLN C 33 -12.57 2.60 -43.72
N SER C 34 -13.21 3.67 -43.23
CA SER C 34 -14.09 4.51 -44.04
C SER C 34 -13.37 5.13 -45.22
N PHE C 35 -12.17 5.67 -44.97
CA PHE C 35 -11.40 6.31 -46.03
C PHE C 35 -11.00 5.28 -47.07
N LEU C 36 -10.56 4.12 -46.61
CA LEU C 36 -10.13 3.05 -47.50
C LEU C 36 -11.27 2.62 -48.43
N HIS C 37 -12.47 2.44 -47.88
CA HIS C 37 -13.57 2.00 -48.74
C HIS C 37 -14.03 3.08 -49.69
N CYS C 38 -14.30 4.29 -49.16
CA CYS C 38 -14.72 5.43 -49.99
C CYS C 38 -13.72 5.71 -51.11
N PHE C 39 -12.43 5.77 -50.77
CA PHE C 39 -11.44 6.18 -51.74
C PHE C 39 -11.21 5.10 -52.78
N THR C 40 -10.96 3.87 -52.34
CA THR C 40 -10.59 2.85 -53.31
C THR C 40 -11.74 2.47 -54.22
N MET C 41 -12.97 2.30 -53.71
CA MET C 41 -14.02 1.91 -54.65
C MET C 41 -14.45 3.11 -55.50
N ALA C 42 -14.56 4.31 -54.90
CA ALA C 42 -14.92 5.50 -55.67
C ALA C 42 -13.91 5.80 -56.76
N SER C 43 -12.62 5.63 -56.45
CA SER C 43 -11.55 6.09 -57.33
C SER C 43 -11.51 5.33 -58.65
N THR C 44 -12.09 4.12 -58.70
CA THR C 44 -12.22 3.41 -59.95
C THR C 44 -13.38 3.92 -60.79
N ALA C 45 -14.39 4.53 -60.16
CA ALA C 45 -15.53 5.07 -60.90
C ALA C 45 -15.60 6.58 -60.85
N PHE C 46 -14.63 7.23 -60.22
CA PHE C 46 -14.59 8.69 -60.11
C PHE C 46 -13.14 9.10 -60.18
N ASN C 47 -12.91 10.37 -60.48
CA ASN C 47 -11.61 10.98 -60.29
C ASN C 47 -11.66 11.75 -58.98
N LEU C 48 -10.96 11.27 -57.97
CA LEU C 48 -11.10 11.84 -56.64
C LEU C 48 -10.01 12.85 -56.37
N GLN C 49 -10.37 13.89 -55.64
CA GLN C 49 -9.34 14.81 -55.18
C GLN C 49 -9.62 15.07 -53.71
N VAL C 50 -8.62 14.83 -52.86
CA VAL C 50 -8.75 14.91 -51.41
C VAL C 50 -8.36 16.31 -50.99
N ALA C 51 -9.09 16.88 -50.04
CA ALA C 51 -8.84 18.25 -49.63
C ALA C 51 -9.13 18.41 -48.14
N THR C 52 -8.34 19.25 -47.50
CA THR C 52 -8.39 19.57 -46.08
C THR C 52 -8.08 21.05 -45.93
N PRO C 53 -8.59 21.68 -44.87
CA PRO C 53 -8.12 23.04 -44.56
C PRO C 53 -6.62 23.06 -44.28
N GLY C 54 -5.95 24.04 -44.88
CA GLY C 54 -4.51 24.24 -44.75
C GLY C 54 -3.55 23.15 -45.20
N GLY C 55 -4.05 22.05 -45.77
CA GLY C 55 -3.18 20.99 -46.26
C GLY C 55 -2.35 20.27 -45.23
N LYS C 56 -2.72 20.34 -43.96
CA LYS C 56 -1.98 19.68 -42.89
C LYS C 56 -2.10 18.16 -43.01
N ALA C 57 -1.01 17.47 -42.64
CA ALA C 57 -0.86 16.04 -42.83
C ALA C 57 -1.96 15.24 -42.15
N MET C 58 -2.31 14.12 -42.77
CA MET C 58 -3.47 13.34 -42.37
C MET C 58 -3.17 12.48 -41.15
N GLU C 59 -4.16 12.35 -40.29
CA GLU C 59 -4.09 11.49 -39.11
C GLU C 59 -5.17 10.43 -39.23
N PHE C 60 -4.78 9.17 -39.04
CA PHE C 60 -5.70 8.07 -39.23
C PHE C 60 -6.21 7.56 -37.89
N VAL C 61 -7.52 7.47 -37.79
CA VAL C 61 -8.22 6.80 -36.70
C VAL C 61 -8.57 5.42 -37.22
N ASP C 62 -8.54 4.41 -36.33
CA ASP C 62 -9.06 3.06 -36.59
C ASP C 62 -8.16 2.38 -37.64
N VAL C 63 -6.85 2.49 -37.43
CA VAL C 63 -5.93 1.60 -38.13
C VAL C 63 -6.25 0.17 -37.70
N THR C 64 -6.07 -0.77 -38.63
CA THR C 64 -6.41 -2.14 -38.33
C THR C 64 -5.28 -3.00 -38.89
N GLU C 65 -5.15 -4.23 -38.38
CA GLU C 65 -4.15 -5.16 -38.87
C GLU C 65 -4.43 -5.58 -40.31
N SER C 66 -5.70 -5.57 -40.71
CA SER C 66 -6.02 -5.84 -42.10
C SER C 66 -5.65 -4.66 -42.98
N ASN C 67 -5.76 -3.45 -42.45
CA ASN C 67 -5.49 -2.22 -43.19
C ASN C 67 -4.11 -1.64 -42.94
N ALA C 68 -3.28 -2.28 -42.10
CA ALA C 68 -1.98 -1.71 -41.75
C ALA C 68 -1.05 -1.67 -42.96
N ARG C 69 -0.99 -2.77 -43.71
CA ARG C 69 -0.27 -2.81 -44.98
C ARG C 69 -0.84 -1.77 -45.94
N TRP C 70 -2.16 -1.69 -45.99
CA TRP C 70 -2.84 -0.82 -46.93
C TRP C 70 -2.70 0.65 -46.56
N VAL C 71 -2.69 1.00 -45.25
CA VAL C 71 -2.41 2.39 -44.88
C VAL C 71 -0.94 2.73 -45.10
N GLN C 72 -0.01 1.76 -44.96
CA GLN C 72 1.37 2.04 -45.32
C GLN C 72 1.51 2.21 -46.84
N ASP C 73 0.69 1.50 -47.60
CA ASP C 73 0.63 1.71 -49.04
C ASP C 73 0.10 3.10 -49.36
N PHE C 74 -0.92 3.55 -48.61
CA PHE C 74 -1.50 4.88 -48.81
C PHE C 74 -0.46 5.96 -48.53
N ARG C 75 0.32 5.78 -47.46
CA ARG C 75 1.43 6.71 -47.21
C ARG C 75 2.45 6.64 -48.34
N LEU C 76 2.71 5.44 -48.86
CA LEU C 76 3.59 5.29 -50.02
C LEU C 76 3.01 5.95 -51.28
N LYS C 77 1.67 5.92 -51.44
CA LYS C 77 1.00 6.48 -52.61
C LYS C 77 1.30 7.97 -52.78
N ALA C 78 1.53 8.35 -54.04
CA ALA C 78 1.79 9.76 -54.36
C ALA C 78 0.57 10.62 -54.06
N TYR C 79 -0.62 10.11 -54.36
CA TYR C 79 -1.87 10.85 -54.15
C TYR C 79 -2.36 10.66 -52.71
N ALA C 80 -1.53 11.12 -51.78
CA ALA C 80 -1.86 11.18 -50.37
C ALA C 80 -1.81 12.59 -49.82
N SER C 81 -1.28 13.54 -50.56
CA SER C 81 -1.20 14.91 -50.09
C SER C 81 -2.58 15.56 -50.11
N PRO C 82 -2.95 16.28 -49.06
CA PRO C 82 -4.21 17.02 -49.10
C PRO C 82 -4.04 18.46 -49.55
N ALA C 83 -4.66 18.81 -50.67
CA ALA C 83 -4.56 20.16 -51.19
C ALA C 83 -5.47 21.11 -50.43
N LYS C 84 -5.17 22.39 -50.56
CA LYS C 84 -6.01 23.43 -49.99
C LYS C 84 -7.40 23.41 -50.63
N LEU C 85 -8.43 23.58 -49.80
CA LEU C 85 -9.81 23.41 -50.24
C LEU C 85 -10.40 24.64 -50.91
N GLU C 86 -9.98 25.84 -50.50
CA GLU C 86 -10.61 27.06 -50.99
C GLU C 86 -10.19 27.47 -52.40
N SER C 87 -9.32 26.72 -53.07
CA SER C 87 -8.99 26.99 -54.47
C SER C 87 -9.68 26.02 -55.42
N ILE C 88 -10.73 25.34 -54.97
CA ILE C 88 -11.35 24.27 -55.75
C ILE C 88 -12.54 24.80 -56.54
N ASP C 89 -12.53 24.53 -57.84
CA ASP C 89 -13.68 24.75 -58.71
C ASP C 89 -14.55 23.49 -58.76
N GLY C 90 -15.74 23.56 -58.17
CA GLY C 90 -16.64 22.43 -58.10
C GLY C 90 -17.11 21.87 -59.43
N ALA C 91 -17.24 22.72 -60.45
CA ALA C 91 -17.82 22.34 -61.74
C ALA C 91 -17.06 21.23 -62.47
N ARG C 92 -15.78 21.03 -62.17
CA ARG C 92 -15.07 19.91 -62.77
C ARG C 92 -15.48 18.60 -62.11
N TYR C 93 -15.97 18.67 -60.87
CA TYR C 93 -16.27 17.51 -60.06
C TYR C 93 -17.76 17.25 -60.13
N HIS C 94 -18.11 16.08 -60.62
CA HIS C 94 -19.51 15.71 -60.75
C HIS C 94 -20.14 15.30 -59.43
N ALA C 95 -19.33 14.92 -58.44
CA ALA C 95 -19.82 14.44 -57.16
C ALA C 95 -18.98 14.99 -56.02
N LEU C 96 -19.55 14.93 -54.82
CA LEU C 96 -18.85 15.30 -53.60
C LEU C 96 -18.97 14.13 -52.64
N LEU C 97 -17.87 13.78 -51.97
CA LEU C 97 -17.82 12.58 -51.16
C LEU C 97 -17.15 12.89 -49.84
N ILE C 98 -17.81 12.59 -48.72
CA ILE C 98 -17.20 12.88 -47.43
C ILE C 98 -17.02 11.58 -46.64
N PRO C 99 -15.80 11.11 -46.45
CA PRO C 99 -15.58 9.94 -45.59
C PRO C 99 -15.80 10.31 -44.13
N SER C 100 -15.94 9.26 -43.31
CA SER C 100 -16.14 9.46 -41.87
C SER C 100 -14.84 9.94 -41.25
N CYS C 101 -14.83 11.20 -40.83
CA CYS C 101 -13.63 11.85 -40.30
C CYS C 101 -13.99 12.56 -39.00
N PRO C 102 -13.62 11.97 -37.85
CA PRO C 102 -13.93 12.57 -36.54
C PRO C 102 -13.44 13.99 -36.31
N GLY C 103 -12.33 14.39 -36.91
CA GLY C 103 -11.91 15.76 -36.71
C GLY C 103 -12.64 16.81 -37.53
N ALA C 104 -13.66 16.41 -38.32
CA ALA C 104 -14.48 17.38 -39.04
C ALA C 104 -15.25 18.28 -38.09
N LEU C 105 -15.57 17.75 -36.91
CA LEU C 105 -16.47 18.35 -35.95
C LEU C 105 -15.87 19.62 -35.36
N THR C 106 -14.55 19.73 -35.42
CA THR C 106 -13.86 20.99 -35.23
C THR C 106 -13.54 21.66 -36.55
N ASP C 107 -12.98 20.92 -37.50
CA ASP C 107 -12.57 21.50 -38.77
C ASP C 107 -13.71 21.84 -39.72
N LEU C 108 -14.40 20.81 -40.20
CA LEU C 108 -15.18 20.99 -41.41
C LEU C 108 -16.51 21.60 -41.09
N ALA C 109 -17.01 21.34 -39.88
CA ALA C 109 -18.22 21.98 -39.39
C ALA C 109 -18.06 23.49 -39.25
N SER C 110 -16.83 24.02 -39.32
CA SER C 110 -16.62 25.46 -39.28
C SER C 110 -15.93 26.02 -40.52
N SER C 111 -15.74 25.21 -41.56
CA SER C 111 -15.09 25.64 -42.80
C SER C 111 -16.09 26.33 -43.72
N GLY C 112 -16.01 27.68 -43.80
CA GLY C 112 -16.88 28.44 -44.69
C GLY C 112 -16.76 28.08 -46.17
N SER C 113 -15.60 27.56 -46.58
CA SER C 113 -15.43 27.16 -47.97
C SER C 113 -16.25 25.92 -48.26
N LEU C 114 -16.41 25.03 -47.28
CA LEU C 114 -17.28 23.88 -47.47
C LEU C 114 -18.74 24.30 -47.59
N ALA C 115 -19.11 25.39 -46.92
CA ALA C 115 -20.43 25.97 -47.11
C ALA C 115 -20.59 26.46 -48.54
N ARG C 116 -19.55 27.13 -49.05
CA ARG C 116 -19.58 27.69 -50.40
C ARG C 116 -19.68 26.58 -51.45
N ILE C 117 -18.97 25.47 -51.24
CA ILE C 117 -19.05 24.41 -52.24
C ILE C 117 -20.32 23.58 -52.09
N LEU C 118 -20.84 23.40 -50.87
CA LEU C 118 -22.08 22.66 -50.72
C LEU C 118 -23.23 23.41 -51.34
N GLN C 119 -23.30 24.71 -51.09
CA GLN C 119 -24.35 25.50 -51.69
C GLN C 119 -24.16 25.57 -53.20
N HIS C 120 -22.91 25.59 -53.68
CA HIS C 120 -22.65 25.44 -55.11
C HIS C 120 -23.23 24.14 -55.66
N PHE C 121 -22.98 23.04 -54.94
CA PHE C 121 -23.56 21.75 -55.30
C PHE C 121 -25.08 21.81 -55.27
N HIS C 122 -25.63 22.55 -54.32
CA HIS C 122 -27.07 22.71 -54.19
C HIS C 122 -27.64 23.47 -55.38
N SER C 123 -26.97 24.53 -55.81
CA SER C 123 -27.51 25.42 -56.82
C SER C 123 -27.65 24.74 -58.17
N GLU C 124 -26.71 23.85 -58.53
CA GLU C 124 -26.88 23.01 -59.71
C GLU C 124 -27.50 21.65 -59.40
N SER C 125 -27.89 21.38 -58.14
CA SER C 125 -28.42 20.09 -57.69
C SER C 125 -27.48 18.94 -58.05
N LYS C 126 -26.21 19.11 -57.74
CA LYS C 126 -25.16 18.17 -58.07
C LYS C 126 -24.98 17.19 -56.88
N PRO C 127 -24.65 15.91 -57.12
CA PRO C 127 -24.70 14.92 -56.03
C PRO C 127 -23.67 15.10 -54.92
N ILE C 128 -24.17 14.98 -53.67
CA ILE C 128 -23.39 15.11 -52.44
C ILE C 128 -23.47 13.79 -51.67
N CYS C 129 -22.34 13.39 -51.07
CA CYS C 129 -22.25 12.16 -50.27
C CYS C 129 -21.52 12.44 -48.97
N ALA C 130 -22.21 12.26 -47.86
CA ALA C 130 -21.55 12.37 -46.55
C ALA C 130 -21.85 11.16 -45.69
N VAL C 131 -20.82 10.57 -45.10
CA VAL C 131 -21.00 9.40 -44.24
C VAL C 131 -20.49 9.73 -42.84
N GLY C 132 -21.20 9.20 -41.85
CA GLY C 132 -20.86 9.26 -40.43
C GLY C 132 -20.50 10.58 -39.78
N HIS C 133 -19.26 10.67 -39.31
CA HIS C 133 -18.80 11.87 -38.60
C HIS C 133 -18.74 13.06 -39.55
N GLY C 134 -18.32 12.80 -40.79
CA GLY C 134 -18.35 13.79 -41.85
C GLY C 134 -19.70 14.44 -42.07
N VAL C 135 -20.79 13.73 -41.73
CA VAL C 135 -22.15 14.22 -41.88
C VAL C 135 -22.33 15.53 -41.10
N ALA C 136 -21.65 15.67 -39.96
CA ALA C 136 -21.78 16.88 -39.15
C ALA C 136 -21.21 18.11 -39.87
N ALA C 137 -20.36 17.88 -40.88
CA ALA C 137 -19.81 18.96 -41.71
C ALA C 137 -20.89 19.70 -42.48
N LEU C 138 -22.03 19.03 -42.74
CA LEU C 138 -23.13 19.66 -43.47
C LEU C 138 -23.81 20.73 -42.65
N CYS C 139 -23.51 20.82 -41.36
CA CYS C 139 -24.04 21.90 -40.54
C CYS C 139 -23.49 23.24 -40.99
N CYS C 140 -22.25 23.25 -41.51
CA CYS C 140 -21.55 24.49 -41.84
C CYS C 140 -22.23 25.32 -42.94
N ALA C 141 -23.21 24.77 -43.66
CA ALA C 141 -23.73 25.41 -44.85
C ALA C 141 -24.82 26.42 -44.51
N THR C 142 -24.48 27.33 -43.58
CA THR C 142 -25.38 28.41 -43.19
C THR C 142 -25.54 29.44 -44.30
N ASN C 143 -26.75 30.00 -44.36
CA ASN C 143 -27.08 31.15 -45.20
C ASN C 143 -26.69 32.43 -44.45
N GLU C 144 -27.15 33.57 -44.94
CA GLU C 144 -26.98 34.80 -44.17
C GLU C 144 -27.89 34.80 -42.95
N ASP C 145 -29.15 34.39 -43.12
CA ASP C 145 -30.07 34.07 -42.06
C ASP C 145 -29.88 32.62 -41.62
N ARG C 146 -30.50 32.30 -40.47
CA ARG C 146 -30.46 30.96 -39.91
C ARG C 146 -31.05 29.89 -40.80
N SER C 147 -31.97 30.26 -41.71
CA SER C 147 -32.57 29.37 -42.70
C SER C 147 -31.53 28.56 -43.45
N TRP C 148 -31.64 27.24 -43.35
CA TRP C 148 -30.67 26.34 -43.97
C TRP C 148 -30.97 26.14 -45.45
N VAL C 149 -29.91 25.88 -46.21
CA VAL C 149 -30.07 25.56 -47.61
C VAL C 149 -30.64 24.16 -47.80
N PHE C 150 -30.41 23.25 -46.85
CA PHE C 150 -30.92 21.88 -46.94
C PHE C 150 -32.03 21.61 -45.92
N ASP C 151 -32.91 22.59 -45.74
CA ASP C 151 -34.12 22.43 -44.94
C ASP C 151 -34.97 21.22 -45.32
N SER C 152 -35.44 21.16 -46.57
CA SER C 152 -36.42 20.16 -46.99
C SER C 152 -35.83 18.78 -47.18
N TYR C 153 -34.51 18.62 -47.10
CA TYR C 153 -33.89 17.34 -47.39
C TYR C 153 -34.09 16.41 -46.21
N SER C 154 -34.26 15.13 -46.50
CA SER C 154 -34.26 14.09 -45.48
C SER C 154 -32.93 13.37 -45.48
N LEU C 155 -32.30 13.25 -44.32
CA LEU C 155 -30.99 12.63 -44.22
C LEU C 155 -30.82 12.05 -42.82
N THR C 156 -29.82 11.19 -42.69
CA THR C 156 -29.47 10.58 -41.42
C THR C 156 -28.27 11.28 -40.81
N GLY C 157 -27.93 10.89 -39.59
CA GLY C 157 -26.79 11.49 -38.95
C GLY C 157 -26.42 10.76 -37.68
N PRO C 158 -25.42 11.28 -36.98
CA PRO C 158 -25.05 10.68 -35.71
C PRO C 158 -25.95 11.24 -34.61
N SER C 159 -26.66 10.34 -33.96
CA SER C 159 -27.62 10.74 -32.95
C SER C 159 -26.93 10.76 -31.60
N VAL C 160 -27.69 10.81 -30.52
CA VAL C 160 -27.10 10.81 -29.19
C VAL C 160 -26.50 9.46 -28.85
N CYS C 161 -27.08 8.38 -29.35
CA CYS C 161 -26.64 7.00 -29.16
C CYS C 161 -25.13 6.71 -29.31
N GLU C 162 -24.60 6.86 -30.53
CA GLU C 162 -23.19 6.58 -30.73
C GLU C 162 -22.31 7.56 -29.96
N LEU C 163 -22.73 8.82 -29.89
CA LEU C 163 -21.97 9.83 -29.17
C LEU C 163 -21.86 9.51 -27.69
N VAL C 164 -22.93 9.02 -27.07
CA VAL C 164 -22.87 8.67 -25.66
C VAL C 164 -22.06 7.40 -25.49
N ARG C 165 -22.25 6.43 -26.39
CA ARG C 165 -21.59 5.14 -26.26
C ARG C 165 -20.08 5.29 -26.36
N ALA C 166 -19.61 6.15 -27.23
CA ALA C 166 -18.20 6.50 -27.26
C ALA C 166 -17.96 7.59 -26.22
N PRO C 167 -16.72 7.81 -25.80
CA PRO C 167 -16.43 8.97 -24.92
C PRO C 167 -16.66 10.30 -25.64
N GLY C 168 -17.45 11.18 -25.02
CA GLY C 168 -17.81 12.44 -25.66
C GLY C 168 -17.65 13.74 -24.89
N PHE C 169 -16.51 13.93 -24.24
CA PHE C 169 -16.21 15.12 -23.48
C PHE C 169 -15.56 16.17 -24.36
N ALA C 170 -15.19 17.30 -23.72
CA ALA C 170 -14.45 18.42 -24.33
C ALA C 170 -15.16 19.02 -25.54
N ARG C 171 -16.49 19.04 -25.46
CA ARG C 171 -17.38 19.54 -26.50
C ARG C 171 -17.06 18.92 -27.85
N LEU C 172 -16.83 17.61 -27.84
CA LEU C 172 -16.56 17.04 -29.16
C LEU C 172 -17.87 16.68 -29.86
N PRO C 173 -18.84 15.96 -29.26
CA PRO C 173 -20.11 15.79 -29.97
C PRO C 173 -21.20 16.81 -29.68
N LEU C 174 -20.92 17.79 -28.81
CA LEU C 174 -21.91 18.82 -28.44
C LEU C 174 -22.34 19.61 -29.67
N VAL C 175 -21.36 19.92 -30.53
CA VAL C 175 -21.62 20.61 -31.78
C VAL C 175 -22.69 19.85 -32.56
N VAL C 176 -22.46 18.55 -32.80
CA VAL C 176 -23.38 17.67 -33.52
C VAL C 176 -24.77 17.63 -32.88
N GLU C 177 -24.84 17.45 -31.54
CA GLU C 177 -26.13 17.44 -30.84
C GLU C 177 -26.93 18.68 -31.22
N ASP C 178 -26.34 19.86 -31.05
CA ASP C 178 -27.04 21.08 -31.41
C ASP C 178 -27.43 21.09 -32.90
N PHE C 179 -26.52 20.65 -33.79
CA PHE C 179 -26.78 20.61 -35.23
C PHE C 179 -28.03 19.80 -35.62
N VAL C 180 -28.24 18.64 -34.96
CA VAL C 180 -29.42 17.81 -35.24
C VAL C 180 -30.68 18.67 -35.09
N LYS C 181 -30.82 19.34 -33.94
CA LYS C 181 -32.00 20.14 -33.61
C LYS C 181 -32.27 21.17 -34.69
N ASP C 182 -31.21 21.84 -35.17
CA ASP C 182 -31.36 22.85 -36.21
C ASP C 182 -31.85 22.21 -37.50
N SER C 183 -31.31 21.05 -37.84
CA SER C 183 -31.78 20.32 -39.00
C SER C 183 -33.22 19.83 -38.78
N GLY C 184 -34.03 19.89 -39.82
CA GLY C 184 -35.40 19.46 -39.72
C GLY C 184 -35.68 18.44 -40.80
N ALA C 185 -36.67 17.59 -40.52
CA ALA C 185 -37.06 16.44 -41.35
C ALA C 185 -35.87 15.51 -41.57
N CYS C 186 -35.01 15.37 -40.54
CA CYS C 186 -33.80 14.56 -40.65
C CYS C 186 -33.74 13.81 -39.32
N PHE C 187 -34.51 12.75 -39.25
CA PHE C 187 -34.59 11.96 -38.02
C PHE C 187 -33.47 10.94 -37.99
N SER C 188 -32.44 11.25 -37.20
CA SER C 188 -31.30 10.35 -37.00
C SER C 188 -31.74 8.99 -36.49
N ALA C 189 -31.29 7.94 -37.15
CA ALA C 189 -31.61 6.59 -36.73
C ALA C 189 -30.94 6.24 -35.42
N SER C 190 -31.60 5.36 -34.67
CA SER C 190 -31.09 4.86 -33.40
C SER C 190 -30.31 3.58 -33.71
N GLU C 191 -30.00 2.75 -32.69
CA GLU C 191 -29.22 1.51 -32.81
C GLU C 191 -27.90 1.77 -33.52
N PRO C 192 -26.97 2.50 -32.88
CA PRO C 192 -25.71 2.93 -33.49
C PRO C 192 -24.91 1.97 -34.36
N ASP C 193 -24.81 0.73 -33.91
CA ASP C 193 -24.03 -0.29 -34.60
C ASP C 193 -24.61 -0.73 -35.94
N ALA C 194 -25.88 -0.44 -36.21
CA ALA C 194 -26.51 -0.84 -37.46
C ALA C 194 -26.23 0.12 -38.61
N VAL C 195 -26.06 -0.45 -39.80
CA VAL C 195 -25.82 0.30 -41.02
C VAL C 195 -27.05 1.13 -41.39
N HIS C 196 -26.82 2.33 -41.90
CA HIS C 196 -27.95 3.19 -42.27
C HIS C 196 -27.55 4.17 -43.36
N VAL C 197 -28.24 4.11 -44.50
CA VAL C 197 -27.98 4.99 -45.64
C VAL C 197 -29.31 5.58 -46.08
N VAL C 198 -29.32 6.90 -46.33
CA VAL C 198 -30.51 7.62 -46.77
C VAL C 198 -30.15 8.46 -47.98
N LEU C 199 -30.94 8.32 -49.06
CA LEU C 199 -30.80 9.11 -50.28
C LEU C 199 -32.08 9.89 -50.50
N ASP C 200 -32.01 11.21 -50.43
CA ASP C 200 -33.14 12.05 -50.81
C ASP C 200 -32.73 13.21 -51.74
N ARG C 201 -33.05 13.09 -53.04
CA ARG C 201 -32.73 14.10 -54.06
C ARG C 201 -31.29 14.63 -54.08
N HIS C 202 -30.37 13.83 -54.63
N HIS C 202 -30.38 13.83 -54.63
CA HIS C 202 -28.96 14.11 -54.88
CA HIS C 202 -28.95 14.11 -54.87
C HIS C 202 -28.11 14.14 -53.62
C HIS C 202 -28.10 14.13 -53.63
N LEU C 203 -28.66 13.86 -52.44
CA LEU C 203 -27.82 13.72 -51.26
C LEU C 203 -27.95 12.32 -50.69
N VAL C 204 -26.80 11.62 -50.55
CA VAL C 204 -26.74 10.34 -49.85
C VAL C 204 -25.97 10.57 -48.56
N THR C 205 -26.50 10.01 -47.48
CA THR C 205 -25.96 10.21 -46.16
C THR C 205 -25.89 8.88 -45.41
N GLY C 206 -24.72 8.60 -44.85
CA GLY C 206 -24.50 7.41 -44.03
C GLY C 206 -24.36 7.78 -42.56
N GLN C 207 -24.93 6.94 -41.70
CA GLN C 207 -25.00 7.23 -40.27
C GLN C 207 -23.66 7.03 -39.55
N ASN C 208 -22.83 6.08 -39.97
CA ASN C 208 -21.66 5.71 -39.19
C ASN C 208 -20.62 5.05 -40.11
N ALA C 209 -19.53 4.61 -39.49
CA ALA C 209 -18.45 3.93 -40.21
C ALA C 209 -18.91 2.60 -40.81
N SER C 210 -19.93 1.98 -40.22
CA SER C 210 -20.49 0.78 -40.82
C SER C 210 -21.24 1.14 -42.11
N SER C 211 -21.98 2.24 -42.08
CA SER C 211 -22.73 2.75 -43.23
C SER C 211 -21.92 3.23 -44.43
N THR C 212 -20.59 3.10 -44.41
CA THR C 212 -19.76 3.62 -45.50
C THR C 212 -19.94 2.84 -46.79
N VAL C 213 -19.98 1.51 -46.69
CA VAL C 213 -19.98 0.66 -47.88
C VAL C 213 -21.16 0.89 -48.83
N PRO C 214 -22.45 0.94 -48.37
CA PRO C 214 -23.50 1.17 -49.38
C PRO C 214 -23.66 2.58 -49.87
N ALA C 215 -23.34 3.55 -48.98
CA ALA C 215 -23.62 4.97 -49.22
C ALA C 215 -22.98 5.48 -50.50
N VAL C 216 -21.69 5.25 -50.68
CA VAL C 216 -21.05 5.77 -51.87
C VAL C 216 -21.45 4.92 -53.06
N GLN C 217 -21.77 3.63 -52.83
CA GLN C 217 -22.36 2.80 -53.88
C GLN C 217 -23.68 3.37 -54.33
N ASN C 218 -24.45 3.92 -53.39
CA ASN C 218 -25.67 4.61 -53.74
C ASN C 218 -25.36 5.87 -54.52
N LEU C 219 -24.33 6.61 -54.06
CA LEU C 219 -23.79 7.70 -54.84
C LEU C 219 -23.34 7.20 -56.20
N LEU C 220 -22.70 6.02 -56.24
CA LEU C 220 -22.31 5.38 -57.49
C LEU C 220 -23.54 5.13 -58.36
N PHE C 221 -24.65 4.77 -57.74
CA PHE C 221 -25.86 4.59 -58.52
C PHE C 221 -26.37 5.94 -59.00
N LEU C 222 -26.26 6.96 -58.14
CA LEU C 222 -26.63 8.34 -58.49
C LEU C 222 -25.91 8.82 -59.75
N CYS C 223 -24.62 8.58 -59.83
CA CYS C 223 -23.82 9.06 -60.94
C CYS C 223 -23.76 8.07 -62.08
N GLY C 224 -24.64 7.07 -62.08
CA GLY C 224 -24.67 6.08 -63.14
C GLY C 224 -25.58 6.60 -64.24
N ASN D 15 -26.95 -20.65 -62.15
CA ASN D 15 -27.97 -20.26 -61.18
C ASN D 15 -27.78 -18.81 -60.78
N ARG D 16 -28.89 -18.11 -60.58
CA ARG D 16 -28.87 -16.78 -60.01
C ARG D 16 -29.88 -16.74 -58.86
N PRO D 17 -29.57 -16.00 -57.78
CA PRO D 17 -30.41 -16.07 -56.58
C PRO D 17 -31.82 -15.52 -56.78
N ALA D 18 -32.67 -15.84 -55.81
CA ALA D 18 -34.10 -15.61 -55.90
C ALA D 18 -34.58 -14.44 -55.04
N CYS D 19 -35.55 -13.69 -55.56
CA CYS D 19 -36.20 -12.58 -54.88
C CYS D 19 -37.70 -12.61 -55.17
N LEU D 20 -38.49 -12.35 -54.13
CA LEU D 20 -39.94 -12.35 -54.20
C LEU D 20 -40.51 -10.97 -54.47
N LEU D 21 -41.32 -10.84 -55.51
CA LEU D 21 -42.01 -9.59 -55.80
C LEU D 21 -43.50 -9.79 -55.53
N VAL D 22 -44.00 -9.12 -54.48
CA VAL D 22 -45.41 -9.14 -54.09
C VAL D 22 -46.07 -7.88 -54.61
N ALA D 23 -47.31 -7.99 -55.11
CA ALA D 23 -47.98 -6.82 -55.66
C ALA D 23 -49.49 -6.88 -55.45
N SER D 24 -50.12 -5.72 -55.59
CA SER D 24 -51.56 -5.58 -55.42
C SER D 24 -52.38 -6.00 -56.62
N GLY D 25 -53.48 -6.69 -56.34
CA GLY D 25 -54.59 -6.86 -57.26
C GLY D 25 -55.85 -6.11 -56.89
N ALA D 26 -55.79 -5.18 -55.93
CA ALA D 26 -56.97 -4.56 -55.34
C ALA D 26 -57.52 -3.45 -56.24
N ALA D 27 -58.53 -2.73 -55.75
CA ALA D 27 -59.19 -1.69 -56.53
C ALA D 27 -58.24 -0.55 -56.90
N GLU D 28 -57.40 -0.12 -55.95
CA GLU D 28 -56.41 0.92 -56.22
C GLU D 28 -55.37 0.44 -57.23
N GLY D 29 -55.01 -0.84 -57.19
CA GLY D 29 -54.10 -1.39 -58.17
C GLY D 29 -52.64 -1.14 -57.86
N VAL D 30 -51.84 -1.21 -58.92
CA VAL D 30 -50.39 -1.08 -58.85
C VAL D 30 -49.92 -0.06 -59.88
N SER D 31 -48.90 0.70 -59.51
CA SER D 31 -48.29 1.65 -60.43
C SER D 31 -47.49 0.89 -61.48
N ALA D 32 -47.69 1.25 -62.75
CA ALA D 32 -47.01 0.57 -63.86
C ALA D 32 -45.52 0.84 -63.88
N GLN D 33 -45.11 2.12 -63.73
CA GLN D 33 -43.69 2.47 -63.81
C GLN D 33 -42.88 1.89 -62.66
N SER D 34 -43.43 1.88 -61.45
CA SER D 34 -42.73 1.28 -60.31
C SER D 34 -42.53 -0.21 -60.54
N PHE D 35 -43.56 -0.88 -61.05
CA PHE D 35 -43.50 -2.30 -61.34
C PHE D 35 -42.45 -2.58 -62.41
N LEU D 36 -42.44 -1.74 -63.45
CA LEU D 36 -41.43 -1.79 -64.51
C LEU D 36 -40.02 -1.68 -63.97
N HIS D 37 -39.76 -0.67 -63.15
CA HIS D 37 -38.39 -0.39 -62.73
C HIS D 37 -37.90 -1.42 -61.75
N CYS D 38 -38.72 -1.74 -60.74
CA CYS D 38 -38.43 -2.84 -59.84
C CYS D 38 -38.19 -4.15 -60.58
N PHE D 39 -39.01 -4.46 -61.59
CA PHE D 39 -38.92 -5.77 -62.20
C PHE D 39 -37.70 -5.93 -63.08
N THR D 40 -37.48 -5.00 -64.03
CA THR D 40 -36.52 -5.24 -65.11
C THR D 40 -35.07 -5.30 -64.64
N MET D 41 -34.64 -4.32 -63.85
CA MET D 41 -33.24 -4.31 -63.41
C MET D 41 -32.96 -5.45 -62.44
N ALA D 42 -33.87 -5.71 -61.50
CA ALA D 42 -33.65 -6.81 -60.56
C ALA D 42 -33.66 -8.16 -61.27
N SER D 43 -34.64 -8.37 -62.16
CA SER D 43 -34.93 -9.68 -62.72
C SER D 43 -33.83 -10.20 -63.63
N THR D 44 -33.01 -9.31 -64.19
CA THR D 44 -31.84 -9.80 -64.92
C THR D 44 -30.72 -10.20 -63.97
N ALA D 45 -30.72 -9.69 -62.74
CA ALA D 45 -29.69 -10.04 -61.76
C ALA D 45 -30.26 -10.86 -60.61
N PHE D 46 -31.54 -11.23 -60.67
CA PHE D 46 -32.19 -12.01 -59.63
C PHE D 46 -33.13 -13.00 -60.30
N ASN D 47 -33.48 -14.05 -59.56
CA ASN D 47 -34.60 -14.89 -59.98
C ASN D 47 -35.81 -14.27 -59.33
N LEU D 48 -36.58 -13.52 -60.10
CA LEU D 48 -37.63 -12.71 -59.55
C LEU D 48 -38.92 -13.48 -59.77
N GLN D 49 -39.77 -13.49 -58.75
CA GLN D 49 -41.03 -14.22 -58.90
C GLN D 49 -42.14 -13.35 -58.38
N VAL D 50 -43.11 -13.11 -59.23
CA VAL D 50 -44.21 -12.19 -58.98
C VAL D 50 -45.41 -12.97 -58.46
N ALA D 51 -46.09 -12.41 -57.46
CA ALA D 51 -47.17 -13.12 -56.79
C ALA D 51 -48.20 -12.12 -56.27
N THR D 52 -49.43 -12.61 -56.11
CA THR D 52 -50.57 -11.84 -55.59
C THR D 52 -51.38 -12.71 -54.65
N PRO D 53 -52.06 -12.10 -53.67
CA PRO D 53 -53.03 -12.85 -52.86
C PRO D 53 -54.17 -13.37 -53.72
N GLY D 54 -54.51 -14.63 -53.53
CA GLY D 54 -55.49 -15.31 -54.38
C GLY D 54 -55.11 -15.49 -55.84
N GLY D 55 -53.88 -15.15 -56.22
CA GLY D 55 -53.44 -15.26 -57.59
C GLY D 55 -54.18 -14.40 -58.59
N LYS D 56 -54.86 -13.35 -58.12
CA LYS D 56 -55.70 -12.54 -59.01
C LYS D 56 -54.85 -11.72 -59.98
N ALA D 57 -55.30 -11.72 -61.24
CA ALA D 57 -54.58 -11.07 -62.33
C ALA D 57 -54.50 -9.56 -62.12
N MET D 58 -53.40 -8.98 -62.54
CA MET D 58 -53.17 -7.57 -62.28
C MET D 58 -53.82 -6.66 -63.29
N GLU D 59 -54.20 -5.49 -62.80
CA GLU D 59 -54.69 -4.36 -63.56
C GLU D 59 -53.69 -3.25 -63.30
N PHE D 60 -53.25 -2.58 -64.34
CA PHE D 60 -52.21 -1.59 -64.22
C PHE D 60 -52.80 -0.19 -64.13
N VAL D 61 -52.49 0.48 -63.04
CA VAL D 61 -52.79 1.86 -62.76
C VAL D 61 -51.52 2.65 -63.06
N ASP D 62 -51.72 3.88 -63.55
CA ASP D 62 -50.67 4.85 -63.89
C ASP D 62 -49.92 4.38 -65.13
N VAL D 63 -50.66 3.79 -66.07
CA VAL D 63 -50.17 3.55 -67.41
C VAL D 63 -49.94 4.88 -68.12
N THR D 64 -48.84 4.94 -68.87
CA THR D 64 -48.42 6.11 -69.62
C THR D 64 -47.86 5.60 -70.94
N GLU D 65 -47.48 6.52 -71.81
CA GLU D 65 -46.77 6.14 -73.03
C GLU D 65 -45.41 5.51 -72.72
N SER D 66 -44.80 5.88 -71.60
CA SER D 66 -43.47 5.38 -71.28
C SER D 66 -43.49 3.92 -70.83
N ASN D 67 -44.50 3.54 -70.05
CA ASN D 67 -44.54 2.21 -69.45
C ASN D 67 -45.45 1.23 -70.17
N ALA D 68 -46.12 1.66 -71.26
CA ALA D 68 -47.17 0.85 -71.88
C ALA D 68 -46.60 -0.40 -72.53
N ARG D 69 -45.51 -0.25 -73.29
CA ARG D 69 -44.91 -1.37 -74.02
C ARG D 69 -44.49 -2.50 -73.07
N TRP D 70 -44.01 -2.15 -71.88
CA TRP D 70 -43.73 -3.20 -70.91
C TRP D 70 -45.01 -3.81 -70.36
N VAL D 71 -46.10 -3.04 -70.28
CA VAL D 71 -47.35 -3.59 -69.80
C VAL D 71 -47.88 -4.66 -70.77
N GLN D 72 -47.75 -4.40 -72.08
CA GLN D 72 -48.07 -5.46 -73.03
C GLN D 72 -47.03 -6.57 -73.01
N ASP D 73 -45.78 -6.26 -72.68
CA ASP D 73 -44.79 -7.31 -72.52
C ASP D 73 -45.13 -8.19 -71.31
N PHE D 74 -45.72 -7.59 -70.28
CA PHE D 74 -46.16 -8.32 -69.11
C PHE D 74 -47.29 -9.28 -69.47
N ARG D 75 -48.27 -8.78 -70.24
CA ARG D 75 -49.38 -9.64 -70.65
C ARG D 75 -48.92 -10.76 -71.57
N LEU D 76 -47.96 -10.47 -72.46
CA LEU D 76 -47.54 -11.44 -73.46
C LEU D 76 -46.44 -12.39 -72.99
N LYS D 77 -45.88 -12.21 -71.79
CA LYS D 77 -44.80 -13.11 -71.39
C LYS D 77 -45.37 -14.32 -70.66
N ALA D 78 -44.58 -15.41 -70.68
CA ALA D 78 -45.07 -16.79 -70.66
C ALA D 78 -46.03 -17.09 -69.50
N TYR D 79 -45.68 -16.66 -68.29
CA TYR D 79 -46.61 -16.89 -67.18
C TYR D 79 -47.86 -16.01 -67.27
N ALA D 80 -47.74 -14.70 -67.01
CA ALA D 80 -48.76 -13.66 -67.12
C ALA D 80 -49.94 -13.82 -66.16
N SER D 81 -50.02 -14.97 -65.48
CA SER D 81 -50.94 -15.25 -64.40
C SER D 81 -50.11 -15.31 -63.12
N PRO D 82 -50.35 -14.43 -62.15
CA PRO D 82 -49.48 -14.38 -60.96
C PRO D 82 -49.54 -15.66 -60.13
N ALA D 83 -48.44 -15.91 -59.44
CA ALA D 83 -48.35 -17.01 -58.49
C ALA D 83 -49.19 -16.74 -57.24
N LYS D 84 -49.53 -17.84 -56.57
CA LYS D 84 -50.24 -17.78 -55.29
C LYS D 84 -49.31 -17.25 -54.22
N LEU D 85 -49.72 -16.18 -53.55
CA LEU D 85 -48.88 -15.65 -52.48
C LEU D 85 -49.04 -16.48 -51.21
N GLU D 86 -50.20 -17.05 -50.98
CA GLU D 86 -50.46 -17.83 -49.78
C GLU D 86 -49.85 -19.22 -49.84
N SER D 87 -49.27 -19.62 -50.96
CA SER D 87 -48.56 -20.88 -51.07
C SER D 87 -47.06 -20.70 -51.05
N ILE D 88 -46.58 -19.53 -50.66
CA ILE D 88 -45.16 -19.21 -50.72
C ILE D 88 -44.56 -19.36 -49.32
N ASP D 89 -43.56 -20.23 -49.22
CA ASP D 89 -42.67 -20.29 -48.07
C ASP D 89 -41.42 -19.48 -48.43
N GLY D 90 -41.23 -18.36 -47.73
CA GLY D 90 -40.15 -17.43 -48.03
C GLY D 90 -38.74 -17.98 -48.04
N ALA D 91 -38.50 -19.08 -47.29
CA ALA D 91 -37.17 -19.59 -47.01
C ALA D 91 -36.32 -19.96 -48.24
N ARG D 92 -36.92 -20.29 -49.39
CA ARG D 92 -36.03 -20.54 -50.53
C ARG D 92 -35.61 -19.24 -51.22
N TYR D 93 -36.24 -18.12 -50.86
CA TYR D 93 -35.98 -16.81 -51.46
C TYR D 93 -35.02 -16.02 -50.58
N HIS D 94 -33.98 -15.46 -51.22
CA HIS D 94 -32.99 -14.69 -50.50
C HIS D 94 -33.55 -13.33 -50.07
N ALA D 95 -34.48 -12.77 -50.83
CA ALA D 95 -34.97 -11.44 -50.56
C ALA D 95 -36.46 -11.34 -50.84
N LEU D 96 -37.07 -10.31 -50.28
CA LEU D 96 -38.49 -10.02 -50.46
C LEU D 96 -38.58 -8.58 -50.95
N LEU D 97 -39.43 -8.35 -51.95
CA LEU D 97 -39.51 -7.05 -52.60
C LEU D 97 -40.96 -6.69 -52.84
N ILE D 98 -41.37 -5.50 -52.39
CA ILE D 98 -42.73 -5.04 -52.66
C ILE D 98 -42.68 -3.72 -53.43
N PRO D 99 -43.03 -3.68 -54.71
CA PRO D 99 -43.14 -2.39 -55.42
C PRO D 99 -44.34 -1.59 -54.95
N SER D 100 -44.42 -0.35 -55.44
CA SER D 100 -45.45 0.61 -55.04
C SER D 100 -46.86 0.15 -55.40
N CYS D 101 -47.63 -0.18 -54.38
CA CYS D 101 -48.97 -0.75 -54.52
C CYS D 101 -49.94 0.06 -53.68
N PRO D 102 -50.63 1.04 -54.29
CA PRO D 102 -51.67 1.78 -53.55
C PRO D 102 -52.78 0.91 -52.98
N GLY D 103 -53.07 -0.23 -53.60
CA GLY D 103 -54.05 -1.21 -53.17
C GLY D 103 -53.65 -2.09 -52.03
N ALA D 104 -52.53 -1.77 -51.35
CA ALA D 104 -51.91 -2.62 -50.33
C ALA D 104 -52.84 -2.99 -49.19
N LEU D 105 -53.80 -2.11 -48.85
CA LEU D 105 -54.58 -2.25 -47.63
C LEU D 105 -55.40 -3.53 -47.57
N THR D 106 -56.07 -3.90 -48.66
CA THR D 106 -57.00 -5.00 -48.51
C THR D 106 -56.32 -6.36 -48.68
N ASP D 107 -55.61 -6.55 -49.79
CA ASP D 107 -54.97 -7.84 -50.02
C ASP D 107 -53.72 -8.00 -49.14
N LEU D 108 -52.75 -7.12 -49.30
CA LEU D 108 -51.40 -7.40 -48.79
C LEU D 108 -51.29 -7.09 -47.30
N ALA D 109 -51.92 -6.01 -46.85
CA ALA D 109 -51.96 -5.63 -45.45
C ALA D 109 -52.79 -6.58 -44.58
N SER D 110 -53.52 -7.51 -45.17
CA SER D 110 -54.33 -8.44 -44.40
C SER D 110 -53.95 -9.89 -44.64
N SER D 111 -52.89 -10.14 -45.41
CA SER D 111 -52.42 -11.50 -45.69
C SER D 111 -51.57 -11.96 -44.52
N GLY D 112 -52.15 -12.83 -43.67
CA GLY D 112 -51.40 -13.43 -42.57
C GLY D 112 -50.20 -14.24 -43.03
N SER D 113 -50.26 -14.78 -44.24
CA SER D 113 -49.13 -15.50 -44.79
C SER D 113 -47.97 -14.56 -45.07
N LEU D 114 -48.30 -13.35 -45.53
CA LEU D 114 -47.28 -12.34 -45.72
C LEU D 114 -46.68 -11.91 -44.39
N ALA D 115 -47.50 -11.89 -43.33
CA ALA D 115 -46.97 -11.63 -42.01
C ALA D 115 -46.00 -12.72 -41.59
N ARG D 116 -46.35 -14.00 -41.82
CA ARG D 116 -45.47 -15.10 -41.43
C ARG D 116 -44.16 -15.10 -42.20
N ILE D 117 -44.19 -14.70 -43.48
CA ILE D 117 -42.95 -14.59 -44.25
C ILE D 117 -42.13 -13.42 -43.74
N LEU D 118 -42.81 -12.35 -43.32
CA LEU D 118 -42.09 -11.23 -42.72
C LEU D 118 -41.45 -11.61 -41.39
N GLN D 119 -42.14 -12.37 -40.54
CA GLN D 119 -41.47 -12.76 -39.29
C GLN D 119 -40.33 -13.73 -39.54
N HIS D 120 -40.45 -14.60 -40.55
CA HIS D 120 -39.32 -15.43 -40.96
C HIS D 120 -38.12 -14.58 -41.35
N PHE D 121 -38.33 -13.68 -42.30
CA PHE D 121 -37.27 -12.82 -42.82
C PHE D 121 -36.76 -11.85 -41.76
N HIS D 122 -37.66 -11.33 -40.93
CA HIS D 122 -37.29 -10.45 -39.84
C HIS D 122 -36.40 -11.16 -38.83
N SER D 123 -36.80 -12.37 -38.43
CA SER D 123 -36.04 -13.10 -37.44
C SER D 123 -34.73 -13.60 -38.03
N GLU D 124 -34.70 -13.88 -39.33
CA GLU D 124 -33.49 -14.30 -40.01
C GLU D 124 -32.65 -13.10 -40.44
N SER D 125 -33.16 -11.89 -40.21
CA SER D 125 -32.51 -10.63 -40.57
C SER D 125 -32.06 -10.62 -42.04
N LYS D 126 -32.96 -11.09 -42.92
CA LYS D 126 -32.68 -11.18 -44.35
C LYS D 126 -33.12 -9.89 -45.05
N PRO D 127 -32.50 -9.53 -46.18
CA PRO D 127 -32.80 -8.23 -46.82
C PRO D 127 -34.22 -8.16 -47.38
N ILE D 128 -34.94 -7.13 -46.94
CA ILE D 128 -36.31 -6.85 -47.37
C ILE D 128 -36.32 -5.44 -47.94
N CYS D 129 -36.98 -5.26 -49.09
CA CYS D 129 -37.05 -3.97 -49.78
C CYS D 129 -38.48 -3.69 -50.20
N ALA D 130 -39.05 -2.61 -49.66
CA ALA D 130 -40.39 -2.17 -50.02
C ALA D 130 -40.37 -0.72 -50.50
N VAL D 131 -41.07 -0.45 -51.60
CA VAL D 131 -41.05 0.84 -52.25
C VAL D 131 -42.44 1.48 -52.10
N GLY D 132 -42.44 2.77 -51.77
CA GLY D 132 -43.61 3.64 -51.74
C GLY D 132 -44.89 3.18 -51.09
N HIS D 133 -45.94 3.10 -51.90
CA HIS D 133 -47.24 2.64 -51.44
C HIS D 133 -47.17 1.18 -51.00
N GLY D 134 -46.30 0.41 -51.65
CA GLY D 134 -45.98 -0.93 -51.20
C GLY D 134 -45.53 -1.03 -49.76
N VAL D 135 -44.93 0.05 -49.23
CA VAL D 135 -44.51 0.08 -47.83
C VAL D 135 -45.71 -0.09 -46.89
N ALA D 136 -46.89 0.38 -47.31
CA ALA D 136 -48.10 0.18 -46.52
C ALA D 136 -48.51 -1.28 -46.45
N ALA D 137 -48.03 -2.10 -47.39
CA ALA D 137 -48.28 -3.54 -47.41
C ALA D 137 -47.71 -4.22 -46.18
N LEU D 138 -46.71 -3.60 -45.53
CA LEU D 138 -46.11 -4.16 -44.32
C LEU D 138 -47.02 -4.04 -43.10
N CYS D 139 -48.22 -3.47 -43.26
CA CYS D 139 -49.19 -3.33 -42.18
C CYS D 139 -49.57 -4.67 -41.54
N CYS D 140 -49.61 -5.75 -42.33
CA CYS D 140 -49.96 -7.07 -41.82
C CYS D 140 -48.96 -7.65 -40.82
N ALA D 141 -47.73 -7.15 -40.78
CA ALA D 141 -46.68 -7.90 -40.11
C ALA D 141 -46.46 -7.52 -38.65
N THR D 142 -47.51 -7.42 -37.83
CA THR D 142 -47.28 -7.25 -36.40
C THR D 142 -46.73 -8.52 -35.77
N ASN D 143 -46.14 -8.38 -34.59
CA ASN D 143 -45.69 -9.53 -33.82
C ASN D 143 -46.87 -10.26 -33.20
N GLU D 144 -46.56 -11.14 -32.26
CA GLU D 144 -47.60 -11.80 -31.48
C GLU D 144 -48.30 -10.80 -30.58
N ASP D 145 -47.54 -9.88 -29.96
CA ASP D 145 -48.14 -8.69 -29.39
C ASP D 145 -48.34 -7.63 -30.47
N ARG D 146 -49.07 -6.56 -30.10
CA ARG D 146 -49.41 -5.47 -31.02
C ARG D 146 -48.21 -4.79 -31.65
N SER D 147 -47.06 -4.82 -30.97
CA SER D 147 -45.79 -4.32 -31.52
C SER D 147 -45.50 -4.89 -32.90
N TRP D 148 -45.15 -4.01 -33.82
CA TRP D 148 -44.75 -4.39 -35.17
C TRP D 148 -43.35 -4.98 -35.19
N VAL D 149 -43.11 -5.86 -36.16
CA VAL D 149 -41.79 -6.48 -36.26
C VAL D 149 -40.71 -5.47 -36.62
N PHE D 150 -41.06 -4.41 -37.31
CA PHE D 150 -40.07 -3.40 -37.63
C PHE D 150 -40.33 -2.13 -36.82
N ASP D 151 -40.72 -2.30 -35.55
CA ASP D 151 -40.77 -1.19 -34.61
C ASP D 151 -39.44 -0.45 -34.55
N SER D 152 -38.38 -1.16 -34.16
CA SER D 152 -37.11 -0.54 -33.84
C SER D 152 -36.38 -0.03 -35.07
N TYR D 153 -36.80 -0.42 -36.26
CA TYR D 153 -36.16 -0.01 -37.50
C TYR D 153 -36.60 1.39 -37.91
N SER D 154 -35.67 2.12 -38.53
CA SER D 154 -35.95 3.46 -39.07
C SER D 154 -36.19 3.32 -40.57
N LEU D 155 -37.25 3.96 -41.06
CA LEU D 155 -37.68 3.72 -42.43
C LEU D 155 -38.44 4.95 -42.93
N THR D 156 -38.86 4.90 -44.20
CA THR D 156 -39.81 5.87 -44.74
C THR D 156 -41.09 5.16 -45.17
N GLY D 157 -42.13 5.96 -45.35
CA GLY D 157 -43.45 5.51 -45.73
C GLY D 157 -43.91 6.42 -46.84
N PRO D 158 -45.11 6.20 -47.40
CA PRO D 158 -45.51 7.00 -48.58
C PRO D 158 -45.57 8.49 -48.31
N SER D 159 -46.33 8.89 -47.26
CA SER D 159 -46.32 10.09 -46.40
C SER D 159 -47.73 10.61 -46.30
N VAL D 160 -47.98 11.54 -45.39
CA VAL D 160 -49.24 12.28 -45.46
C VAL D 160 -49.20 13.24 -46.64
N CYS D 161 -48.02 13.82 -46.91
CA CYS D 161 -47.85 14.81 -47.97
C CYS D 161 -48.18 14.22 -49.34
N GLU D 162 -47.75 12.99 -49.58
CA GLU D 162 -48.12 12.31 -50.83
C GLU D 162 -49.61 12.03 -50.88
N LEU D 163 -50.18 11.58 -49.75
CA LEU D 163 -51.59 11.20 -49.74
C LEU D 163 -52.53 12.37 -49.95
N VAL D 164 -52.26 13.53 -49.34
CA VAL D 164 -53.19 14.66 -49.44
C VAL D 164 -53.33 15.20 -50.87
N ARG D 165 -52.30 15.01 -51.70
CA ARG D 165 -52.35 15.43 -53.10
C ARG D 165 -53.04 14.38 -53.96
N ALA D 166 -54.13 14.79 -54.63
CA ALA D 166 -55.06 13.91 -55.35
C ALA D 166 -55.61 12.82 -54.42
N PRO D 167 -56.18 13.19 -53.27
CA PRO D 167 -56.32 12.24 -52.16
C PRO D 167 -57.30 11.08 -52.19
N GLY D 168 -58.58 11.32 -52.47
CA GLY D 168 -59.59 10.31 -52.20
C GLY D 168 -59.63 9.80 -50.77
N PHE D 169 -59.54 10.70 -49.77
CA PHE D 169 -59.53 10.27 -48.37
C PHE D 169 -60.78 9.55 -47.92
N ALA D 170 -60.53 8.53 -47.09
CA ALA D 170 -61.48 7.65 -46.46
C ALA D 170 -60.74 7.01 -45.29
N ARG D 171 -61.38 6.03 -44.66
CA ARG D 171 -60.77 5.21 -43.62
C ARG D 171 -59.52 4.51 -44.18
N LEU D 172 -59.62 4.03 -45.43
CA LEU D 172 -58.52 3.34 -46.10
C LEU D 172 -57.28 4.20 -46.41
N PRO D 173 -57.37 5.45 -46.90
CA PRO D 173 -56.16 6.28 -46.93
C PRO D 173 -55.61 6.57 -45.55
N LEU D 174 -56.50 6.66 -44.55
CA LEU D 174 -56.09 6.99 -43.19
C LEU D 174 -55.14 5.93 -42.63
N VAL D 175 -55.54 4.66 -42.72
CA VAL D 175 -54.74 3.56 -42.15
C VAL D 175 -53.33 3.45 -42.74
N VAL D 176 -53.17 3.63 -44.06
CA VAL D 176 -51.90 3.29 -44.69
C VAL D 176 -50.76 4.20 -44.19
N GLU D 177 -51.00 5.51 -44.09
CA GLU D 177 -50.08 6.38 -43.38
C GLU D 177 -50.10 6.13 -41.87
N ASP D 178 -51.27 5.72 -41.34
CA ASP D 178 -51.43 5.56 -39.90
C ASP D 178 -50.50 4.48 -39.37
N PHE D 179 -50.24 3.44 -40.17
CA PHE D 179 -49.45 2.31 -39.68
C PHE D 179 -48.03 2.73 -39.29
N VAL D 180 -47.35 3.48 -40.14
CA VAL D 180 -46.05 4.04 -39.76
C VAL D 180 -46.24 5.07 -38.67
N LYS D 181 -47.35 5.80 -38.72
CA LYS D 181 -47.65 6.87 -37.78
C LYS D 181 -47.79 6.38 -36.34
N ASP D 182 -48.36 5.18 -36.12
CA ASP D 182 -48.58 4.68 -34.76
C ASP D 182 -47.28 4.40 -34.02
N SER D 183 -46.31 3.79 -34.67
CA SER D 183 -45.09 3.44 -33.97
C SER D 183 -44.16 4.62 -34.06
N GLY D 184 -43.89 5.24 -32.91
CA GLY D 184 -42.91 6.31 -32.84
C GLY D 184 -41.51 5.81 -33.14
N ALA D 185 -41.21 4.57 -32.75
CA ALA D 185 -39.94 3.96 -33.10
C ALA D 185 -39.81 3.83 -34.62
N CYS D 186 -40.91 3.55 -35.30
CA CYS D 186 -40.97 3.70 -36.74
C CYS D 186 -40.95 5.17 -37.12
N PHE D 187 -40.43 5.49 -38.30
CA PHE D 187 -40.31 6.87 -38.71
C PHE D 187 -40.94 7.10 -40.07
N SER D 188 -41.30 8.35 -40.33
CA SER D 188 -41.88 8.76 -41.60
C SER D 188 -41.20 10.04 -42.05
N ALA D 189 -40.75 10.07 -43.32
CA ALA D 189 -40.17 11.27 -43.92
C ALA D 189 -41.03 11.68 -45.11
N SER D 190 -41.42 12.95 -45.16
CA SER D 190 -42.35 13.44 -46.17
C SER D 190 -41.67 14.37 -47.17
N GLU D 191 -41.69 13.97 -48.44
CA GLU D 191 -41.28 14.72 -49.61
C GLU D 191 -42.41 14.55 -50.60
N PRO D 192 -42.88 15.63 -51.25
CA PRO D 192 -44.09 15.53 -52.09
C PRO D 192 -43.96 14.63 -53.31
N ASP D 193 -42.91 14.77 -54.10
CA ASP D 193 -42.71 13.97 -55.31
C ASP D 193 -41.21 13.75 -55.51
N ALA D 194 -40.57 13.11 -54.55
CA ALA D 194 -39.13 13.01 -54.60
C ALA D 194 -38.62 11.59 -54.33
N VAL D 195 -37.58 11.23 -55.10
CA VAL D 195 -36.83 9.99 -54.90
C VAL D 195 -36.29 9.95 -53.48
N HIS D 196 -36.68 8.93 -52.72
CA HIS D 196 -36.20 8.80 -51.35
C HIS D 196 -36.01 7.34 -51.00
N VAL D 197 -34.79 6.96 -50.63
CA VAL D 197 -34.43 5.58 -50.33
C VAL D 197 -33.79 5.52 -48.96
N VAL D 198 -34.24 4.55 -48.14
CA VAL D 198 -33.72 4.33 -46.80
C VAL D 198 -33.30 2.88 -46.68
N LEU D 199 -32.05 2.63 -46.31
CA LEU D 199 -31.54 1.28 -46.07
C LEU D 199 -31.01 1.30 -44.66
N ASP D 200 -31.75 0.67 -43.75
CA ASP D 200 -31.37 0.53 -42.35
C ASP D 200 -31.41 -0.96 -42.01
N ARG D 201 -30.23 -1.61 -42.01
CA ARG D 201 -29.93 -3.00 -41.62
C ARG D 201 -30.97 -3.95 -42.22
N HIS D 202 -30.85 -4.24 -43.51
N HIS D 202 -30.86 -4.24 -43.52
CA HIS D 202 -31.65 -5.21 -44.26
CA HIS D 202 -31.66 -5.20 -44.27
C HIS D 202 -33.09 -4.73 -44.48
C HIS D 202 -33.07 -4.72 -44.51
N LEU D 203 -33.43 -3.53 -44.05
CA LEU D 203 -34.73 -2.95 -44.38
C LEU D 203 -34.52 -1.77 -45.31
N VAL D 204 -35.10 -1.86 -46.49
CA VAL D 204 -35.06 -0.80 -47.48
C VAL D 204 -36.48 -0.33 -47.69
N THR D 205 -36.67 0.99 -47.62
CA THR D 205 -37.95 1.62 -47.86
C THR D 205 -37.78 2.75 -48.84
N GLY D 206 -38.64 2.77 -49.86
CA GLY D 206 -38.73 3.86 -50.79
C GLY D 206 -39.97 4.68 -50.47
N GLN D 207 -39.86 5.99 -50.62
CA GLN D 207 -41.00 6.84 -50.28
C GLN D 207 -42.12 6.77 -51.31
N ASN D 208 -41.79 6.64 -52.59
CA ASN D 208 -42.79 6.89 -53.61
C ASN D 208 -42.39 6.18 -54.89
N ALA D 209 -43.19 6.41 -55.94
CA ALA D 209 -42.99 5.76 -57.23
C ALA D 209 -41.68 6.17 -57.88
N SER D 210 -41.22 7.38 -57.62
CA SER D 210 -39.93 7.82 -58.15
C SER D 210 -38.78 7.08 -57.49
N SER D 211 -38.85 6.86 -56.18
CA SER D 211 -37.83 6.22 -55.35
C SER D 211 -37.42 4.78 -55.67
N THR D 212 -38.03 4.18 -56.69
CA THR D 212 -37.90 2.75 -56.90
C THR D 212 -36.50 2.32 -57.32
N VAL D 213 -35.88 3.05 -58.27
CA VAL D 213 -34.63 2.58 -58.86
C VAL D 213 -33.44 2.41 -57.92
N PRO D 214 -33.15 3.31 -56.94
CA PRO D 214 -31.99 2.99 -56.08
C PRO D 214 -32.31 1.95 -55.02
N ALA D 215 -33.56 1.95 -54.54
CA ALA D 215 -33.98 1.10 -53.44
C ALA D 215 -33.76 -0.37 -53.75
N VAL D 216 -34.22 -0.79 -54.92
CA VAL D 216 -34.08 -2.20 -55.26
C VAL D 216 -32.63 -2.47 -55.63
N GLN D 217 -31.93 -1.44 -56.16
CA GLN D 217 -30.49 -1.54 -56.39
C GLN D 217 -29.76 -1.76 -55.09
N ASN D 218 -30.27 -1.15 -54.01
CA ASN D 218 -29.67 -1.35 -52.70
C ASN D 218 -29.87 -2.79 -52.26
N LEU D 219 -31.10 -3.30 -52.46
CA LEU D 219 -31.36 -4.71 -52.27
C LEU D 219 -30.45 -5.55 -53.15
N LEU D 220 -30.24 -5.09 -54.40
CA LEU D 220 -29.32 -5.74 -55.31
C LEU D 220 -27.92 -5.75 -54.72
N PHE D 221 -27.56 -4.66 -54.06
CA PHE D 221 -26.27 -4.62 -53.40
C PHE D 221 -26.26 -5.54 -52.19
N LEU D 222 -27.37 -5.57 -51.45
CA LEU D 222 -27.52 -6.42 -50.27
C LEU D 222 -27.25 -7.88 -50.58
N CYS D 223 -27.77 -8.37 -51.71
CA CYS D 223 -27.54 -9.75 -52.14
C CYS D 223 -26.34 -9.87 -53.08
N GLY D 224 -25.47 -8.86 -53.11
CA GLY D 224 -24.31 -8.88 -53.98
C GLY D 224 -23.10 -9.51 -53.32
N HIS E 5 -42.42 -40.41 -8.95
CA HIS E 5 -41.42 -40.44 -10.01
C HIS E 5 -40.05 -39.98 -9.50
N HIS E 6 -39.40 -39.10 -10.25
CA HIS E 6 -38.12 -38.56 -9.82
C HIS E 6 -38.30 -37.73 -8.55
N HIS E 7 -37.46 -37.99 -7.57
CA HIS E 7 -37.61 -37.33 -6.29
C HIS E 7 -36.23 -37.05 -5.73
N HIS E 8 -36.13 -35.98 -4.95
CA HIS E 8 -34.89 -35.61 -4.29
C HIS E 8 -35.10 -35.59 -2.79
N LYS E 9 -34.25 -36.28 -2.05
CA LYS E 9 -34.50 -36.59 -0.65
C LYS E 9 -33.83 -35.54 0.23
N GLY E 10 -34.61 -34.87 1.09
CA GLY E 10 -34.07 -33.85 1.99
C GLY E 10 -34.38 -33.97 3.47
N LEU E 11 -33.34 -34.00 4.29
CA LEU E 11 -33.48 -34.08 5.74
C LEU E 11 -34.05 -32.81 6.35
N TYR E 12 -34.96 -32.95 7.31
CA TYR E 12 -35.62 -31.79 7.90
C TYR E 12 -35.58 -31.82 9.43
N PHE E 13 -35.06 -30.75 10.03
CA PHE E 13 -35.08 -30.51 11.48
C PHE E 13 -36.49 -30.25 11.95
N GLN E 14 -36.88 -30.86 13.08
CA GLN E 14 -38.17 -30.58 13.68
C GLN E 14 -37.96 -29.74 14.94
N GLN E 15 -38.73 -28.66 15.05
CA GLN E 15 -38.69 -27.77 16.22
C GLN E 15 -39.56 -28.31 17.35
N SER E 16 -38.94 -28.86 18.39
CA SER E 16 -39.69 -29.27 19.57
C SER E 16 -38.85 -29.02 20.81
N SER E 17 -39.55 -28.78 21.92
CA SER E 17 -39.07 -28.49 23.27
C SER E 17 -37.80 -27.65 23.35
N THR E 18 -37.76 -26.59 22.54
CA THR E 18 -36.74 -25.55 22.44
C THR E 18 -35.31 -25.95 22.03
N ASP E 19 -34.94 -27.24 22.06
CA ASP E 19 -33.62 -27.73 21.65
C ASP E 19 -33.50 -29.24 21.87
N GLU E 20 -32.46 -29.80 21.26
CA GLU E 20 -31.90 -31.14 21.46
C GLU E 20 -32.83 -32.27 21.04
N GLU E 21 -33.95 -31.97 20.38
CA GLU E 21 -34.91 -33.00 20.00
C GLU E 21 -35.05 -33.21 18.49
N ILE E 22 -34.06 -32.78 17.71
CA ILE E 22 -34.09 -32.99 16.26
C ILE E 22 -34.13 -34.48 15.93
N THR E 23 -34.99 -34.83 14.96
CA THR E 23 -35.16 -36.15 14.37
C THR E 23 -36.14 -35.94 13.23
N PHE E 24 -35.98 -36.75 12.18
CA PHE E 24 -36.92 -37.18 11.13
C PHE E 24 -36.11 -37.80 10.00
N VAL E 25 -36.75 -38.63 9.19
CA VAL E 25 -36.09 -39.15 8.01
C VAL E 25 -36.18 -38.09 6.92
N PHE E 26 -35.35 -38.23 5.91
CA PHE E 26 -35.43 -37.31 4.81
C PHE E 26 -36.71 -37.49 4.03
N GLN E 27 -37.33 -36.37 3.69
CA GLN E 27 -38.61 -36.29 3.00
C GLN E 27 -38.38 -35.89 1.55
N GLU E 28 -39.25 -36.39 0.69
CA GLU E 28 -39.14 -36.16 -0.73
C GLU E 28 -39.34 -34.70 -1.12
N LYS E 29 -38.70 -34.34 -2.22
CA LYS E 29 -38.95 -33.15 -3.01
C LYS E 29 -39.36 -33.65 -4.38
N GLU E 30 -40.52 -33.20 -4.86
CA GLU E 30 -41.08 -33.69 -6.10
C GLU E 30 -41.19 -32.55 -7.10
N ASP E 31 -40.60 -32.75 -8.28
CA ASP E 31 -40.69 -31.85 -9.44
C ASP E 31 -40.29 -30.41 -9.10
N LEU E 32 -39.22 -30.27 -8.33
CA LEU E 32 -38.77 -28.94 -7.95
C LEU E 32 -38.22 -28.21 -9.16
N PRO E 33 -38.72 -27.03 -9.48
CA PRO E 33 -38.16 -26.29 -10.61
C PRO E 33 -37.19 -25.25 -10.13
N VAL E 34 -36.54 -24.53 -11.04
CA VAL E 34 -35.68 -23.44 -10.60
C VAL E 34 -36.48 -22.14 -10.67
N THR E 35 -37.46 -22.01 -9.79
CA THR E 35 -38.14 -20.72 -9.77
C THR E 35 -37.39 -19.77 -8.86
N GLU E 36 -37.52 -18.47 -9.21
CA GLU E 36 -37.26 -17.19 -8.51
C GLU E 36 -36.24 -16.57 -9.47
N ASP E 37 -35.77 -15.34 -9.29
CA ASP E 37 -34.92 -14.80 -10.35
C ASP E 37 -33.50 -14.48 -9.93
N ASN E 38 -33.08 -14.87 -8.73
CA ASN E 38 -31.71 -14.68 -8.28
C ASN E 38 -31.23 -15.93 -7.58
N PHE E 39 -31.98 -17.01 -7.69
CA PHE E 39 -31.69 -18.28 -7.06
C PHE E 39 -31.31 -19.27 -8.15
N VAL E 40 -30.16 -19.90 -8.00
CA VAL E 40 -29.63 -20.82 -8.99
C VAL E 40 -29.74 -22.25 -8.49
N LYS E 41 -29.89 -23.15 -9.44
CA LYS E 41 -29.97 -24.57 -9.18
C LYS E 41 -28.61 -25.20 -9.42
N LEU E 42 -28.14 -25.93 -8.42
CA LEU E 42 -26.87 -26.62 -8.33
C LEU E 42 -27.07 -28.12 -8.35
N GLN E 43 -26.19 -28.81 -9.04
CA GLN E 43 -25.96 -30.22 -8.74
C GLN E 43 -25.00 -30.26 -7.57
N VAL E 44 -25.54 -30.58 -6.40
CA VAL E 44 -24.75 -30.59 -5.18
C VAL E 44 -23.80 -31.76 -5.23
N LYS E 45 -22.52 -31.50 -5.01
CA LYS E 45 -21.56 -32.59 -4.91
C LYS E 45 -21.17 -32.93 -3.48
N ALA E 46 -21.24 -31.98 -2.55
CA ALA E 46 -20.79 -32.25 -1.20
C ALA E 46 -21.50 -31.32 -0.24
N CYS E 47 -21.81 -31.87 0.94
CA CYS E 47 -22.54 -31.18 1.99
C CYS E 47 -21.84 -31.46 3.31
N ALA E 48 -21.40 -30.43 3.98
CA ALA E 48 -20.75 -30.64 5.25
C ALA E 48 -21.79 -30.53 6.34
N LEU E 49 -21.54 -31.25 7.43
CA LEU E 49 -22.45 -31.24 8.56
C LEU E 49 -21.87 -30.37 9.66
N SER E 50 -22.76 -29.63 10.32
CA SER E 50 -22.40 -28.84 11.47
C SER E 50 -23.50 -29.00 12.51
N GLN E 51 -23.11 -28.93 13.78
CA GLN E 51 -24.10 -28.90 14.85
C GLN E 51 -25.03 -27.71 14.64
N ILE E 52 -26.31 -27.96 14.74
CA ILE E 52 -27.28 -26.92 14.46
C ILE E 52 -27.37 -26.05 15.69
N ASN E 53 -27.15 -24.75 15.54
CA ASN E 53 -27.37 -23.86 16.67
C ASN E 53 -28.87 -23.62 16.75
N THR E 54 -29.55 -24.53 17.45
CA THR E 54 -31.01 -24.56 17.48
C THR E 54 -31.57 -23.38 18.25
N LYS E 55 -30.91 -23.01 19.36
CA LYS E 55 -31.35 -21.89 20.17
C LYS E 55 -31.39 -20.62 19.35
N LEU E 56 -30.39 -20.45 18.49
CA LEU E 56 -30.41 -19.33 17.55
C LEU E 56 -31.57 -19.41 16.57
N LEU E 57 -31.96 -20.62 16.14
CA LEU E 57 -33.16 -20.74 15.32
C LEU E 57 -34.41 -20.35 16.07
N ALA E 58 -34.48 -20.71 17.35
CA ALA E 58 -35.66 -20.44 18.17
C ALA E 58 -35.84 -18.96 18.44
N GLU E 59 -34.77 -18.28 18.87
CA GLU E 59 -34.86 -16.82 19.03
C GLU E 59 -34.91 -16.09 17.70
N MET E 60 -34.38 -16.70 16.63
CA MET E 60 -34.54 -16.16 15.28
C MET E 60 -36.00 -16.25 14.84
N LYS E 61 -36.71 -17.27 15.32
CA LYS E 61 -38.18 -17.35 15.33
C LYS E 61 -38.85 -17.59 13.98
N MET E 62 -38.28 -18.39 13.09
CA MET E 62 -39.17 -18.66 11.96
C MET E 62 -40.02 -19.86 12.32
N LYS E 63 -41.22 -19.94 11.72
CA LYS E 63 -42.33 -20.70 12.26
C LYS E 63 -42.52 -22.04 11.59
N LYS E 64 -41.45 -22.62 11.09
CA LYS E 64 -41.61 -23.83 10.31
C LYS E 64 -41.69 -25.03 11.24
N ASP E 65 -42.39 -26.06 10.78
CA ASP E 65 -42.34 -27.32 11.50
C ASP E 65 -41.12 -28.11 11.09
N LEU E 66 -40.74 -28.00 9.83
CA LEU E 66 -39.54 -28.61 9.29
C LEU E 66 -38.59 -27.51 8.83
N PHE E 67 -37.38 -27.62 9.25
CA PHE E 67 -36.30 -26.72 8.90
C PHE E 67 -35.33 -27.46 7.99
N PRO E 68 -34.82 -26.81 6.96
CA PRO E 68 -33.87 -27.47 6.06
C PRO E 68 -32.55 -27.78 6.74
N VAL E 69 -31.96 -28.90 6.36
CA VAL E 69 -30.74 -29.40 6.96
C VAL E 69 -29.63 -29.38 5.94
N GLY E 70 -28.42 -29.06 6.37
CA GLY E 70 -27.28 -29.01 5.49
C GLY E 70 -27.13 -27.61 4.96
N ARG E 71 -25.98 -26.99 5.19
CA ARG E 71 -25.78 -25.63 4.71
C ARG E 71 -24.44 -25.38 4.05
N GLU E 72 -23.47 -26.26 4.17
CA GLU E 72 -22.12 -26.02 3.68
C GLU E 72 -21.97 -26.85 2.41
N ILE E 73 -22.13 -26.21 1.25
CA ILE E 73 -22.36 -26.97 0.03
C ILE E 73 -21.26 -26.67 -0.97
N ALA E 74 -20.92 -27.67 -1.77
CA ALA E 74 -20.13 -27.51 -2.96
C ALA E 74 -20.81 -28.24 -4.10
N GLY E 75 -20.84 -27.62 -5.27
CA GLY E 75 -21.47 -28.29 -6.39
C GLY E 75 -21.26 -27.58 -7.70
N ILE E 76 -21.99 -28.04 -8.71
CA ILE E 76 -21.87 -27.57 -10.08
C ILE E 76 -23.17 -26.89 -10.47
N VAL E 77 -23.06 -25.74 -11.12
CA VAL E 77 -24.23 -24.93 -11.45
C VAL E 77 -25.01 -25.59 -12.57
N LEU E 78 -26.24 -26.00 -12.27
CA LEU E 78 -27.06 -26.58 -13.33
C LEU E 78 -27.69 -25.48 -14.17
N ASP E 79 -28.40 -24.55 -13.53
CA ASP E 79 -29.00 -23.46 -14.30
C ASP E 79 -29.27 -22.26 -13.41
N VAL E 80 -29.49 -21.11 -14.05
CA VAL E 80 -29.59 -19.83 -13.36
C VAL E 80 -30.89 -19.12 -13.71
N GLY E 81 -31.34 -18.26 -12.80
CA GLY E 81 -32.45 -17.39 -13.10
C GLY E 81 -32.02 -16.27 -14.03
N SER E 82 -33.00 -15.52 -14.54
CA SER E 82 -32.74 -14.53 -15.58
C SER E 82 -31.90 -13.35 -15.10
N LYS E 83 -31.95 -13.02 -13.82
CA LYS E 83 -31.25 -11.83 -13.34
C LYS E 83 -29.87 -12.15 -12.85
N VAL E 84 -29.48 -13.43 -12.91
CA VAL E 84 -28.18 -13.87 -12.46
C VAL E 84 -27.10 -13.22 -13.32
N SER E 85 -26.07 -12.69 -12.67
CA SER E 85 -25.01 -12.01 -13.39
C SER E 85 -23.66 -12.67 -13.24
N PHE E 86 -23.31 -13.16 -12.06
CA PHE E 86 -21.97 -13.66 -11.82
C PHE E 86 -21.80 -15.12 -12.20
N PHE E 87 -22.85 -15.80 -12.63
CA PHE E 87 -22.75 -17.25 -12.74
C PHE E 87 -23.43 -17.76 -13.99
N GLN E 88 -22.82 -18.78 -14.59
CA GLN E 88 -23.30 -19.49 -15.76
C GLN E 88 -23.45 -20.97 -15.44
N PRO E 89 -24.30 -21.68 -16.18
CA PRO E 89 -24.40 -23.14 -16.00
C PRO E 89 -23.09 -23.83 -16.28
N ASP E 90 -22.93 -25.00 -15.64
CA ASP E 90 -21.77 -25.90 -15.59
C ASP E 90 -20.65 -25.34 -14.72
N ASP E 91 -20.79 -24.11 -14.22
CA ASP E 91 -19.78 -23.55 -13.34
C ASP E 91 -19.73 -24.30 -12.02
N GLU E 92 -18.58 -24.23 -11.37
CA GLU E 92 -18.28 -25.00 -10.17
C GLU E 92 -18.15 -24.06 -8.99
N VAL E 93 -19.11 -24.08 -8.08
CA VAL E 93 -19.13 -23.11 -6.99
C VAL E 93 -19.29 -23.85 -5.66
N VAL E 94 -19.03 -23.11 -4.59
CA VAL E 94 -19.04 -23.60 -3.21
C VAL E 94 -19.60 -22.45 -2.40
N GLY E 95 -20.21 -22.79 -1.26
CA GLY E 95 -20.87 -21.72 -0.52
C GLY E 95 -21.58 -22.23 0.71
N ILE E 96 -22.11 -21.28 1.45
CA ILE E 96 -22.88 -21.54 2.63
C ILE E 96 -24.34 -21.30 2.30
N LEU E 97 -25.19 -22.28 2.54
CA LEU E 97 -26.61 -21.98 2.47
C LEU E 97 -26.98 -21.05 3.63
N PRO E 98 -27.92 -20.14 3.41
CA PRO E 98 -28.35 -19.26 4.49
C PRO E 98 -29.03 -20.05 5.58
N LEU E 99 -29.12 -19.43 6.74
CA LEU E 99 -29.77 -20.09 7.87
C LEU E 99 -31.25 -20.25 7.63
N ASP E 100 -31.87 -19.31 6.95
CA ASP E 100 -33.29 -19.38 6.60
C ASP E 100 -33.50 -19.89 5.18
N SER E 101 -32.69 -20.85 4.76
CA SER E 101 -32.81 -21.43 3.43
C SER E 101 -34.16 -22.07 3.19
N GLU E 102 -34.65 -21.93 1.97
CA GLU E 102 -35.85 -22.69 1.62
C GLU E 102 -35.51 -24.16 1.45
N ASP E 103 -34.34 -24.47 0.90
CA ASP E 103 -34.04 -25.85 0.53
C ASP E 103 -32.91 -26.44 1.36
N PRO E 104 -32.99 -27.73 1.69
CA PRO E 104 -31.93 -28.34 2.49
C PRO E 104 -30.65 -28.55 1.70
N GLY E 105 -29.55 -28.60 2.44
CA GLY E 105 -28.28 -28.96 1.84
C GLY E 105 -28.11 -30.44 1.67
N LEU E 106 -28.76 -31.23 2.52
CA LEU E 106 -28.82 -32.68 2.34
C LEU E 106 -29.80 -32.99 1.23
N CYS E 107 -29.36 -32.76 0.00
CA CYS E 107 -30.09 -33.04 -1.24
C CYS E 107 -29.12 -32.83 -2.39
N GLU E 108 -29.35 -33.56 -3.48
CA GLU E 108 -28.38 -33.58 -4.57
C GLU E 108 -28.48 -32.38 -5.51
N VAL E 109 -29.57 -31.62 -5.45
CA VAL E 109 -29.72 -30.36 -6.17
C VAL E 109 -30.15 -29.31 -5.18
N VAL E 110 -29.83 -28.05 -5.47
CA VAL E 110 -30.23 -27.01 -4.53
C VAL E 110 -30.51 -25.71 -5.27
N ARG E 111 -31.54 -25.03 -4.81
CA ARG E 111 -31.84 -23.66 -5.18
C ARG E 111 -31.31 -22.75 -4.09
N VAL E 112 -30.45 -21.82 -4.48
CA VAL E 112 -29.77 -20.97 -3.52
C VAL E 112 -29.49 -19.62 -4.14
N HIS E 113 -29.56 -18.58 -3.30
CA HIS E 113 -29.25 -17.22 -3.73
C HIS E 113 -27.83 -17.18 -4.25
N GLU E 114 -27.62 -16.39 -5.30
CA GLU E 114 -26.37 -16.48 -6.01
C GLU E 114 -25.20 -15.87 -5.23
N HIS E 115 -25.46 -14.94 -4.32
CA HIS E 115 -24.41 -14.27 -3.60
C HIS E 115 -24.04 -15.01 -2.33
N TYR E 116 -24.48 -16.24 -2.20
CA TYR E 116 -23.93 -17.12 -1.21
C TYR E 116 -22.90 -18.03 -1.81
N LEU E 117 -22.59 -17.88 -3.09
CA LEU E 117 -21.70 -18.81 -3.76
C LEU E 117 -20.41 -18.13 -4.18
N VAL E 118 -19.36 -18.92 -4.31
CA VAL E 118 -18.09 -18.50 -4.88
C VAL E 118 -17.53 -19.64 -5.71
N HIS E 119 -16.76 -19.29 -6.73
CA HIS E 119 -16.20 -20.30 -7.62
C HIS E 119 -15.16 -21.15 -6.92
N LYS E 120 -15.11 -22.40 -7.30
CA LYS E 120 -14.12 -23.27 -6.69
C LYS E 120 -12.83 -23.15 -7.46
N PRO E 121 -11.73 -22.88 -6.79
CA PRO E 121 -10.43 -22.95 -7.45
C PRO E 121 -10.12 -24.38 -7.86
N GLU E 122 -9.50 -24.52 -9.02
CA GLU E 122 -9.29 -25.80 -9.67
C GLU E 122 -8.46 -26.79 -8.86
N LYS E 123 -7.64 -26.36 -7.93
CA LYS E 123 -6.76 -27.31 -7.28
C LYS E 123 -7.45 -28.11 -6.17
N VAL E 124 -8.53 -27.59 -5.60
CA VAL E 124 -9.15 -28.22 -4.44
C VAL E 124 -10.32 -29.11 -4.85
N THR E 125 -10.40 -30.27 -4.22
CA THR E 125 -11.53 -31.16 -4.47
C THR E 125 -12.80 -30.63 -3.81
N TRP E 126 -13.89 -31.29 -4.17
CA TRP E 126 -15.22 -30.96 -3.65
C TRP E 126 -15.32 -31.15 -2.15
N THR E 127 -14.90 -32.31 -1.65
CA THR E 127 -15.19 -32.66 -0.27
C THR E 127 -14.36 -31.85 0.70
N GLU E 128 -13.10 -31.55 0.35
CA GLU E 128 -12.27 -30.74 1.23
C GLU E 128 -12.78 -29.32 1.30
N ALA E 129 -13.11 -28.76 0.15
CA ALA E 129 -13.57 -27.39 0.08
C ALA E 129 -14.85 -27.24 0.88
N ALA E 130 -15.81 -28.10 0.59
CA ALA E 130 -17.08 -28.05 1.27
C ALA E 130 -16.93 -28.32 2.74
N GLY E 131 -15.94 -29.10 3.13
CA GLY E 131 -15.81 -29.24 4.55
C GLY E 131 -15.04 -28.12 5.17
N SER E 132 -14.53 -27.20 4.36
CA SER E 132 -13.73 -26.14 4.90
C SER E 132 -14.45 -24.83 4.97
N ILE E 133 -15.56 -24.69 4.26
CA ILE E 133 -16.17 -23.38 4.09
C ILE E 133 -16.60 -22.76 5.41
N ARG E 134 -17.14 -23.55 6.30
CA ARG E 134 -17.81 -22.91 7.42
C ARG E 134 -16.81 -22.55 8.49
N ASP E 135 -15.93 -23.48 8.80
CA ASP E 135 -14.88 -23.17 9.75
C ASP E 135 -13.87 -22.19 9.17
N GLY E 136 -13.68 -22.19 7.85
CA GLY E 136 -12.85 -21.19 7.25
C GLY E 136 -13.40 -19.79 7.44
N VAL E 137 -14.72 -19.65 7.32
CA VAL E 137 -15.26 -18.30 7.41
C VAL E 137 -15.34 -17.86 8.86
N ARG E 138 -15.80 -18.70 9.79
CA ARG E 138 -15.90 -18.26 11.18
C ARG E 138 -14.52 -17.99 11.75
N ALA E 139 -13.53 -18.78 11.36
CA ALA E 139 -12.15 -18.49 11.75
C ALA E 139 -11.65 -17.20 11.14
N TYR E 140 -11.92 -16.97 9.86
CA TYR E 140 -11.45 -15.77 9.19
C TYR E 140 -12.14 -14.55 9.76
N THR E 141 -13.39 -14.74 10.15
CA THR E 141 -14.12 -13.76 10.94
C THR E 141 -13.44 -13.47 12.24
N ALA E 142 -13.04 -14.51 12.95
CA ALA E 142 -12.46 -14.34 14.26
C ALA E 142 -11.13 -13.62 14.19
N LEU E 143 -10.31 -13.98 13.23
CA LEU E 143 -8.97 -13.45 13.16
C LEU E 143 -8.82 -12.25 12.25
N HIS E 144 -9.85 -11.78 11.58
CA HIS E 144 -9.59 -10.62 10.77
C HIS E 144 -10.58 -9.48 10.91
N TYR E 145 -11.71 -9.67 11.56
CA TYR E 145 -12.60 -8.54 11.75
C TYR E 145 -12.77 -8.21 13.21
N LEU E 146 -13.14 -9.19 14.01
CA LEU E 146 -13.29 -8.98 15.44
C LEU E 146 -11.96 -8.72 16.11
N SER E 147 -10.94 -9.49 15.73
CA SER E 147 -9.59 -9.34 16.26
C SER E 147 -8.67 -9.05 15.10
N HIS E 148 -7.73 -8.18 15.29
CA HIS E 148 -6.94 -7.70 14.17
C HIS E 148 -5.54 -8.26 14.27
N LEU E 149 -5.20 -9.16 13.37
CA LEU E 149 -3.88 -9.76 13.41
C LEU E 149 -2.86 -8.87 12.74
N SER E 150 -1.62 -9.21 13.01
CA SER E 150 -0.38 -8.70 12.46
C SER E 150 0.67 -9.61 13.04
N PRO E 151 1.72 -9.95 12.30
CA PRO E 151 2.82 -10.73 12.87
C PRO E 151 3.43 -10.05 14.08
N GLY E 152 3.74 -10.85 15.08
CA GLY E 152 4.31 -10.40 16.32
C GLY E 152 3.34 -10.44 17.48
N LYS E 153 2.04 -10.37 17.20
CA LYS E 153 1.06 -10.51 18.24
C LYS E 153 0.98 -11.96 18.67
N SER E 154 0.63 -12.17 19.92
CA SER E 154 0.50 -13.50 20.48
C SER E 154 -0.95 -13.92 20.48
N VAL E 155 -1.22 -15.11 19.97
CA VAL E 155 -2.57 -15.60 19.83
C VAL E 155 -2.72 -16.88 20.63
N LEU E 156 -3.75 -16.93 21.44
CA LEU E 156 -4.16 -18.12 22.16
C LEU E 156 -5.39 -18.69 21.48
N ILE E 157 -5.29 -19.93 21.03
CA ILE E 157 -6.39 -20.63 20.42
C ILE E 157 -6.82 -21.69 21.40
N MET E 158 -7.92 -21.49 22.10
CA MET E 158 -8.30 -22.48 23.08
C MET E 158 -9.16 -23.54 22.43
N ASP E 159 -8.90 -24.79 22.81
CA ASP E 159 -9.31 -26.00 22.08
C ASP E 159 -9.03 -25.85 20.59
N GLY E 160 -7.75 -25.66 20.29
CA GLY E 160 -7.29 -25.59 18.92
C GLY E 160 -7.23 -26.92 18.22
N ALA E 161 -7.30 -28.00 18.98
CA ALA E 161 -7.21 -29.32 18.38
C ALA E 161 -8.48 -29.71 17.64
N SER E 162 -9.60 -29.04 17.90
CA SER E 162 -10.85 -29.40 17.24
C SER E 162 -10.81 -29.02 15.77
N ALA E 163 -11.90 -29.38 15.08
CA ALA E 163 -12.02 -29.14 13.64
C ALA E 163 -11.87 -27.67 13.29
N PHE E 164 -12.45 -26.79 14.11
CA PHE E 164 -12.35 -25.36 13.87
C PHE E 164 -10.94 -24.87 14.14
N GLY E 165 -10.35 -25.38 15.22
CA GLY E 165 -9.06 -24.90 15.67
C GLY E 165 -7.94 -25.06 14.66
N THR E 166 -7.98 -26.12 13.86
CA THR E 166 -6.93 -26.31 12.86
C THR E 166 -6.92 -25.19 11.85
N ILE E 167 -8.10 -24.72 11.48
CA ILE E 167 -8.16 -23.60 10.56
C ILE E 167 -7.78 -22.33 11.27
N ALA E 168 -8.12 -22.22 12.56
CA ALA E 168 -7.76 -21.00 13.28
C ALA E 168 -6.24 -20.89 13.44
N ILE E 169 -5.60 -21.98 13.80
CA ILE E 169 -4.15 -22.02 13.96
C ILE E 169 -3.45 -21.74 12.65
N GLN E 170 -3.84 -22.46 11.59
CA GLN E 170 -3.19 -22.26 10.31
C GLN E 170 -3.41 -20.86 9.76
N LEU E 171 -4.56 -20.25 10.03
CA LEU E 171 -4.72 -18.86 9.65
C LEU E 171 -3.77 -17.99 10.45
N ALA E 172 -3.57 -18.29 11.72
CA ALA E 172 -2.73 -17.43 12.54
C ALA E 172 -1.27 -17.52 12.12
N HIS E 173 -0.79 -18.74 11.87
CA HIS E 173 0.56 -18.95 11.35
C HIS E 173 0.74 -18.33 9.98
N HIS E 174 -0.30 -18.39 9.15
CA HIS E 174 -0.24 -17.75 7.86
C HIS E 174 -0.16 -16.25 7.96
N ARG E 175 -0.60 -15.69 9.07
CA ARG E 175 -0.46 -14.26 9.31
C ARG E 175 0.66 -13.96 10.27
N GLY E 176 1.61 -14.88 10.41
CA GLY E 176 2.79 -14.65 11.20
C GLY E 176 2.57 -14.57 12.69
N ALA E 177 1.45 -15.05 13.18
CA ALA E 177 1.24 -15.03 14.61
C ALA E 177 1.94 -16.20 15.28
N LYS E 178 2.32 -15.99 16.53
CA LYS E 178 2.78 -17.05 17.40
C LYS E 178 1.61 -17.56 18.23
N VAL E 179 1.45 -18.88 18.28
CA VAL E 179 0.24 -19.48 18.81
C VAL E 179 0.54 -20.30 20.05
N ILE E 180 -0.23 -20.06 21.09
CA ILE E 180 -0.39 -20.99 22.20
C ILE E 180 -1.76 -21.66 22.10
N SER E 181 -1.78 -22.97 22.19
CA SER E 181 -3.01 -23.70 22.00
C SER E 181 -3.23 -24.71 23.12
N THR E 182 -4.50 -24.91 23.44
CA THR E 182 -4.86 -25.79 24.53
C THR E 182 -5.36 -27.09 23.95
N ALA E 183 -4.93 -28.18 24.53
CA ALA E 183 -5.40 -29.48 24.10
C ALA E 183 -6.01 -30.21 25.27
N CYS E 184 -7.09 -30.94 25.00
CA CYS E 184 -7.84 -31.61 26.05
C CYS E 184 -7.44 -33.09 26.15
N SER E 185 -7.51 -33.84 25.06
CA SER E 185 -6.98 -35.18 25.18
C SER E 185 -5.48 -35.18 24.93
N LEU E 186 -4.81 -36.22 25.47
CA LEU E 186 -3.43 -36.51 25.12
C LEU E 186 -3.27 -36.66 23.61
N GLU E 187 -4.22 -37.33 22.97
CA GLU E 187 -4.19 -37.49 21.53
C GLU E 187 -4.33 -36.15 20.83
N ASP E 188 -5.04 -35.22 21.46
CA ASP E 188 -5.11 -33.87 20.90
C ASP E 188 -3.79 -33.13 21.02
N LYS E 189 -3.05 -33.37 22.11
CA LYS E 189 -1.69 -32.85 22.19
C LYS E 189 -0.83 -33.45 21.11
N GLN E 190 -1.02 -34.74 20.84
CA GLN E 190 -0.29 -35.42 19.78
C GLN E 190 -0.60 -34.80 18.42
N CYS E 191 -1.86 -34.40 18.21
CA CYS E 191 -2.23 -33.70 16.97
C CYS E 191 -1.52 -32.36 16.85
N LEU E 192 -1.43 -31.62 17.95
CA LEU E 192 -0.65 -30.39 17.93
C LEU E 192 0.82 -30.67 17.65
N GLU E 193 1.34 -31.78 18.16
CA GLU E 193 2.69 -32.20 17.77
C GLU E 193 2.77 -32.50 16.27
N ARG E 194 1.72 -33.11 15.73
CA ARG E 194 1.66 -33.45 14.32
C ARG E 194 1.58 -32.25 13.37
N PHE E 195 1.23 -31.04 13.82
CA PHE E 195 1.25 -29.89 12.92
C PHE E 195 2.61 -29.70 12.25
N ARG E 196 2.57 -29.61 10.93
CA ARG E 196 3.78 -29.29 10.16
C ARG E 196 4.34 -27.93 10.57
N PRO E 197 3.58 -26.84 10.71
CA PRO E 197 4.20 -25.68 11.29
C PRO E 197 4.41 -25.94 12.76
N PRO E 198 5.49 -25.52 13.32
CA PRO E 198 5.67 -25.76 14.75
C PRO E 198 5.07 -24.64 15.56
N ILE E 199 4.03 -24.97 16.31
CA ILE E 199 3.39 -23.99 17.16
C ILE E 199 4.28 -23.72 18.35
N ALA E 200 4.16 -22.53 18.93
CA ALA E 200 5.07 -22.09 19.99
C ALA E 200 5.01 -22.99 21.20
N ARG E 201 3.81 -23.30 21.66
CA ARG E 201 3.71 -24.11 22.84
C ARG E 201 2.41 -24.88 22.77
N VAL E 202 2.37 -26.00 23.46
CA VAL E 202 1.16 -26.76 23.67
C VAL E 202 0.89 -26.72 25.14
N ILE E 203 -0.28 -26.28 25.52
CA ILE E 203 -0.61 -26.20 26.92
C ILE E 203 -1.70 -27.23 27.19
N ASP E 204 -1.50 -28.03 28.22
CA ASP E 204 -2.33 -29.17 28.51
C ASP E 204 -3.25 -28.90 29.69
N VAL E 205 -4.55 -29.10 29.46
CA VAL E 205 -5.56 -29.02 30.50
C VAL E 205 -6.04 -30.43 30.87
N SER E 206 -5.39 -31.46 30.32
CA SER E 206 -5.76 -32.85 30.55
C SER E 206 -5.65 -33.22 32.03
N ASN E 207 -4.62 -32.72 32.71
CA ASN E 207 -4.46 -33.01 34.12
C ASN E 207 -5.54 -32.31 34.93
N GLY E 208 -5.77 -32.87 36.12
CA GLY E 208 -6.75 -32.31 37.03
C GLY E 208 -6.40 -30.90 37.43
N LYS E 209 -5.12 -30.63 37.62
CA LYS E 209 -4.69 -29.27 37.81
C LYS E 209 -4.88 -28.50 36.51
N VAL E 210 -5.41 -27.29 36.62
CA VAL E 210 -5.64 -26.44 35.46
C VAL E 210 -4.64 -25.31 35.60
N HIS E 211 -3.75 -25.20 34.62
CA HIS E 211 -2.65 -24.27 34.65
C HIS E 211 -2.63 -23.45 33.39
N VAL E 212 -3.81 -23.12 32.87
CA VAL E 212 -3.89 -22.41 31.60
C VAL E 212 -3.31 -21.00 31.71
N ALA E 213 -3.67 -20.27 32.76
CA ALA E 213 -3.22 -18.89 32.89
C ALA E 213 -1.74 -18.81 33.22
N GLU E 214 -1.30 -19.61 34.18
CA GLU E 214 0.05 -19.50 34.72
C GLU E 214 1.07 -19.89 33.68
N SER E 215 0.86 -21.06 33.06
CA SER E 215 1.77 -21.56 32.05
C SER E 215 1.71 -20.71 30.79
N CYS E 216 0.51 -20.31 30.38
CA CYS E 216 0.41 -19.49 29.18
C CYS E 216 1.06 -18.13 29.41
N LEU E 217 0.87 -17.55 30.60
CA LEU E 217 1.48 -16.28 30.93
C LEU E 217 2.98 -16.35 30.93
N GLU E 218 3.54 -17.44 31.47
CA GLU E 218 4.99 -17.53 31.47
C GLU E 218 5.53 -17.80 30.08
N GLU E 219 4.73 -18.39 29.19
CA GLU E 219 5.14 -18.45 27.79
C GLU E 219 5.27 -17.07 27.17
N THR E 220 4.40 -16.14 27.55
CA THR E 220 4.59 -14.79 27.09
C THR E 220 5.53 -14.03 27.99
N GLY E 221 6.02 -14.66 29.05
CA GLY E 221 6.99 -14.07 29.96
C GLY E 221 6.53 -12.82 30.65
N GLY E 222 5.26 -12.77 31.03
CA GLY E 222 4.74 -11.56 31.57
C GLY E 222 4.27 -10.54 30.57
N LEU E 223 4.51 -10.75 29.27
CA LEU E 223 4.05 -9.76 28.32
C LEU E 223 2.55 -9.89 28.11
N GLY E 224 2.04 -11.09 28.13
CA GLY E 224 0.62 -11.30 28.04
C GLY E 224 0.20 -11.69 26.65
N VAL E 225 -0.96 -12.29 26.55
CA VAL E 225 -1.47 -12.81 25.29
C VAL E 225 -2.40 -11.77 24.71
N ASP E 226 -2.24 -11.47 23.42
CA ASP E 226 -3.12 -10.48 22.82
C ASP E 226 -4.47 -11.04 22.36
N ILE E 227 -4.51 -12.19 21.71
CA ILE E 227 -5.74 -12.56 21.03
C ILE E 227 -6.16 -13.93 21.52
N VAL E 228 -7.19 -13.98 22.33
CA VAL E 228 -7.69 -15.25 22.86
C VAL E 228 -9.02 -15.60 22.20
N LEU E 229 -8.97 -16.49 21.21
CA LEU E 229 -10.17 -17.06 20.58
C LEU E 229 -10.73 -18.18 21.45
N ASP E 230 -11.26 -17.81 22.61
CA ASP E 230 -11.73 -18.86 23.49
C ASP E 230 -12.99 -19.55 22.97
N ALA E 231 -12.97 -20.89 23.06
CA ALA E 231 -14.11 -21.69 22.64
C ALA E 231 -15.30 -21.49 23.58
N GLY E 232 -15.05 -21.48 24.88
CA GLY E 232 -16.14 -21.33 25.81
C GLY E 232 -15.61 -20.87 27.14
N VAL E 233 -16.53 -20.48 28.01
CA VAL E 233 -16.16 -20.01 29.33
C VAL E 233 -16.82 -20.94 30.34
N ARG E 234 -16.15 -21.19 31.46
CA ARG E 234 -16.67 -22.05 32.52
C ARG E 234 -17.55 -21.28 33.48
N LEU E 235 -17.75 -19.99 33.20
CA LEU E 235 -18.55 -19.12 34.05
C LEU E 235 -20.01 -19.58 34.10
N TYR E 236 -20.67 -19.26 35.21
CA TYR E 236 -22.08 -19.39 35.63
C TYR E 236 -22.39 -20.81 36.10
N SER E 237 -21.44 -21.72 36.05
CA SER E 237 -21.63 -23.04 36.65
C SER E 237 -20.63 -23.31 37.76
N LYS E 238 -19.88 -22.30 38.19
CA LYS E 238 -18.79 -22.48 39.16
C LYS E 238 -19.29 -22.98 40.51
N ASP E 239 -20.39 -22.42 41.00
CA ASP E 239 -20.92 -22.78 42.32
C ASP E 239 -22.17 -23.63 42.23
N ASP E 240 -22.89 -23.58 41.12
CA ASP E 240 -24.12 -24.33 40.97
C ASP E 240 -23.96 -25.27 39.79
N GLU E 241 -24.19 -26.57 40.06
CA GLU E 241 -24.07 -27.67 39.12
C GLU E 241 -22.76 -27.62 38.34
N PRO E 242 -21.61 -27.87 38.98
CA PRO E 242 -20.34 -27.77 38.26
C PRO E 242 -20.29 -28.73 37.09
N ALA E 243 -19.64 -28.28 36.00
CA ALA E 243 -19.49 -29.02 34.75
C ALA E 243 -20.84 -29.36 34.12
N VAL E 244 -21.68 -28.33 33.93
CA VAL E 244 -22.93 -28.53 33.18
C VAL E 244 -22.56 -29.03 31.79
N LYS E 245 -23.27 -30.08 31.37
CA LYS E 245 -23.03 -30.81 30.12
C LYS E 245 -21.60 -31.33 30.05
N LEU E 246 -21.05 -31.66 31.23
CA LEU E 246 -19.70 -32.18 31.43
C LEU E 246 -18.64 -31.28 30.80
N GLN E 247 -18.64 -30.01 31.20
CA GLN E 247 -17.75 -29.05 30.58
C GLN E 247 -16.59 -28.76 31.51
N LEU E 248 -15.40 -28.72 30.93
CA LEU E 248 -14.19 -28.38 31.66
C LEU E 248 -13.54 -27.24 30.90
N LEU E 249 -14.35 -26.23 30.72
CA LEU E 249 -14.00 -25.04 30.00
C LEU E 249 -13.13 -24.16 30.89
N PRO E 250 -12.40 -23.23 30.31
CA PRO E 250 -11.60 -22.32 31.13
C PRO E 250 -12.45 -21.39 31.97
N HIS E 251 -11.98 -21.15 33.19
CA HIS E 251 -12.60 -20.17 34.07
C HIS E 251 -12.47 -18.79 33.45
N LYS E 252 -13.47 -17.95 33.70
CA LYS E 252 -13.46 -16.60 33.17
C LYS E 252 -12.29 -15.80 33.68
N HIS E 253 -12.00 -15.90 34.98
CA HIS E 253 -10.99 -15.07 35.59
C HIS E 253 -9.58 -15.40 35.10
N ASP E 254 -9.27 -16.67 34.89
CA ASP E 254 -7.94 -17.02 34.44
C ASP E 254 -7.69 -16.51 33.03
N ILE E 255 -8.74 -16.51 32.20
CA ILE E 255 -8.68 -15.93 30.87
C ILE E 255 -8.45 -14.43 30.96
N ILE E 256 -9.20 -13.77 31.84
CA ILE E 256 -9.16 -12.32 31.89
C ILE E 256 -7.83 -11.82 32.44
N THR E 257 -7.23 -12.53 33.38
CA THR E 257 -5.87 -12.18 33.78
C THR E 257 -4.90 -12.50 32.66
N LEU E 258 -5.16 -13.60 31.97
CA LEU E 258 -4.27 -14.07 30.92
C LEU E 258 -4.17 -13.08 29.78
N LEU E 259 -5.22 -12.33 29.51
CA LEU E 259 -5.23 -11.41 28.39
C LEU E 259 -4.18 -10.32 28.56
N GLY E 260 -3.42 -10.08 27.52
CA GLY E 260 -2.37 -9.09 27.61
C GLY E 260 -2.93 -7.71 27.44
N VAL E 261 -2.09 -6.70 27.70
CA VAL E 261 -2.50 -5.32 27.62
C VAL E 261 -2.84 -4.95 26.19
N GLY E 262 -3.95 -4.24 26.00
CA GLY E 262 -4.47 -3.93 24.69
C GLY E 262 -4.92 -5.13 23.88
N GLY E 263 -5.08 -6.25 24.54
CA GLY E 263 -5.43 -7.49 23.89
C GLY E 263 -6.86 -7.58 23.39
N HIS E 264 -7.09 -8.58 22.55
CA HIS E 264 -8.41 -8.86 22.01
C HIS E 264 -8.86 -10.24 22.45
N TRP E 265 -9.94 -10.27 23.20
CA TRP E 265 -10.61 -11.51 23.53
C TRP E 265 -11.80 -11.67 22.60
N VAL E 266 -11.78 -12.69 21.76
CA VAL E 266 -12.93 -12.99 20.93
C VAL E 266 -13.59 -14.26 21.45
N THR E 267 -14.84 -14.09 21.85
CA THR E 267 -15.55 -15.09 22.62
C THR E 267 -16.75 -15.63 21.87
N THR E 268 -17.05 -16.89 22.15
CA THR E 268 -18.15 -17.56 21.51
C THR E 268 -19.38 -17.60 22.41
N GLU E 269 -19.14 -17.61 23.72
CA GLU E 269 -20.21 -17.81 24.71
C GLU E 269 -21.32 -16.79 24.65
N GLU E 270 -22.53 -17.29 24.45
CA GLU E 270 -23.72 -16.48 24.25
C GLU E 270 -24.14 -15.74 25.51
N ASN E 271 -24.12 -16.40 26.66
CA ASN E 271 -24.46 -15.75 27.92
C ASN E 271 -23.18 -15.46 28.66
N LEU E 272 -22.81 -14.19 28.70
CA LEU E 272 -21.58 -13.79 29.34
C LEU E 272 -21.92 -12.82 30.44
N GLN E 273 -21.49 -13.12 31.63
CA GLN E 273 -21.69 -12.25 32.78
C GLN E 273 -20.38 -11.51 32.99
N LEU E 274 -20.39 -10.21 32.80
CA LEU E 274 -19.18 -9.43 33.02
C LEU E 274 -19.34 -8.70 34.34
N ASP E 275 -18.61 -9.16 35.33
CA ASP E 275 -18.70 -8.51 36.61
C ASP E 275 -17.93 -7.20 36.59
N PRO E 276 -18.34 -6.26 37.44
CA PRO E 276 -17.60 -5.02 37.61
C PRO E 276 -16.15 -5.21 38.04
N PRO E 277 -15.78 -6.21 38.87
CA PRO E 277 -14.34 -6.45 39.02
C PRO E 277 -13.65 -6.83 37.72
N ASP E 278 -14.29 -7.68 36.92
CA ASP E 278 -13.75 -8.03 35.61
C ASP E 278 -13.73 -6.85 34.67
N SER E 279 -14.79 -6.05 34.68
CA SER E 279 -14.77 -4.89 33.80
C SER E 279 -13.80 -3.84 34.27
N HIS E 280 -13.38 -3.89 35.52
CA HIS E 280 -12.29 -3.03 35.93
C HIS E 280 -10.96 -3.62 35.49
N CYS E 281 -10.85 -4.95 35.49
CA CYS E 281 -9.64 -5.57 34.98
C CYS E 281 -9.45 -5.29 33.50
N LEU E 282 -10.53 -5.32 32.74
CA LEU E 282 -10.41 -4.98 31.34
C LEU E 282 -10.14 -3.50 31.15
N PHE E 283 -10.73 -2.67 31.99
CA PHE E 283 -10.52 -1.23 31.89
C PHE E 283 -9.06 -0.89 32.11
N LEU E 284 -8.45 -1.53 33.10
CA LEU E 284 -7.02 -1.39 33.33
C LEU E 284 -6.21 -1.93 32.16
N LYS E 285 -6.62 -3.05 31.57
CA LYS E 285 -5.73 -3.58 30.54
C LYS E 285 -6.04 -3.07 29.16
N GLY E 286 -7.01 -2.17 29.04
CA GLY E 286 -7.40 -1.64 27.74
C GLY E 286 -7.76 -2.71 26.73
N ALA E 287 -8.47 -3.73 27.17
CA ALA E 287 -8.71 -4.87 26.32
C ALA E 287 -10.00 -4.69 25.55
N THR E 288 -10.05 -5.28 24.37
CA THR E 288 -11.27 -5.32 23.59
C THR E 288 -11.91 -6.69 23.76
N LEU E 289 -13.23 -6.69 23.84
CA LEU E 289 -13.98 -7.92 23.91
C LEU E 289 -14.90 -7.95 22.71
N ALA E 290 -14.78 -8.98 21.89
CA ALA E 290 -15.62 -9.11 20.71
C ALA E 290 -16.32 -10.46 20.73
N PHE E 291 -17.46 -10.52 20.07
CA PHE E 291 -18.30 -11.71 20.06
C PHE E 291 -18.26 -12.37 18.70
N LEU E 292 -17.81 -13.60 18.66
CA LEU E 292 -17.78 -14.33 17.41
C LEU E 292 -19.13 -14.90 17.09
N ASN E 293 -19.71 -14.46 15.97
CA ASN E 293 -20.92 -15.07 15.46
C ASN E 293 -20.78 -15.13 13.96
N ASP E 294 -20.48 -16.33 13.45
CA ASP E 294 -20.43 -16.54 12.01
C ASP E 294 -21.71 -16.12 11.31
N GLU E 295 -22.89 -16.54 11.80
CA GLU E 295 -24.02 -16.47 10.89
C GLU E 295 -24.63 -15.07 10.78
N VAL E 296 -23.94 -14.00 11.21
CA VAL E 296 -24.43 -12.65 10.99
C VAL E 296 -24.49 -12.33 9.52
N TRP E 297 -23.73 -13.05 8.73
CA TRP E 297 -23.70 -12.77 7.33
C TRP E 297 -24.86 -13.41 6.60
N ASN E 298 -25.57 -14.38 7.18
CA ASN E 298 -26.70 -14.83 6.39
C ASN E 298 -27.98 -14.16 6.88
N LEU E 299 -28.23 -14.23 8.18
CA LEU E 299 -29.45 -13.67 8.74
C LEU E 299 -29.49 -12.15 8.68
N SER E 300 -28.45 -11.46 9.14
CA SER E 300 -28.53 -10.01 9.01
C SER E 300 -28.14 -9.56 7.61
N ASN E 301 -27.01 -10.07 7.12
CA ASN E 301 -26.57 -9.95 5.73
C ASN E 301 -26.44 -8.50 5.29
N VAL E 302 -25.86 -7.67 6.12
CA VAL E 302 -25.72 -6.29 5.70
C VAL E 302 -24.50 -6.12 4.81
N GLN E 303 -23.36 -6.62 5.23
CA GLN E 303 -22.13 -6.46 4.46
C GLN E 303 -21.86 -7.71 3.63
N GLN E 304 -22.81 -7.97 2.74
CA GLN E 304 -22.79 -9.18 1.91
C GLN E 304 -21.56 -9.22 1.01
N GLY E 305 -21.15 -8.06 0.52
CA GLY E 305 -19.97 -8.00 -0.31
C GLY E 305 -18.70 -8.41 0.40
N LYS E 306 -18.54 -7.95 1.64
CA LYS E 306 -17.34 -8.27 2.42
C LYS E 306 -17.22 -9.76 2.63
N TYR E 307 -18.33 -10.38 3.03
CA TYR E 307 -18.37 -11.81 3.29
C TYR E 307 -18.14 -12.59 2.04
N LEU E 308 -18.73 -12.12 0.95
CA LEU E 308 -18.59 -12.84 -0.30
C LEU E 308 -17.13 -12.82 -0.73
N CYS E 309 -16.46 -11.68 -0.53
CA CYS E 309 -15.03 -11.59 -0.81
C CYS E 309 -14.25 -12.53 0.10
N ILE E 310 -14.73 -12.69 1.34
CA ILE E 310 -14.04 -13.53 2.34
C ILE E 310 -13.96 -14.95 1.85
N LEU E 311 -15.07 -15.46 1.33
CA LEU E 311 -15.07 -16.87 0.95
C LEU E 311 -14.15 -17.16 -0.20
N LYS E 312 -14.12 -16.29 -1.20
CA LYS E 312 -13.21 -16.52 -2.31
C LYS E 312 -11.77 -16.40 -1.87
N ASP E 313 -11.47 -15.46 -0.97
CA ASP E 313 -10.11 -15.44 -0.45
C ASP E 313 -9.79 -16.64 0.42
N VAL E 314 -10.78 -17.17 1.14
CA VAL E 314 -10.57 -18.41 1.88
C VAL E 314 -10.26 -19.56 0.93
N MET E 315 -10.96 -19.62 -0.20
CA MET E 315 -10.62 -20.56 -1.25
C MET E 315 -9.26 -20.32 -1.86
N GLU E 316 -8.85 -19.06 -2.00
CA GLU E 316 -7.49 -18.79 -2.45
C GLU E 316 -6.47 -19.33 -1.45
N LYS E 317 -6.76 -19.20 -0.16
CA LYS E 317 -5.93 -19.84 0.86
C LYS E 317 -5.96 -21.35 0.75
N LEU E 318 -7.13 -21.92 0.45
CA LEU E 318 -7.23 -23.37 0.29
C LEU E 318 -6.46 -23.85 -0.92
N SER E 319 -6.55 -23.10 -2.02
CA SER E 319 -5.81 -23.42 -3.24
C SER E 319 -4.31 -23.33 -3.02
N THR E 320 -3.86 -22.34 -2.25
CA THR E 320 -2.44 -22.29 -1.92
C THR E 320 -2.04 -23.41 -0.97
N GLY E 321 -2.98 -23.98 -0.23
CA GLY E 321 -2.68 -25.05 0.71
C GLY E 321 -2.55 -24.62 2.14
N VAL E 322 -2.85 -23.37 2.46
CA VAL E 322 -2.76 -22.87 3.84
C VAL E 322 -3.73 -23.61 4.74
N PHE E 323 -4.93 -23.84 4.28
CA PHE E 323 -5.90 -24.58 5.07
C PHE E 323 -5.83 -26.05 4.71
N ARG E 324 -5.90 -26.88 5.70
CA ARG E 324 -6.16 -28.29 5.46
C ARG E 324 -7.20 -28.69 6.47
N PRO E 325 -8.39 -29.01 6.03
CA PRO E 325 -9.46 -29.34 6.96
C PRO E 325 -9.19 -30.65 7.68
N GLN E 326 -9.89 -30.82 8.80
CA GLN E 326 -9.81 -32.02 9.62
C GLN E 326 -10.97 -32.95 9.28
N LEU E 327 -10.92 -33.47 8.06
CA LEU E 327 -12.03 -34.26 7.55
C LEU E 327 -12.02 -35.68 8.10
N ASP E 328 -13.22 -36.20 8.30
CA ASP E 328 -13.43 -37.62 8.48
C ASP E 328 -13.56 -38.24 7.09
N GLU E 329 -13.68 -39.56 7.02
CA GLU E 329 -13.94 -40.19 5.73
C GLU E 329 -15.35 -39.82 5.27
N PRO E 330 -15.51 -39.33 4.05
CA PRO E 330 -16.83 -38.92 3.56
C PRO E 330 -17.80 -40.09 3.50
N ILE E 331 -19.08 -39.73 3.57
CA ILE E 331 -20.14 -40.71 3.77
C ILE E 331 -21.17 -40.57 2.66
N PRO E 332 -21.95 -41.62 2.40
CA PRO E 332 -23.11 -41.46 1.52
C PRO E 332 -24.24 -40.81 2.26
N LEU E 333 -25.20 -40.31 1.47
CA LEU E 333 -26.24 -39.43 2.00
C LEU E 333 -27.14 -40.15 3.00
N TYR E 334 -27.51 -41.39 2.71
CA TYR E 334 -28.51 -42.08 3.52
C TYR E 334 -27.99 -42.46 4.89
N GLU E 335 -26.68 -42.48 5.07
CA GLU E 335 -26.16 -42.79 6.38
C GLU E 335 -25.90 -41.52 7.19
N ALA E 336 -26.23 -40.35 6.64
CA ALA E 336 -25.83 -39.12 7.31
C ALA E 336 -26.67 -38.80 8.54
N LYS E 337 -27.90 -39.28 8.57
CA LYS E 337 -28.81 -38.88 9.63
C LYS E 337 -28.40 -39.52 10.92
N VAL E 338 -27.97 -40.77 10.83
CA VAL E 338 -27.47 -41.52 11.96
C VAL E 338 -26.20 -40.85 12.48
N SER E 339 -25.41 -40.29 11.58
CA SER E 339 -24.24 -39.57 12.04
C SER E 339 -24.64 -38.25 12.64
N MET E 340 -25.60 -37.58 11.98
CA MET E 340 -25.94 -36.19 12.26
C MET E 340 -26.32 -35.96 13.71
N GLU E 341 -27.03 -36.92 14.31
CA GLU E 341 -27.50 -36.76 15.68
C GLU E 341 -26.34 -36.66 16.66
N ALA E 342 -25.32 -37.50 16.47
CA ALA E 342 -24.14 -37.41 17.31
C ALA E 342 -23.40 -36.12 17.01
N VAL E 343 -23.37 -35.73 15.73
CA VAL E 343 -22.83 -34.44 15.32
C VAL E 343 -23.65 -33.35 15.96
N GLN E 344 -24.96 -33.58 16.04
CA GLN E 344 -25.82 -32.65 16.73
C GLN E 344 -25.49 -32.59 18.20
N LYS E 345 -25.11 -33.72 18.80
CA LYS E 345 -24.76 -33.68 20.22
C LYS E 345 -23.45 -32.93 20.41
N ASN E 346 -22.43 -33.30 19.67
CA ASN E 346 -21.13 -32.66 19.80
C ASN E 346 -20.33 -32.88 18.53
N GLN E 347 -19.33 -32.03 18.32
CA GLN E 347 -18.44 -32.25 17.19
C GLN E 347 -17.58 -33.46 17.48
N GLY E 348 -17.32 -34.24 16.43
CA GLY E 348 -16.52 -35.43 16.58
C GLY E 348 -15.04 -35.22 16.48
N ARG E 349 -14.62 -33.99 16.19
CA ARG E 349 -13.26 -33.45 16.04
C ARG E 349 -12.72 -33.85 14.68
N LYS E 350 -13.52 -34.53 13.89
CA LYS E 350 -13.22 -34.86 12.51
C LYS E 350 -14.42 -34.35 11.73
N LYS E 351 -14.18 -33.55 10.70
CA LYS E 351 -15.28 -33.00 9.92
C LYS E 351 -15.98 -34.09 9.13
N GLN E 352 -17.30 -34.11 9.22
CA GLN E 352 -18.12 -35.11 8.55
C GLN E 352 -18.78 -34.47 7.34
N VAL E 353 -18.57 -35.08 6.17
CA VAL E 353 -18.99 -34.52 4.89
C VAL E 353 -19.72 -35.61 4.12
N VAL E 354 -20.89 -35.28 3.61
CA VAL E 354 -21.61 -36.13 2.68
C VAL E 354 -21.13 -35.79 1.28
N GLN E 355 -20.71 -36.79 0.53
CA GLN E 355 -20.31 -36.56 -0.86
C GLN E 355 -21.32 -37.16 -1.81
N PHE E 356 -21.64 -36.40 -2.84
CA PHE E 356 -22.55 -36.84 -3.87
C PHE E 356 -21.82 -37.26 -5.13
N SER F 222 -2.20 0.74 -5.78
CA SER F 222 -3.36 1.22 -5.02
C SER F 222 -3.09 2.62 -4.48
N LEU F 223 -3.91 3.58 -4.91
CA LEU F 223 -3.74 4.97 -4.50
C LEU F 223 -4.63 5.33 -3.31
N SER F 224 -5.95 5.27 -3.51
CA SER F 224 -6.90 5.55 -2.43
C SER F 224 -6.93 4.43 -1.40
N ILE F 225 -6.68 3.19 -1.85
CA ILE F 225 -6.87 2.02 -1.01
C ILE F 225 -5.89 2.01 0.16
N ILE F 226 -4.61 2.34 -0.10
CA ILE F 226 -3.63 2.40 0.98
C ILE F 226 -3.98 3.50 1.98
N ASN F 227 -4.58 4.59 1.49
CA ASN F 227 -5.09 5.61 2.39
C ASN F 227 -6.26 5.09 3.22
N GLU F 228 -7.19 4.37 2.58
CA GLU F 228 -8.37 3.89 3.29
C GLU F 228 -8.05 2.82 4.33
N LYS F 229 -7.35 1.77 3.92
CA LYS F 229 -7.10 0.64 4.82
C LYS F 229 -6.14 1.00 5.94
N VAL F 230 -5.16 1.84 5.64
CA VAL F 230 -4.15 2.20 6.63
C VAL F 230 -4.16 3.71 6.78
N PRO F 231 -5.10 4.27 7.53
CA PRO F 231 -5.06 5.72 7.75
C PRO F 231 -3.87 6.15 8.58
N PHE F 232 -3.54 5.39 9.62
CA PHE F 232 -2.40 5.66 10.47
C PHE F 232 -1.44 4.50 10.36
N ASN F 233 -0.17 4.82 10.31
CA ASN F 233 0.85 3.81 10.24
C ASN F 233 1.80 4.07 11.40
N ASP F 234 2.37 3.00 11.94
CA ASP F 234 3.37 3.11 12.99
C ASP F 234 4.77 2.96 12.45
N THR F 235 4.89 2.56 11.20
CA THR F 235 6.14 2.23 10.54
C THR F 235 6.67 3.45 9.78
N LYS F 236 6.01 4.60 9.96
CA LYS F 236 6.51 5.85 9.40
C LYS F 236 7.90 6.14 9.95
N TYR F 237 8.12 5.80 11.21
CA TYR F 237 9.35 6.07 11.92
C TYR F 237 9.96 4.73 12.29
N SER F 238 11.14 4.41 11.72
CA SER F 238 11.83 3.16 12.06
C SER F 238 12.43 3.25 13.45
N GLN F 239 13.00 4.40 13.76
CA GLN F 239 13.70 4.63 15.01
C GLN F 239 12.78 4.46 16.21
N TYR F 240 11.56 4.95 16.12
CA TYR F 240 10.59 4.71 17.17
C TYR F 240 10.13 3.26 17.14
N ASN F 241 10.04 2.70 15.94
CA ASN F 241 9.53 1.35 15.74
C ASN F 241 10.36 0.34 16.50
N ALA F 242 11.66 0.58 16.60
CA ALA F 242 12.50 -0.30 17.38
C ALA F 242 12.13 -0.26 18.86
N LEU F 243 11.71 0.90 19.35
CA LEU F 243 11.55 1.11 20.79
C LEU F 243 10.46 0.24 21.41
N ASN F 244 9.38 0.00 20.69
CA ASN F 244 8.29 -0.80 21.23
C ASN F 244 8.72 -2.24 21.50
N VAL F 245 8.17 -2.80 22.57
CA VAL F 245 8.54 -4.12 23.08
C VAL F 245 8.23 -5.19 22.07
N PRO F 246 9.18 -6.06 21.73
CA PRO F 246 8.91 -7.16 20.82
C PRO F 246 8.42 -8.38 21.60
N LEU F 247 7.92 -9.34 20.84
CA LEU F 247 7.42 -10.59 21.42
C LEU F 247 8.50 -11.33 22.19
N HIS F 248 8.13 -11.83 23.36
CA HIS F 248 8.98 -12.60 24.27
C HIS F 248 9.21 -14.01 23.75
N ASN F 249 10.04 -14.17 22.73
CA ASN F 249 10.34 -15.51 22.25
C ASN F 249 11.12 -16.25 23.33
N ARG F 250 10.51 -17.30 23.85
CA ARG F 250 11.13 -18.11 24.88
C ARG F 250 12.21 -19.03 24.31
N ARG F 251 11.96 -19.60 23.12
CA ARG F 251 12.81 -20.66 22.57
C ARG F 251 14.22 -20.19 22.30
N HIS F 252 14.36 -19.00 21.76
CA HIS F 252 15.67 -18.41 21.54
C HIS F 252 16.41 -18.19 22.84
N GLN F 253 15.69 -17.77 23.87
CA GLN F 253 16.34 -17.61 25.17
C GLN F 253 16.82 -18.92 25.72
N LEU F 254 16.02 -19.97 25.61
CA LEU F 254 16.44 -21.27 26.13
C LEU F 254 17.66 -21.80 25.38
N LYS F 255 17.70 -21.56 24.06
CA LYS F 255 18.89 -21.95 23.30
C LYS F 255 20.11 -21.18 23.76
N MET F 256 19.98 -19.87 24.01
CA MET F 256 21.12 -19.17 24.59
C MET F 256 21.45 -19.63 26.00
N ARG F 257 20.46 -20.06 26.79
CA ARG F 257 20.75 -20.53 28.14
C ARG F 257 21.64 -21.77 28.12
N ASP F 258 21.26 -22.81 27.37
CA ASP F 258 22.08 -24.02 27.41
C ASP F 258 23.40 -23.80 26.67
N ILE F 259 23.37 -23.09 25.54
CA ILE F 259 24.60 -22.85 24.78
C ILE F 259 25.59 -22.01 25.59
N ALA F 260 25.11 -20.98 26.28
CA ALA F 260 25.98 -20.20 27.16
C ALA F 260 26.53 -21.03 28.31
N GLY F 261 25.71 -21.93 28.87
CA GLY F 261 26.21 -22.82 29.91
C GLY F 261 27.28 -23.77 29.40
N GLN F 262 27.09 -24.27 28.19
CA GLN F 262 28.05 -25.18 27.58
C GLN F 262 29.37 -24.45 27.33
N ALA F 263 29.30 -23.28 26.68
CA ALA F 263 30.48 -22.45 26.48
C ALA F 263 31.17 -22.09 27.78
N LEU F 264 30.41 -21.81 28.84
CA LEU F 264 31.01 -21.51 30.13
C LEU F 264 31.81 -22.68 30.66
N ALA F 265 31.26 -23.89 30.50
CA ALA F 265 31.99 -25.08 30.92
C ALA F 265 33.26 -25.28 30.12
N PHE F 266 33.22 -25.01 28.81
CA PHE F 266 34.43 -25.12 28.00
C PHE F 266 35.44 -24.01 28.28
N VAL F 267 34.97 -22.82 28.64
CA VAL F 267 35.82 -21.72 29.07
C VAL F 267 36.55 -22.06 30.36
N GLN F 268 35.96 -22.92 31.19
CA GLN F 268 36.67 -23.39 32.39
C GLN F 268 37.95 -24.16 32.06
N ASP F 269 37.99 -24.87 30.92
CA ASP F 269 39.18 -25.62 30.49
C ASP F 269 40.44 -24.79 30.33
N LEU F 270 40.34 -23.48 30.13
CA LEU F 270 41.53 -22.60 30.03
C LEU F 270 42.45 -22.66 31.25
N VAL F 271 41.92 -23.05 32.41
CA VAL F 271 42.75 -23.25 33.60
C VAL F 271 43.87 -24.26 33.32
N THR F 272 43.60 -25.25 32.46
CA THR F 272 44.63 -26.19 32.03
C THR F 272 45.77 -25.47 31.31
N ALA F 273 45.44 -24.47 30.48
CA ALA F 273 46.47 -23.64 29.86
C ALA F 273 47.25 -22.89 30.91
N LEU F 274 46.57 -22.45 31.96
CA LEU F 274 47.25 -21.77 33.06
C LEU F 274 48.20 -22.71 33.79
N LEU F 275 47.77 -23.95 33.98
CA LEU F 275 48.59 -24.95 34.64
C LEU F 275 49.83 -25.25 33.82
N ASN F 276 49.67 -25.41 32.51
CA ASN F 276 50.86 -25.65 31.70
C ASN F 276 51.74 -24.42 31.59
N PHE F 277 51.17 -23.22 31.66
CA PHE F 277 52.03 -22.04 31.70
C PHE F 277 52.90 -22.01 32.95
N HIS F 278 52.33 -22.39 34.09
CA HIS F 278 53.14 -22.55 35.31
C HIS F 278 54.16 -23.67 35.17
N THR F 279 53.76 -24.75 34.49
CA THR F 279 54.66 -25.84 34.16
C THR F 279 55.78 -25.33 33.26
N TYR F 280 55.44 -24.45 32.34
CA TYR F 280 56.43 -23.83 31.48
C TYR F 280 57.41 -22.98 32.28
N THR F 281 56.92 -22.30 33.34
CA THR F 281 57.82 -21.54 34.21
C THR F 281 58.84 -22.45 34.87
N GLU F 282 58.37 -23.53 35.50
CA GLU F 282 59.30 -24.49 36.12
C GLU F 282 60.18 -25.18 35.07
N GLN F 283 59.68 -25.33 33.84
CA GLN F 283 60.47 -25.90 32.75
C GLN F 283 61.69 -25.02 32.50
N ARG F 284 61.46 -23.71 32.42
CA ARG F 284 62.56 -22.76 32.28
C ARG F 284 63.50 -22.77 33.48
N ILE F 285 62.95 -22.87 34.70
CA ILE F 285 63.78 -22.95 35.91
C ILE F 285 64.68 -24.17 35.86
N GLN F 286 64.16 -25.27 35.32
CA GLN F 286 64.93 -26.49 35.15
C GLN F 286 66.14 -26.29 34.25
N ILE F 287 66.04 -25.43 33.23
CA ILE F 287 67.17 -25.31 32.32
C ILE F 287 68.20 -24.30 32.85
N PHE F 288 67.94 -23.67 34.01
CA PHE F 288 68.95 -22.79 34.62
C PHE F 288 70.22 -23.51 35.03
N PRO F 289 70.20 -24.67 35.73
CA PRO F 289 71.48 -25.39 35.89
C PRO F 289 71.95 -25.95 34.57
N VAL F 290 71.01 -26.42 33.74
CA VAL F 290 71.36 -27.06 32.47
C VAL F 290 72.03 -26.08 31.51
N THR F 296 72.87 -12.91 29.73
CA THR F 296 71.60 -12.25 30.06
C THR F 296 70.48 -13.20 30.40
N ILE F 297 70.58 -14.48 30.00
CA ILE F 297 69.54 -15.45 30.26
C ILE F 297 69.31 -15.65 31.76
N SER F 298 70.37 -15.60 32.59
CA SER F 298 70.14 -15.78 34.02
C SER F 298 69.25 -14.68 34.63
N PRO F 299 69.44 -13.37 34.38
CA PRO F 299 68.39 -12.43 34.79
C PRO F 299 67.09 -12.60 34.00
N LEU F 300 67.22 -12.90 32.71
CA LEU F 300 66.07 -12.99 31.81
C LEU F 300 65.08 -14.07 32.22
N ASN F 301 65.58 -15.21 32.67
CA ASN F 301 64.68 -16.29 33.06
C ASN F 301 63.87 -15.94 34.30
N GLN F 302 64.51 -15.34 35.32
CA GLN F 302 63.75 -14.93 36.50
C GLN F 302 62.77 -13.81 36.17
N LYS F 303 63.18 -12.85 35.34
CA LYS F 303 62.27 -11.80 34.90
C LYS F 303 61.11 -12.37 34.10
N PHE F 304 61.42 -13.32 33.23
CA PHE F 304 60.44 -13.99 32.40
C PHE F 304 59.46 -14.77 33.26
N SER F 305 59.97 -15.44 34.28
CA SER F 305 59.14 -16.18 35.23
C SER F 305 58.24 -15.25 36.02
N GLN F 306 58.77 -14.11 36.46
CA GLN F 306 57.96 -13.16 37.20
C GLN F 306 56.84 -12.61 36.36
N TYR F 307 57.11 -12.33 35.09
CA TYR F 307 56.06 -11.91 34.19
C TYR F 307 55.07 -13.05 33.96
N LEU F 308 55.56 -14.28 33.91
CA LEU F 308 54.68 -15.44 33.77
C LEU F 308 53.77 -15.66 34.96
N HIS F 309 54.19 -15.31 36.18
CA HIS F 309 53.32 -15.47 37.35
C HIS F 309 52.01 -14.69 37.23
N GLU F 310 52.05 -13.56 36.52
CA GLU F 310 50.95 -12.64 36.30
C GLU F 310 49.73 -13.27 35.61
N ASN F 311 49.92 -14.39 34.88
CA ASN F 311 48.86 -14.96 34.05
C ASN F 311 47.60 -15.30 34.83
N ALA F 312 47.71 -15.81 36.06
CA ALA F 312 46.52 -16.12 36.83
C ALA F 312 45.67 -14.88 37.08
N SER F 313 46.34 -13.76 37.38
CA SER F 313 45.68 -12.46 37.49
C SER F 313 45.09 -12.03 36.16
N TYR F 314 45.81 -12.28 35.08
CA TYR F 314 45.33 -11.85 33.77
C TYR F 314 44.10 -12.66 33.33
N VAL F 315 44.14 -13.98 33.49
CA VAL F 315 43.14 -14.83 32.87
C VAL F 315 41.91 -15.05 33.76
N ARG F 316 42.04 -14.92 35.07
CA ARG F 316 40.88 -15.15 35.94
C ARG F 316 39.69 -14.24 35.64
N PRO F 317 39.84 -12.93 35.35
CA PRO F 317 38.67 -12.16 34.91
C PRO F 317 38.04 -12.66 33.63
N LEU F 318 38.81 -13.18 32.66
CA LEU F 318 38.22 -13.74 31.43
C LEU F 318 37.11 -14.74 31.75
N GLU F 319 37.42 -15.73 32.57
CA GLU F 319 36.42 -16.72 32.95
C GLU F 319 35.34 -16.10 33.83
N GLU F 320 35.74 -15.19 34.72
CA GLU F 320 34.75 -14.52 35.56
C GLU F 320 33.76 -13.68 34.74
N GLY F 321 34.27 -12.95 33.75
CA GLY F 321 33.41 -12.19 32.86
C GLY F 321 32.51 -13.06 31.99
N MET F 322 33.04 -14.20 31.52
CA MET F 322 32.20 -15.12 30.76
C MET F 322 31.06 -15.64 31.65
N LEU F 323 31.35 -15.87 32.93
CA LEU F 323 30.30 -16.17 33.90
C LEU F 323 29.28 -15.04 34.00
N HIS F 324 29.77 -13.79 34.02
CA HIS F 324 28.85 -12.64 34.01
C HIS F 324 27.96 -12.62 32.77
N LEU F 325 28.52 -12.99 31.61
CA LEU F 325 27.72 -13.08 30.38
C LEU F 325 26.64 -14.11 30.54
N PHE F 326 26.98 -15.24 31.17
CA PHE F 326 25.97 -16.23 31.46
C PHE F 326 24.91 -15.69 32.40
N GLU F 327 25.31 -14.87 33.37
CA GLU F 327 24.32 -14.29 34.26
C GLU F 327 23.36 -13.37 33.51
N SER F 328 23.89 -12.55 32.60
CA SER F 328 23.00 -11.69 31.83
C SER F 328 22.18 -12.42 30.78
N ILE F 329 22.56 -13.64 30.38
CA ILE F 329 21.80 -14.32 29.33
C ILE F 329 20.55 -15.00 29.90
N THR F 330 20.31 -14.88 31.20
CA THR F 330 19.13 -15.44 31.85
C THR F 330 17.82 -14.84 31.32
N GLU F 331 16.76 -15.63 31.43
CA GLU F 331 15.46 -15.38 30.86
C GLU F 331 14.81 -14.15 31.50
N ASP F 332 13.80 -13.62 30.81
CA ASP F 332 12.96 -12.40 30.96
C ASP F 332 13.67 -11.26 30.26
N THR F 333 14.79 -11.55 29.63
CA THR F 333 15.58 -10.64 28.83
C THR F 333 15.66 -11.16 27.41
N VAL F 334 15.41 -10.29 26.42
CA VAL F 334 15.44 -10.72 25.01
C VAL F 334 16.84 -11.20 24.60
N THR F 335 17.89 -10.46 24.97
CA THR F 335 19.31 -10.78 24.71
C THR F 335 19.67 -11.04 23.26
N VAL F 336 19.10 -10.25 22.35
CA VAL F 336 19.55 -10.38 20.96
C VAL F 336 20.99 -9.92 20.84
N LEU F 337 21.29 -8.73 21.34
CA LEU F 337 22.60 -8.18 21.53
C LEU F 337 22.70 -7.53 22.89
N GLU F 338 21.63 -7.57 23.68
CA GLU F 338 21.64 -6.88 24.95
C GLU F 338 22.68 -7.45 25.90
N THR F 339 22.72 -8.79 26.02
CA THR F 339 23.64 -9.47 26.94
C THR F 339 25.10 -9.29 26.58
N THR F 340 25.34 -8.76 25.39
CA THR F 340 26.66 -8.50 24.87
C THR F 340 27.38 -7.46 25.68
N VAL F 341 26.64 -6.62 26.42
CA VAL F 341 27.31 -5.64 27.27
C VAL F 341 28.29 -6.33 28.22
N LYS F 342 27.94 -7.50 28.75
CA LYS F 342 28.92 -8.27 29.52
C LYS F 342 30.01 -8.78 28.61
N LEU F 343 29.64 -9.16 27.39
CA LEU F 343 30.62 -9.58 26.39
C LEU F 343 31.62 -8.48 26.16
N LYS F 344 31.16 -7.21 26.23
CA LYS F 344 32.06 -6.08 26.10
C LYS F 344 33.14 -6.13 27.17
N THR F 345 32.75 -6.40 28.42
CA THR F 345 33.73 -6.62 29.48
C THR F 345 34.58 -7.82 29.17
N PHE F 346 33.92 -8.87 28.67
CA PHE F 346 34.61 -10.12 28.34
C PHE F 346 35.62 -9.89 27.24
N SER F 347 35.28 -9.03 26.27
CA SER F 347 36.20 -8.74 25.19
C SER F 347 37.49 -8.15 25.73
N GLU F 348 37.36 -7.17 26.62
CA GLU F 348 38.55 -6.59 27.24
C GLU F 348 39.25 -7.61 28.09
N HIS F 349 38.47 -8.46 28.77
CA HIS F 349 39.04 -9.57 29.51
C HIS F 349 39.80 -10.51 28.60
N LEU F 350 39.24 -10.81 27.41
CA LEU F 350 39.98 -11.63 26.47
C LEU F 350 41.21 -10.88 26.00
N THR F 351 41.07 -9.57 25.84
CA THR F 351 42.21 -8.73 25.50
C THR F 351 43.27 -8.83 26.58
N SER F 352 42.81 -8.88 27.84
CA SER F 352 43.70 -9.02 28.99
C SER F 352 44.51 -10.30 28.91
N TYR F 353 43.88 -11.39 28.44
CA TYR F 353 44.61 -12.63 28.22
C TYR F 353 45.66 -12.43 27.16
N ILE F 354 45.21 -11.95 26.02
CA ILE F 354 46.03 -11.96 24.84
C ILE F 354 47.12 -10.91 24.93
N CYS F 355 46.86 -9.84 25.69
CA CYS F 355 47.90 -8.85 25.94
C CYS F 355 49.08 -9.53 26.58
N PHE F 356 48.79 -10.37 27.57
CA PHE F 356 49.81 -11.19 28.20
C PHE F 356 50.44 -12.15 27.21
N LEU F 357 49.62 -12.75 26.37
CA LEU F 357 50.17 -13.65 25.36
C LEU F 357 51.06 -12.87 24.40
N ARG F 358 50.60 -11.68 23.98
CA ARG F 358 51.48 -10.81 23.21
C ARG F 358 52.67 -10.38 24.05
N LYS F 359 52.44 -10.17 25.34
CA LYS F 359 53.52 -9.87 26.26
C LYS F 359 54.52 -11.00 26.30
N ILE F 360 54.04 -12.24 26.23
CA ILE F 360 54.98 -13.34 26.33
C ILE F 360 55.52 -13.72 24.96
N LEU F 361 54.97 -13.15 23.87
CA LEU F 361 55.38 -13.62 22.55
C LEU F 361 56.82 -13.32 22.17
N PRO F 362 57.36 -12.09 22.24
CA PRO F 362 58.80 -11.94 21.91
C PRO F 362 59.68 -12.58 22.94
N TYR F 363 59.23 -12.55 24.19
CA TYR F 363 59.94 -13.15 25.31
C TYR F 363 60.16 -14.63 25.09
N GLN F 364 59.16 -15.32 24.54
CA GLN F 364 59.37 -16.72 24.19
C GLN F 364 60.43 -16.91 23.11
N LEU F 365 60.40 -16.05 22.08
CA LEU F 365 61.28 -16.20 20.92
C LEU F 365 62.74 -16.13 21.33
N LYS F 366 63.08 -15.13 22.14
CA LYS F 366 64.45 -14.99 22.60
C LYS F 366 64.81 -16.12 23.54
N SER F 367 63.88 -16.49 24.43
CA SER F 367 64.16 -17.49 25.45
C SER F 367 64.51 -18.82 24.83
N LEU F 368 63.75 -19.20 23.80
CA LEU F 368 64.04 -20.43 23.10
C LEU F 368 65.39 -20.35 22.40
N GLU F 369 65.74 -19.17 21.88
CA GLU F 369 67.07 -18.96 21.32
C GLU F 369 68.15 -19.15 22.37
N GLU F 370 67.93 -18.62 23.57
CA GLU F 370 68.83 -18.89 24.67
C GLU F 370 68.76 -20.36 25.08
N GLU F 371 67.58 -20.97 24.99
CA GLU F 371 67.48 -22.41 25.17
C GLU F 371 68.28 -23.13 24.10
N CYS F 372 68.34 -22.56 22.90
CA CYS F 372 69.27 -23.05 21.90
C CYS F 372 70.72 -22.84 22.34
N GLU F 373 70.99 -21.72 23.02
CA GLU F 373 72.33 -21.44 23.53
C GLU F 373 72.79 -22.51 24.53
N SER F 374 71.84 -23.08 25.28
CA SER F 374 72.10 -24.23 26.14
C SER F 374 72.54 -25.40 25.28
N SER F 375 73.35 -26.29 25.88
CA SER F 375 73.95 -27.40 25.14
C SER F 375 72.90 -28.30 24.51
N LEU F 376 72.85 -28.23 23.18
CA LEU F 376 71.97 -29.02 22.32
C LEU F 376 72.88 -29.35 21.15
N CYS F 377 73.63 -30.44 21.31
CA CYS F 377 74.60 -30.88 20.31
C CYS F 377 73.90 -31.21 19.00
N THR F 378 72.74 -31.86 19.09
CA THR F 378 71.99 -32.18 17.89
C THR F 378 71.43 -30.92 17.28
N SER F 379 71.70 -30.74 15.99
CA SER F 379 71.15 -29.60 15.25
C SER F 379 69.65 -29.74 15.07
N ALA F 380 69.19 -30.99 14.91
CA ALA F 380 67.79 -31.28 14.63
C ALA F 380 66.88 -30.78 15.74
N LEU F 381 67.26 -31.01 16.99
CA LEU F 381 66.50 -30.47 18.11
C LEU F 381 66.48 -28.95 18.12
N ARG F 382 67.63 -28.33 17.81
CA ARG F 382 67.72 -26.88 17.80
C ARG F 382 66.87 -26.28 16.69
N ALA F 383 66.94 -26.84 15.50
CA ALA F 383 66.17 -26.31 14.37
C ALA F 383 64.69 -26.54 14.58
N ARG F 384 64.33 -27.74 15.05
CA ARG F 384 62.94 -28.09 15.22
C ARG F 384 62.28 -27.23 16.29
N ASN F 385 62.97 -26.97 17.41
CA ASN F 385 62.40 -26.07 18.39
C ASN F 385 62.28 -24.64 17.87
N LEU F 386 63.19 -24.18 16.99
CA LEU F 386 62.94 -22.91 16.31
C LEU F 386 61.65 -22.95 15.48
N GLU F 387 61.40 -24.08 14.82
CA GLU F 387 60.14 -24.25 14.11
C GLU F 387 58.96 -24.23 15.08
N LEU F 388 59.14 -24.83 16.26
CA LEU F 388 58.11 -24.83 17.29
C LEU F 388 57.78 -23.42 17.75
N SER F 389 58.82 -22.61 17.96
CA SER F 389 58.62 -21.22 18.35
C SER F 389 57.86 -20.47 17.26
N GLN F 390 58.18 -20.77 15.99
CA GLN F 390 57.42 -20.20 14.88
C GLN F 390 55.98 -20.69 14.89
N ASP F 391 55.75 -21.96 15.21
CA ASP F 391 54.40 -22.47 15.36
C ASP F 391 53.65 -21.79 16.50
N MET F 392 54.37 -21.52 17.60
CA MET F 392 53.81 -20.78 18.72
C MET F 392 53.41 -19.39 18.28
N LYS F 393 54.23 -18.78 17.44
CA LYS F 393 53.92 -17.47 16.87
C LYS F 393 52.66 -17.53 16.02
N LYS F 394 52.49 -18.64 15.28
CA LYS F 394 51.29 -18.81 14.46
C LYS F 394 50.03 -18.93 15.32
N MET F 395 50.11 -19.71 16.40
CA MET F 395 48.91 -19.88 17.24
C MET F 395 48.56 -18.57 17.92
N THR F 396 49.59 -17.78 18.27
CA THR F 396 49.32 -16.46 18.79
C THR F 396 48.62 -15.62 17.76
N ALA F 397 49.07 -15.68 16.49
CA ALA F 397 48.53 -14.83 15.43
C ALA F 397 47.06 -15.10 15.16
N VAL F 398 46.67 -16.38 15.09
CA VAL F 398 45.25 -16.70 14.94
C VAL F 398 44.48 -16.27 16.18
N PHE F 399 45.10 -16.40 17.35
CA PHE F 399 44.45 -15.97 18.59
C PHE F 399 44.20 -14.46 18.57
N GLU F 400 45.17 -13.66 18.07
CA GLU F 400 44.93 -12.21 17.95
C GLU F 400 43.87 -11.89 16.92
N LYS F 401 43.77 -12.70 15.86
CA LYS F 401 42.70 -12.47 14.88
C LYS F 401 41.35 -12.61 15.57
N LEU F 402 41.26 -13.59 16.48
CA LEU F 402 40.04 -13.77 17.26
C LEU F 402 39.79 -12.56 18.15
N GLN F 403 40.84 -12.05 18.81
CA GLN F 403 40.61 -10.96 19.75
C GLN F 403 40.20 -9.67 19.05
N THR F 404 40.84 -9.32 17.93
CA THR F 404 40.46 -8.10 17.22
C THR F 404 39.05 -8.24 16.65
N TYR F 405 38.69 -9.46 16.24
CA TYR F 405 37.34 -9.76 15.83
C TYR F 405 36.35 -9.50 16.96
N ILE F 406 36.60 -10.10 18.12
CA ILE F 406 35.62 -10.07 19.19
C ILE F 406 35.49 -8.66 19.75
N ALA F 407 36.59 -7.92 19.82
CA ALA F 407 36.54 -6.54 20.25
C ALA F 407 35.73 -5.70 19.28
N LEU F 408 35.88 -5.94 17.98
CA LEU F 408 34.99 -5.28 17.05
C LEU F 408 33.54 -5.75 17.18
N LEU F 409 33.33 -7.02 17.51
CA LEU F 409 31.98 -7.52 17.75
C LEU F 409 31.34 -6.89 18.98
N ALA F 410 32.15 -6.38 19.90
CA ALA F 410 31.59 -5.63 21.02
C ALA F 410 31.04 -4.26 20.61
N LEU F 411 31.53 -3.68 19.52
CA LEU F 411 30.99 -2.40 19.04
C LEU F 411 29.51 -2.42 18.68
N PRO F 412 28.92 -3.47 18.10
CA PRO F 412 27.46 -3.50 18.01
C PRO F 412 26.74 -3.38 19.34
N SER F 413 27.34 -3.83 20.44
CA SER F 413 26.69 -3.68 21.74
C SER F 413 26.45 -2.22 22.08
N THR F 414 27.45 -1.38 21.86
CA THR F 414 27.31 0.03 22.18
C THR F 414 27.85 0.90 21.05
N GLU F 415 27.02 1.84 20.61
CA GLU F 415 27.32 2.81 19.56
C GLU F 415 27.85 2.28 18.22
N PRO F 416 27.12 1.35 17.54
CA PRO F 416 27.62 0.91 16.23
C PRO F 416 27.29 1.91 15.11
N ASP F 417 28.20 2.86 14.93
CA ASP F 417 28.06 3.89 13.90
C ASP F 417 28.04 3.29 12.51
N GLY F 418 28.85 2.25 12.30
CA GLY F 418 28.93 1.60 10.99
C GLY F 418 27.62 1.00 10.53
N LEU F 419 26.90 0.34 11.46
CA LEU F 419 25.55 -0.23 11.29
C LEU F 419 25.51 -1.36 10.25
N LEU F 420 26.64 -1.96 9.93
CA LEU F 420 26.66 -2.99 8.89
C LEU F 420 26.26 -4.33 9.48
N ARG F 421 24.95 -4.44 9.75
CA ARG F 421 24.36 -5.61 10.39
C ARG F 421 24.58 -6.87 9.56
N THR F 422 24.44 -6.73 8.24
CA THR F 422 24.66 -7.83 7.31
C THR F 422 26.10 -8.27 7.35
N ASN F 423 27.02 -7.30 7.44
CA ASN F 423 28.44 -7.60 7.41
C ASN F 423 28.83 -8.43 8.62
N TYR F 424 28.36 -8.07 9.82
CA TYR F 424 28.85 -8.95 10.87
C TYR F 424 28.00 -10.17 11.05
N SER F 425 26.86 -10.25 10.36
CA SER F 425 26.16 -11.53 10.27
C SER F 425 27.04 -12.52 9.53
N SER F 426 27.66 -12.07 8.44
CA SER F 426 28.62 -12.93 7.75
C SER F 426 29.90 -13.14 8.56
N VAL F 427 30.46 -12.05 9.12
CA VAL F 427 31.65 -12.03 9.99
C VAL F 427 31.63 -13.08 11.08
N LEU F 428 30.45 -13.41 11.63
CA LEU F 428 30.35 -14.47 12.64
C LEU F 428 30.95 -15.80 12.19
N THR F 429 30.87 -16.11 10.90
CA THR F 429 31.40 -17.36 10.37
C THR F 429 32.91 -17.45 10.51
N ASN F 430 33.61 -16.31 10.40
CA ASN F 430 35.07 -16.30 10.27
C ASN F 430 35.77 -16.93 11.45
N VAL F 431 35.32 -16.67 12.67
CA VAL F 431 35.91 -17.37 13.81
C VAL F 431 35.56 -18.83 13.82
N GLY F 432 34.40 -19.22 13.32
CA GLY F 432 34.14 -20.65 13.20
C GLY F 432 35.17 -21.33 12.33
N ALA F 433 35.53 -20.71 11.21
CA ALA F 433 36.64 -21.19 10.40
C ALA F 433 37.99 -21.05 11.11
N ALA F 434 38.23 -19.92 11.76
CA ALA F 434 39.49 -19.65 12.43
C ALA F 434 39.69 -20.58 13.61
N LEU F 435 38.65 -20.75 14.40
CA LEU F 435 38.65 -21.59 15.58
C LEU F 435 38.81 -23.06 15.20
N HIS F 436 38.11 -23.49 14.14
CA HIS F 436 38.21 -24.87 13.71
C HIS F 436 39.63 -25.18 13.21
N GLY F 437 40.21 -24.26 12.44
CA GLY F 437 41.61 -24.42 12.08
C GLY F 437 42.54 -24.32 13.27
N PHE F 438 42.18 -23.47 14.25
CA PHE F 438 42.96 -23.27 15.46
C PHE F 438 43.06 -24.55 16.26
N HIS F 439 42.03 -25.39 16.18
CA HIS F 439 42.08 -26.72 16.78
C HIS F 439 43.26 -27.50 16.23
N ASP F 440 43.39 -27.52 14.90
CA ASP F 440 44.50 -28.20 14.25
C ASP F 440 45.84 -27.52 14.54
N VAL F 441 45.83 -26.18 14.59
CA VAL F 441 47.05 -25.43 14.90
C VAL F 441 47.56 -25.75 16.30
N MET F 442 46.66 -25.85 17.26
CA MET F 442 47.02 -26.31 18.59
C MET F 442 47.50 -27.76 18.55
N LYS F 443 46.89 -28.59 17.70
CA LYS F 443 47.38 -29.95 17.55
C LYS F 443 48.78 -29.96 16.99
N ASP F 444 49.08 -29.03 16.07
CA ASP F 444 50.41 -28.89 15.51
C ASP F 444 51.43 -28.59 16.60
N ILE F 445 51.05 -27.70 17.53
CA ILE F 445 51.91 -27.43 18.69
C ILE F 445 52.09 -28.68 19.50
N SER F 446 51.01 -29.43 19.67
CA SER F 446 51.02 -30.61 20.52
C SER F 446 51.95 -31.68 19.96
N LYS F 447 51.79 -32.03 18.68
CA LYS F 447 52.62 -33.07 18.08
C LYS F 447 54.07 -32.62 17.98
N HIS F 448 54.29 -31.35 17.65
CA HIS F 448 55.63 -30.83 17.50
C HIS F 448 56.34 -30.85 18.85
N TYR F 449 55.62 -30.43 19.89
CA TYR F 449 56.14 -30.42 21.22
C TYR F 449 56.38 -31.84 21.73
N SER F 450 55.60 -32.82 21.25
CA SER F 450 55.69 -34.19 21.78
C SER F 450 57.09 -34.76 21.60
N GLN F 451 57.60 -34.72 20.36
CA GLN F 451 58.99 -35.12 20.17
C GLN F 451 59.96 -34.10 20.70
N LYS F 452 59.63 -32.79 20.70
CA LYS F 452 60.57 -31.82 21.28
C LYS F 452 60.84 -32.09 22.75
N ALA F 453 59.77 -32.32 23.52
CA ALA F 453 59.88 -32.68 24.94
C ALA F 453 60.51 -34.05 25.10
N ALA F 454 60.18 -34.99 24.22
CA ALA F 454 60.73 -36.34 24.33
C ALA F 454 62.24 -36.33 24.14
N ILE F 455 62.71 -35.67 23.07
CA ILE F 455 64.13 -35.60 22.78
C ILE F 455 64.88 -34.83 23.87
N GLU F 456 64.29 -33.72 24.34
CA GLU F 456 64.88 -32.98 25.45
C GLU F 456 64.93 -33.81 26.73
N HIS F 457 63.93 -34.66 26.95
CA HIS F 457 64.00 -35.60 28.06
C HIS F 457 65.11 -36.63 27.86
N GLU F 458 65.29 -37.09 26.62
CA GLU F 458 66.16 -38.24 26.36
C GLU F 458 67.64 -37.91 26.53
N LEU F 459 68.15 -36.86 25.89
CA LEU F 459 69.59 -36.72 25.91
C LEU F 459 70.13 -35.98 27.15
N PRO F 460 69.72 -34.73 27.48
CA PRO F 460 70.21 -34.12 28.73
C PRO F 460 69.79 -34.86 29.99
N THR F 461 70.67 -34.80 31.00
CA THR F 461 70.49 -35.39 32.32
C THR F 461 69.34 -34.78 33.12
N ALA F 462 69.21 -35.21 34.40
CA ALA F 462 68.10 -34.85 35.31
C ALA F 462 66.77 -35.30 34.71
N THR F 463 66.73 -36.58 34.36
CA THR F 463 65.59 -37.20 33.69
C THR F 463 64.31 -37.13 34.50
N GLN F 464 64.41 -37.32 35.82
CA GLN F 464 63.21 -37.28 36.66
C GLN F 464 62.57 -35.88 36.67
N LYS F 465 63.39 -34.82 36.72
CA LYS F 465 62.89 -33.47 36.56
C LYS F 465 62.34 -33.22 35.16
N LEU F 466 63.02 -33.77 34.15
CA LEU F 466 62.57 -33.64 32.78
C LEU F 466 61.22 -34.29 32.57
N ILE F 467 61.03 -35.50 33.11
CA ILE F 467 59.73 -36.17 33.09
C ILE F 467 58.71 -35.36 33.88
N THR F 468 59.15 -34.77 35.01
CA THR F 468 58.28 -33.99 35.87
C THR F 468 57.69 -32.81 35.13
N THR F 469 58.51 -32.08 34.39
CA THR F 469 57.93 -30.99 33.61
C THR F 469 57.21 -31.49 32.36
N ASN F 470 57.78 -32.50 31.67
CA ASN F 470 57.30 -32.87 30.35
C ASN F 470 55.94 -33.55 30.40
N ASP F 471 55.72 -34.41 31.39
CA ASP F 471 54.49 -35.20 31.42
C ASP F 471 53.29 -34.27 31.60
N CYS F 472 53.39 -33.31 32.52
CA CYS F 472 52.29 -32.40 32.73
C CYS F 472 52.12 -31.44 31.57
N ILE F 473 53.22 -30.93 30.98
CA ILE F 473 53.03 -30.01 29.86
C ILE F 473 52.41 -30.74 28.67
N LEU F 474 52.86 -31.95 28.39
CA LEU F 474 52.35 -32.69 27.24
C LEU F 474 50.89 -33.08 27.41
N SER F 475 50.55 -33.62 28.58
CA SER F 475 49.17 -34.02 28.85
C SER F 475 48.24 -32.81 28.88
N SER F 476 48.68 -31.72 29.52
CA SER F 476 47.86 -30.52 29.60
C SER F 476 47.63 -29.89 28.23
N VAL F 477 48.65 -29.86 27.37
CA VAL F 477 48.43 -29.36 26.01
C VAL F 477 47.49 -30.27 25.24
N VAL F 478 47.58 -31.58 25.44
CA VAL F 478 46.59 -32.49 24.84
C VAL F 478 45.18 -32.22 25.36
N ALA F 479 45.05 -31.95 26.65
CA ALA F 479 43.77 -31.53 27.22
C ALA F 479 43.28 -30.21 26.63
N LEU F 480 44.19 -29.27 26.39
CA LEU F 480 43.78 -28.06 25.70
C LEU F 480 43.34 -28.30 24.28
N THR F 481 44.01 -29.21 23.57
CA THR F 481 43.56 -29.56 22.23
C THR F 481 42.17 -30.17 22.26
N ASN F 482 41.90 -30.98 23.29
CA ASN F 482 40.54 -31.44 23.53
C ASN F 482 39.59 -30.27 23.78
N GLY F 483 40.04 -29.29 24.58
CA GLY F 483 39.20 -28.13 24.86
C GLY F 483 38.93 -27.29 23.63
N ALA F 484 39.96 -27.05 22.83
CA ALA F 484 39.82 -26.35 21.56
C ALA F 484 38.92 -27.11 20.60
N GLY F 485 39.02 -28.43 20.59
CA GLY F 485 38.12 -29.24 19.79
C GLY F 485 36.68 -29.10 20.22
N LYS F 486 36.45 -29.06 21.53
CA LYS F 486 35.11 -28.81 22.05
C LYS F 486 34.59 -27.44 21.61
N ILE F 487 35.46 -26.42 21.69
CA ILE F 487 35.09 -25.08 21.23
C ILE F 487 34.77 -25.09 19.75
N ALA F 488 35.55 -25.81 18.96
CA ALA F 488 35.33 -25.85 17.51
C ALA F 488 34.02 -26.55 17.17
N SER F 489 33.76 -27.70 17.80
CA SER F 489 32.53 -28.45 17.55
C SER F 489 31.33 -27.62 17.99
N PHE F 490 31.47 -26.98 19.14
CA PHE F 490 30.47 -26.12 19.72
C PHE F 490 30.12 -24.95 18.83
N PHE F 491 31.14 -24.31 18.28
CA PHE F 491 30.90 -23.15 17.45
C PHE F 491 30.27 -23.58 16.15
N SER F 492 30.70 -24.73 15.62
CA SER F 492 30.14 -25.21 14.35
C SER F 492 28.65 -25.51 14.48
N ASN F 493 28.26 -26.17 15.58
CA ASN F 493 26.83 -26.44 15.75
C ASN F 493 26.03 -25.16 15.98
N ASN F 494 26.57 -24.20 16.72
CA ASN F 494 25.77 -23.04 17.10
C ASN F 494 25.98 -21.83 16.23
N LEU F 495 26.79 -21.95 15.18
CA LEU F 495 27.10 -20.82 14.31
C LEU F 495 25.87 -20.31 13.58
N ASP F 496 25.04 -21.23 13.05
CA ASP F 496 23.85 -20.83 12.33
C ASP F 496 22.86 -20.18 13.29
N TYR F 497 22.79 -20.71 14.51
CA TYR F 497 21.84 -20.21 15.48
C TYR F 497 22.18 -18.77 15.83
N PHE F 498 23.48 -18.49 16.02
CA PHE F 498 23.89 -17.12 16.35
C PHE F 498 23.62 -16.15 15.20
N ILE F 499 23.91 -16.55 13.95
CA ILE F 499 23.63 -15.66 12.82
C ILE F 499 22.13 -15.40 12.69
N ALA F 500 21.31 -16.44 12.82
CA ALA F 500 19.86 -16.25 12.82
C ALA F 500 19.39 -15.43 14.01
N SER F 501 20.03 -15.64 15.17
CA SER F 501 19.68 -14.91 16.38
C SER F 501 19.97 -13.41 16.28
N LEU F 502 21.10 -13.05 15.66
CA LEU F 502 21.48 -11.65 15.58
C LEU F 502 20.50 -10.85 14.76
N SER F 503 20.03 -11.41 13.65
CA SER F 503 19.14 -10.70 12.74
C SER F 503 17.74 -11.28 12.89
N TYR F 504 16.85 -10.52 13.51
CA TYR F 504 15.45 -10.93 13.62
C TYR F 504 14.77 -10.89 12.27
N GLY F 505 14.98 -9.83 11.50
CA GLY F 505 14.39 -9.68 10.20
C GLY F 505 15.17 -8.70 9.36
N PRO F 506 14.92 -8.69 8.04
CA PRO F 506 15.61 -7.75 7.14
C PRO F 506 15.27 -6.32 7.46
N LYS F 507 16.33 -5.51 7.69
CA LYS F 507 16.34 -4.09 8.06
C LYS F 507 15.91 -3.89 9.52
N ALA F 508 15.47 -4.97 10.17
CA ALA F 508 15.06 -4.99 11.57
C ALA F 508 16.18 -5.36 12.51
N ALA F 509 17.32 -5.82 11.97
CA ALA F 509 18.47 -6.06 12.82
C ALA F 509 19.03 -4.74 13.37
N SER F 510 19.12 -3.70 12.53
CA SER F 510 19.70 -2.42 12.96
C SER F 510 18.87 -1.76 14.05
N GLY F 511 17.54 -1.84 13.94
CA GLY F 511 16.69 -1.31 15.01
C GLY F 511 16.95 -2.02 16.33
N PHE F 512 17.19 -3.32 16.26
CA PHE F 512 17.58 -4.10 17.44
C PHE F 512 18.92 -3.62 17.98
N ILE F 513 19.86 -3.23 17.10
CA ILE F 513 21.20 -2.84 17.55
C ILE F 513 21.30 -1.35 17.88
N SER F 514 20.19 -0.61 17.81
CA SER F 514 20.22 0.83 18.08
C SER F 514 20.68 1.10 19.51
N PRO F 515 21.63 2.02 19.69
CA PRO F 515 22.30 2.17 20.98
C PRO F 515 21.38 2.75 22.04
N LEU F 516 21.42 2.13 23.22
CA LEU F 516 20.79 2.61 24.45
C LEU F 516 19.32 2.96 24.26
N SER F 517 18.67 2.18 23.42
CA SER F 517 17.23 2.14 23.25
C SER F 517 16.74 0.81 23.76
N ALA F 518 17.53 -0.22 23.46
CA ALA F 518 17.28 -1.56 23.96
C ALA F 518 17.34 -1.59 25.49
N GLU F 519 18.26 -0.84 26.08
CA GLU F 519 18.27 -0.73 27.53
C GLU F 519 16.98 -0.08 28.05
N CYS F 520 16.52 0.98 27.37
CA CYS F 520 15.23 1.55 27.67
C CYS F 520 14.11 0.54 27.42
N MET F 521 14.32 -0.35 26.45
CA MET F 521 13.30 -1.33 26.14
C MET F 521 13.26 -2.41 27.20
N LEU F 522 14.42 -2.79 27.74
CA LEU F 522 14.44 -3.71 28.87
C LEU F 522 13.77 -3.13 30.09
N GLN F 523 14.00 -1.83 30.33
CA GLN F 523 13.31 -1.18 31.44
C GLN F 523 11.81 -1.18 31.22
N TYR F 524 11.38 -0.98 29.97
CA TYR F 524 9.97 -0.99 29.63
C TYR F 524 9.38 -2.38 29.84
N LYS F 525 10.06 -3.40 29.36
CA LYS F 525 9.52 -4.75 29.41
C LYS F 525 9.39 -5.23 30.84
N LYS F 526 10.37 -4.90 31.68
CA LYS F 526 10.26 -5.22 33.09
C LYS F 526 9.12 -4.43 33.74
N LYS F 527 8.92 -3.18 33.31
CA LYS F 527 7.84 -2.37 33.86
C LYS F 527 6.47 -2.95 33.57
N ALA F 528 6.22 -3.36 32.33
CA ALA F 528 4.94 -3.96 31.97
C ALA F 528 4.72 -5.32 32.61
N ALA F 529 5.79 -6.11 32.71
CA ALA F 529 5.66 -7.36 33.44
C ALA F 529 5.28 -7.10 34.88
N ALA F 530 5.90 -6.07 35.48
CA ALA F 530 5.54 -5.64 36.82
C ALA F 530 4.11 -5.14 36.87
N TYR F 531 3.65 -4.54 35.76
CA TYR F 531 2.30 -4.02 35.70
C TYR F 531 1.28 -5.11 35.86
N MET F 532 1.35 -6.16 35.05
CA MET F 532 0.31 -7.18 35.23
C MET F 532 0.51 -8.02 36.48
N LYS F 533 1.76 -8.27 36.91
CA LYS F 533 1.93 -8.95 38.18
C LYS F 533 1.32 -8.15 39.34
N SER F 534 1.40 -6.82 39.28
CA SER F 534 0.65 -6.00 40.22
C SER F 534 -0.84 -6.13 39.99
N LEU F 535 -1.24 -6.17 38.73
CA LEU F 535 -2.63 -6.11 38.36
C LEU F 535 -3.43 -7.34 38.78
N ARG F 536 -2.81 -8.52 38.81
CA ARG F 536 -3.51 -9.76 39.12
C ARG F 536 -4.17 -9.72 40.50
N LYS F 537 -5.43 -10.11 40.54
CA LYS F 537 -6.30 -10.17 41.68
C LYS F 537 -6.88 -11.56 41.86
N PRO F 538 -7.10 -12.01 43.08
CA PRO F 538 -7.64 -13.37 43.29
C PRO F 538 -9.08 -13.47 42.82
N LEU F 539 -9.47 -14.71 42.57
CA LEU F 539 -10.78 -15.06 42.02
C LEU F 539 -11.88 -14.80 43.05
N LEU F 540 -12.33 -13.56 43.10
CA LEU F 540 -13.48 -13.20 43.93
C LEU F 540 -14.75 -13.50 43.13
N GLU F 541 -15.04 -14.80 43.05
CA GLU F 541 -16.10 -15.36 42.22
C GLU F 541 -17.47 -14.75 42.52
N SER F 542 -18.14 -14.23 41.49
CA SER F 542 -19.46 -13.61 41.67
C SER F 542 -20.28 -13.70 40.38
N VAL F 543 -20.96 -14.83 40.16
CA VAL F 543 -21.83 -14.94 38.99
C VAL F 543 -23.30 -15.22 39.37
N PRO F 544 -23.91 -14.53 40.34
CA PRO F 544 -25.20 -15.04 40.77
C PRO F 544 -26.36 -14.45 40.02
N TYR F 545 -26.14 -13.79 38.86
CA TYR F 545 -27.17 -12.91 38.29
C TYR F 545 -28.48 -13.62 37.96
N GLU F 546 -28.38 -14.79 37.33
CA GLU F 546 -29.56 -15.50 36.82
C GLU F 546 -30.50 -15.90 37.95
N GLU F 547 -29.96 -16.40 39.04
CA GLU F 547 -30.80 -16.56 40.22
C GLU F 547 -31.07 -15.22 40.92
N ALA F 548 -30.11 -14.28 40.88
CA ALA F 548 -30.23 -13.01 41.62
C ALA F 548 -31.40 -12.15 41.13
N LEU F 549 -31.70 -12.19 39.84
CA LEU F 549 -32.80 -11.41 39.29
C LEU F 549 -34.11 -11.76 39.96
N ALA F 550 -34.35 -13.06 40.18
CA ALA F 550 -35.47 -13.48 41.00
C ALA F 550 -35.23 -13.15 42.47
N ASN F 551 -33.99 -13.35 42.96
CA ASN F 551 -33.69 -13.23 44.39
C ASN F 551 -33.96 -11.83 44.93
N ARG F 552 -33.57 -10.81 44.18
CA ARG F 552 -33.76 -9.43 44.60
C ARG F 552 -35.23 -9.12 44.75
N ARG F 553 -36.02 -9.50 43.77
CA ARG F 553 -37.44 -9.19 43.79
C ARG F 553 -38.15 -9.97 44.88
N ILE F 554 -37.85 -11.26 45.03
CA ILE F 554 -38.53 -12.09 46.03
C ILE F 554 -38.17 -11.66 47.44
N LEU F 555 -36.92 -11.20 47.66
CA LEU F 555 -36.48 -10.78 48.99
C LEU F 555 -37.34 -9.62 49.49
N LEU F 556 -37.67 -8.69 48.61
CA LEU F 556 -38.53 -7.58 48.98
C LEU F 556 -39.97 -8.09 49.07
N ASN G 15 61.31 33.88 9.46
CA ASN G 15 61.02 32.98 10.57
C ASN G 15 60.94 31.55 10.07
N ARG G 16 61.45 30.62 10.87
CA ARG G 16 61.29 29.20 10.66
C ARG G 16 60.77 28.52 11.94
N PRO G 17 59.89 27.53 11.80
CA PRO G 17 59.18 26.96 12.96
C PRO G 17 60.07 26.21 13.96
N ALA G 18 59.49 25.99 15.13
CA ALA G 18 60.21 25.49 16.29
C ALA G 18 59.90 24.02 16.60
N CYS G 19 60.94 23.29 17.05
CA CYS G 19 60.84 21.91 17.47
C CYS G 19 61.71 21.69 18.71
N LEU G 20 61.16 20.92 19.66
CA LEU G 20 61.83 20.63 20.92
C LEU G 20 62.62 19.33 20.86
N LEU G 21 63.90 19.38 21.19
CA LEU G 21 64.74 18.19 21.27
C LEU G 21 65.09 17.95 22.74
N VAL G 22 64.54 16.87 23.31
CA VAL G 22 64.78 16.45 24.69
C VAL G 22 65.82 15.33 24.67
N ALA G 23 66.74 15.33 25.63
CA ALA G 23 67.78 14.32 25.65
C ALA G 23 68.20 13.96 27.07
N SER G 24 68.86 12.80 27.18
CA SER G 24 69.33 12.29 28.48
C SER G 24 70.64 12.89 28.95
N GLY G 25 70.69 13.19 30.24
CA GLY G 25 71.92 13.42 30.99
C GLY G 25 72.28 12.33 31.98
N ALA G 26 71.63 11.16 31.93
CA ALA G 26 71.74 10.13 32.96
C ALA G 26 73.01 9.30 32.78
N ALA G 27 73.15 8.23 33.58
CA ALA G 27 74.34 7.41 33.53
C ALA G 27 74.53 6.73 32.17
N GLU G 28 73.43 6.21 31.59
CA GLU G 28 73.48 5.57 30.28
C GLU G 28 73.83 6.57 29.17
N GLY G 29 73.38 7.81 29.28
CA GLY G 29 73.74 8.81 28.30
C GLY G 29 72.92 8.81 27.03
N VAL G 30 73.52 9.38 25.99
CA VAL G 30 72.87 9.55 24.69
C VAL G 30 73.79 9.05 23.58
N SER G 31 73.19 8.45 22.54
CA SER G 31 73.94 8.02 21.38
C SER G 31 74.35 9.25 20.56
N ALA G 32 75.63 9.29 20.18
CA ALA G 32 76.15 10.44 19.44
C ALA G 32 75.58 10.52 18.02
N GLN G 33 75.52 9.39 17.30
CA GLN G 33 75.05 9.38 15.91
C GLN G 33 73.57 9.75 15.79
N SER G 34 72.73 9.26 16.72
CA SER G 34 71.32 9.61 16.69
C SER G 34 71.13 11.09 16.93
N PHE G 35 71.88 11.65 17.88
CA PHE G 35 71.80 13.06 18.19
C PHE G 35 72.25 13.90 17.00
N LEU G 36 73.33 13.47 16.34
CA LEU G 36 73.82 14.09 15.10
C LEU G 36 72.76 14.10 14.01
N HIS G 37 72.15 12.96 13.73
CA HIS G 37 71.28 12.85 12.57
C HIS G 37 69.98 13.58 12.82
N CYS G 38 69.37 13.35 13.99
CA CYS G 38 68.21 14.12 14.41
C CYS G 38 68.46 15.62 14.38
N PHE G 39 69.64 16.06 14.85
CA PHE G 39 69.85 17.49 15.00
C PHE G 39 70.06 18.20 13.67
N THR G 40 71.00 17.71 12.85
CA THR G 40 71.50 18.52 11.73
C THR G 40 70.46 18.75 10.64
N MET G 41 69.79 17.69 10.18
CA MET G 41 68.81 17.84 9.11
C MET G 41 67.59 18.63 9.57
N ALA G 42 67.09 18.35 10.78
CA ALA G 42 65.94 19.09 11.29
C ALA G 42 66.27 20.56 11.49
N SER G 43 67.43 20.85 12.12
CA SER G 43 67.74 22.19 12.60
C SER G 43 67.93 23.21 11.50
N THR G 44 68.23 22.78 10.28
CA THR G 44 68.24 23.73 9.18
C THR G 44 66.83 24.04 8.70
N ALA G 45 65.87 23.14 8.96
CA ALA G 45 64.49 23.36 8.56
C ALA G 45 63.57 23.58 9.77
N PHE G 46 64.12 23.62 10.98
CA PHE G 46 63.33 23.81 12.19
C PHE G 46 64.13 24.73 13.11
N ASN G 47 63.45 25.38 14.04
CA ASN G 47 64.13 26.05 15.15
C ASN G 47 64.21 24.99 16.22
N LEU G 48 65.37 24.39 16.37
CA LEU G 48 65.50 23.24 17.22
C LEU G 48 66.08 23.72 18.52
N GLN G 49 65.54 23.21 19.62
CA GLN G 49 66.04 23.66 20.93
C GLN G 49 66.23 22.44 21.79
N VAL G 50 67.44 22.28 22.27
CA VAL G 50 67.88 21.12 23.02
C VAL G 50 67.76 21.40 24.52
N ALA G 51 67.28 20.41 25.27
CA ALA G 51 67.00 20.61 26.69
C ALA G 51 67.19 19.30 27.44
N THR G 52 67.47 19.41 28.73
CA THR G 52 67.66 18.28 29.65
C THR G 52 67.02 18.60 30.98
N PRO G 53 66.57 17.58 31.71
CA PRO G 53 66.15 17.79 33.11
C PRO G 53 67.32 18.25 33.95
N GLY G 54 67.07 19.27 34.77
CA GLY G 54 68.12 19.93 35.54
C GLY G 54 69.22 20.65 34.76
N GLY G 55 69.09 20.74 33.44
CA GLY G 55 70.10 21.38 32.61
C GLY G 55 71.45 20.71 32.63
N LYS G 56 71.51 19.44 33.01
CA LYS G 56 72.79 18.76 33.16
C LYS G 56 73.49 18.50 31.83
N ALA G 57 74.80 18.75 31.83
CA ALA G 57 75.62 18.66 30.62
C ALA G 57 75.66 17.25 30.06
N MET G 58 75.77 17.17 28.74
CA MET G 58 75.66 15.90 28.06
C MET G 58 76.96 15.12 28.03
N GLU G 59 76.80 13.81 28.04
CA GLU G 59 77.86 12.83 27.90
C GLU G 59 77.52 12.05 26.64
N PHE G 60 78.48 11.87 25.76
CA PHE G 60 78.20 11.22 24.50
C PHE G 60 78.64 9.76 24.58
N VAL G 61 77.68 8.87 24.39
CA VAL G 61 77.86 7.43 24.28
C VAL G 61 77.83 7.10 22.80
N ASP G 62 78.63 6.10 22.41
CA ASP G 62 78.76 5.56 21.05
C ASP G 62 79.45 6.59 20.16
N VAL G 63 80.44 7.27 20.74
CA VAL G 63 81.37 8.05 19.93
C VAL G 63 82.19 7.12 19.04
N THR G 64 82.38 7.56 17.81
CA THR G 64 83.11 6.84 16.77
C THR G 64 83.89 7.89 15.98
N GLU G 65 84.67 7.42 15.01
CA GLU G 65 85.32 8.33 14.08
C GLU G 65 84.30 9.10 13.24
N SER G 66 83.13 8.51 13.02
CA SER G 66 82.12 9.13 12.17
C SER G 66 81.43 10.29 12.88
N ASN G 67 81.15 10.16 14.17
CA ASN G 67 80.37 11.18 14.85
C ASN G 67 81.20 12.16 15.67
N ALA G 68 82.53 11.99 15.69
CA ALA G 68 83.39 12.74 16.60
C ALA G 68 83.43 14.23 16.27
N ARG G 69 83.65 14.58 14.98
CA ARG G 69 83.80 15.99 14.60
C ARG G 69 82.57 16.80 14.97
N TRP G 70 81.38 16.22 14.82
CA TRP G 70 80.18 16.91 15.26
C TRP G 70 80.09 16.96 16.78
N VAL G 71 80.65 15.97 17.48
CA VAL G 71 80.63 16.03 18.94
C VAL G 71 81.47 17.20 19.45
N GLN G 72 82.63 17.44 18.83
CA GLN G 72 83.36 18.66 19.18
C GLN G 72 82.68 19.91 18.64
N ASP G 73 81.96 19.81 17.53
CA ASP G 73 81.19 20.95 17.07
C ASP G 73 80.05 21.27 18.03
N PHE G 74 79.50 20.23 18.66
CA PHE G 74 78.46 20.39 19.65
C PHE G 74 79.00 21.10 20.89
N ARG G 75 80.17 20.66 21.36
CA ARG G 75 80.77 21.29 22.53
C ARG G 75 81.16 22.73 22.25
N LEU G 76 81.66 23.02 21.04
CA LEU G 76 82.18 24.34 20.73
C LEU G 76 81.11 25.33 20.24
N LYS G 77 79.86 24.92 20.05
CA LYS G 77 78.89 25.86 19.54
C LYS G 77 78.20 26.59 20.68
N ALA G 78 77.68 27.79 20.35
CA ALA G 78 77.57 28.93 21.26
C ALA G 78 76.88 28.63 22.59
N TYR G 79 75.73 27.92 22.55
CA TYR G 79 75.11 27.58 23.82
C TYR G 79 75.90 26.54 24.61
N ALA G 80 75.89 25.27 24.17
CA ALA G 80 76.66 24.13 24.69
C ALA G 80 76.27 23.73 26.12
N SER G 81 75.46 24.53 26.79
CA SER G 81 74.83 24.26 28.06
C SER G 81 73.35 24.05 27.79
N PRO G 82 72.79 22.86 28.07
CA PRO G 82 71.41 22.59 27.70
C PRO G 82 70.41 23.49 28.42
N ALA G 83 69.28 23.72 27.77
CA ALA G 83 68.18 24.45 28.37
C ALA G 83 67.49 23.63 29.45
N LYS G 84 66.79 24.34 30.33
CA LYS G 84 66.00 23.73 31.37
C LYS G 84 64.77 23.07 30.75
N LEU G 85 64.58 21.77 30.99
CA LEU G 85 63.41 21.12 30.44
C LEU G 85 62.16 21.43 31.26
N GLU G 86 62.34 21.62 32.57
CA GLU G 86 61.21 21.88 33.45
C GLU G 86 60.70 23.32 33.36
N SER G 87 61.37 24.18 32.60
CA SER G 87 60.89 25.53 32.36
C SER G 87 60.27 25.69 30.98
N ILE G 88 60.00 24.59 30.31
CA ILE G 88 59.52 24.63 28.93
C ILE G 88 58.02 24.42 28.93
N ASP G 89 57.29 25.40 28.39
CA ASP G 89 55.89 25.26 28.01
C ASP G 89 55.85 24.93 26.52
N GLY G 90 55.40 23.71 26.20
CA GLY G 90 55.42 23.21 24.83
C GLY G 90 54.69 24.03 23.78
N ALA G 91 53.70 24.84 24.22
CA ALA G 91 52.76 25.51 23.31
C ALA G 91 53.41 26.43 22.28
N ARG G 92 54.61 26.99 22.54
CA ARG G 92 55.20 27.78 21.46
C ARG G 92 55.91 26.92 20.44
N TYR G 93 56.11 25.64 20.73
CA TYR G 93 56.81 24.70 19.86
C TYR G 93 55.82 23.90 19.05
N HIS G 94 56.06 23.83 17.74
CA HIS G 94 55.16 23.09 16.86
C HIS G 94 55.32 21.59 17.03
N ALA G 95 56.51 21.13 17.40
CA ALA G 95 56.78 19.70 17.46
C ALA G 95 57.67 19.38 18.65
N LEU G 96 57.65 18.10 19.03
CA LEU G 96 58.48 17.58 20.10
C LEU G 96 59.26 16.40 19.54
N LEU G 97 60.55 16.33 19.86
CA LEU G 97 61.45 15.35 19.28
C LEU G 97 62.35 14.77 20.36
N ILE G 98 62.39 13.45 20.47
CA ILE G 98 63.28 12.83 21.43
C ILE G 98 64.23 11.88 20.69
N PRO G 99 65.52 12.19 20.55
CA PRO G 99 66.47 11.23 19.98
C PRO G 99 66.73 10.06 20.92
N SER G 100 67.48 9.07 20.40
CA SER G 100 67.76 7.84 21.14
C SER G 100 68.57 8.08 22.41
N CYS G 101 67.92 7.88 23.55
CA CYS G 101 68.49 8.16 24.87
C CYS G 101 68.32 6.92 25.73
N PRO G 102 69.35 6.07 25.82
CA PRO G 102 69.28 4.91 26.73
C PRO G 102 69.06 5.27 28.19
N GLY G 103 69.49 6.46 28.62
CA GLY G 103 69.31 6.98 29.97
C GLY G 103 67.93 7.51 30.28
N ALA G 104 66.95 7.24 29.42
CA ALA G 104 65.60 7.82 29.51
C ALA G 104 64.91 7.57 30.83
N LEU G 105 65.20 6.43 31.48
CA LEU G 105 64.41 5.98 32.63
C LEU G 105 64.43 6.95 33.81
N THR G 106 65.58 7.50 34.14
CA THR G 106 65.60 8.26 35.38
C THR G 106 65.18 9.71 35.19
N ASP G 107 65.81 10.42 34.25
CA ASP G 107 65.48 11.82 34.04
C ASP G 107 64.15 11.95 33.29
N LEU G 108 64.07 11.41 32.08
CA LEU G 108 63.00 11.80 31.16
C LEU G 108 61.71 11.06 31.46
N ALA G 109 61.80 9.77 31.80
CA ALA G 109 60.66 8.95 32.19
C ALA G 109 60.04 9.36 33.51
N SER G 110 60.67 10.24 34.28
CA SER G 110 60.12 10.67 35.55
C SER G 110 59.87 12.17 35.61
N SER G 111 60.07 12.88 34.50
CA SER G 111 59.85 14.32 34.44
C SER G 111 58.36 14.57 34.25
N GLY G 112 57.67 14.99 35.32
CA GLY G 112 56.27 15.36 35.23
C GLY G 112 56.00 16.51 34.28
N SER G 113 56.99 17.37 34.07
CA SER G 113 56.85 18.45 33.11
C SER G 113 56.78 17.90 31.69
N LEU G 114 57.56 16.86 31.43
CA LEU G 114 57.49 16.19 30.14
C LEU G 114 56.15 15.51 29.95
N ALA G 115 55.58 14.99 31.04
CA ALA G 115 54.22 14.46 30.97
C ALA G 115 53.23 15.54 30.61
N ARG G 116 53.35 16.72 31.25
CA ARG G 116 52.41 17.81 30.98
C ARG G 116 52.51 18.32 29.55
N ILE G 117 53.73 18.35 28.99
CA ILE G 117 53.89 18.75 27.60
C ILE G 117 53.32 17.68 26.69
N LEU G 118 53.45 16.42 27.08
CA LEU G 118 52.84 15.35 26.31
C LEU G 118 51.32 15.41 26.34
N GLN G 119 50.71 15.70 27.50
CA GLN G 119 49.24 15.81 27.46
C GLN G 119 48.77 17.03 26.68
N HIS G 120 49.54 18.13 26.71
CA HIS G 120 49.26 19.26 25.83
C HIS G 120 49.29 18.85 24.36
N PHE G 121 50.40 18.28 23.94
CA PHE G 121 50.60 17.88 22.56
C PHE G 121 49.67 16.75 22.13
N HIS G 122 49.41 15.80 23.03
CA HIS G 122 48.46 14.73 22.77
C HIS G 122 47.06 15.27 22.56
N SER G 123 46.63 16.16 23.46
CA SER G 123 45.29 16.69 23.37
C SER G 123 45.15 17.64 22.17
N GLU G 124 46.23 18.32 21.82
CA GLU G 124 46.24 19.20 20.65
C GLU G 124 46.53 18.44 19.37
N SER G 125 46.81 17.14 19.48
CA SER G 125 47.15 16.24 18.36
C SER G 125 48.25 16.82 17.47
N LYS G 126 49.31 17.35 18.12
CA LYS G 126 50.42 17.96 17.43
C LYS G 126 51.49 16.91 17.15
N PRO G 127 52.31 17.09 16.10
CA PRO G 127 53.27 16.05 15.72
C PRO G 127 54.36 15.83 16.76
N ILE G 128 54.49 14.59 17.20
CA ILE G 128 55.50 14.17 18.16
C ILE G 128 56.32 13.06 17.50
N CYS G 129 57.65 13.13 17.66
CA CYS G 129 58.56 12.16 17.06
C CYS G 129 59.59 11.71 18.09
N ALA G 130 59.59 10.42 18.40
CA ALA G 130 60.56 9.83 19.32
C ALA G 130 61.30 8.68 18.63
N VAL G 131 62.61 8.66 18.80
CA VAL G 131 63.48 7.70 18.12
C VAL G 131 64.07 6.77 19.17
N GLY G 132 64.07 5.46 18.85
CA GLY G 132 64.74 4.42 19.59
C GLY G 132 64.60 4.33 21.09
N HIS G 133 65.74 4.44 21.77
CA HIS G 133 65.78 4.42 23.22
C HIS G 133 65.04 5.62 23.81
N GLY G 134 65.08 6.73 23.08
CA GLY G 134 64.25 7.89 23.41
C GLY G 134 62.77 7.60 23.52
N VAL G 135 62.29 6.56 22.81
CA VAL G 135 60.90 6.16 22.90
C VAL G 135 60.53 5.75 24.32
N ALA G 136 61.49 5.19 25.07
CA ALA G 136 61.26 4.84 26.47
C ALA G 136 61.05 6.07 27.35
N ALA G 137 61.50 7.24 26.87
CA ALA G 137 61.29 8.50 27.57
C ALA G 137 59.83 8.84 27.71
N LEU G 138 58.97 8.28 26.85
CA LEU G 138 57.54 8.52 26.92
C LEU G 138 56.87 7.81 28.10
N CYS G 139 57.65 7.07 28.90
CA CYS G 139 57.13 6.37 30.08
C CYS G 139 56.43 7.31 31.07
N CYS G 140 56.91 8.56 31.19
CA CYS G 140 56.31 9.52 32.11
C CYS G 140 54.89 9.94 31.75
N ALA G 141 54.45 9.71 30.52
CA ALA G 141 53.24 10.39 30.05
C ALA G 141 51.96 9.60 30.25
N THR G 142 51.71 9.04 31.42
CA THR G 142 50.39 8.46 31.66
C THR G 142 49.33 9.55 31.80
N ASN G 143 48.07 9.14 31.64
CA ASN G 143 46.95 10.04 31.89
C ASN G 143 46.74 10.23 33.38
N GLU G 144 45.58 10.80 33.72
CA GLU G 144 45.19 10.90 35.11
C GLU G 144 44.92 9.52 35.69
N ASP G 145 44.27 8.65 34.92
CA ASP G 145 44.27 7.22 35.23
C ASP G 145 45.54 6.58 34.68
N ARG G 146 45.75 5.32 35.09
CA ARG G 146 46.95 4.55 34.73
C ARG G 146 47.16 4.41 33.23
N SER G 147 46.09 4.45 32.44
CA SER G 147 46.15 4.46 30.98
C SER G 147 47.11 5.52 30.46
N TRP G 148 47.99 5.10 29.55
CA TRP G 148 48.92 6.01 28.89
C TRP G 148 48.21 6.84 27.83
N VAL G 149 48.76 8.03 27.56
CA VAL G 149 48.16 8.91 26.58
C VAL G 149 48.23 8.33 25.17
N PHE G 150 49.21 7.51 24.89
CA PHE G 150 49.28 6.88 23.58
C PHE G 150 48.93 5.41 23.67
N ASP G 151 47.94 5.09 24.50
CA ASP G 151 47.34 3.75 24.49
C ASP G 151 46.88 3.37 23.10
N SER G 152 45.95 4.13 22.54
CA SER G 152 45.29 3.73 21.31
C SER G 152 46.18 3.83 20.08
N TYR G 153 47.31 4.51 20.19
CA TYR G 153 48.19 4.71 19.06
C TYR G 153 49.03 3.47 18.80
N SER G 154 49.34 3.23 17.54
CA SER G 154 50.20 2.13 17.12
C SER G 154 51.60 2.67 16.87
N LEU G 155 52.61 1.99 17.43
CA LEU G 155 53.95 2.54 17.44
C LEU G 155 54.96 1.40 17.53
N THR G 156 56.25 1.75 17.48
CA THR G 156 57.32 0.84 17.80
C THR G 156 58.10 1.33 19.02
N GLY G 157 58.86 0.43 19.60
CA GLY G 157 59.65 0.68 20.79
C GLY G 157 61.03 0.12 20.52
N PRO G 158 61.98 0.27 21.46
CA PRO G 158 63.36 -0.15 21.16
C PRO G 158 63.50 -1.63 20.83
N SER G 159 63.02 -2.51 21.73
CA SER G 159 62.53 -3.89 21.61
C SER G 159 63.18 -4.71 22.72
N VAL G 160 62.70 -5.92 22.95
CA VAL G 160 63.46 -6.84 23.77
C VAL G 160 64.69 -7.33 23.00
N CYS G 161 64.54 -7.49 21.68
CA CYS G 161 65.61 -8.01 20.83
C CYS G 161 66.83 -7.09 20.84
N GLU G 162 66.60 -5.78 20.80
CA GLU G 162 67.70 -4.83 20.93
C GLU G 162 68.31 -4.89 22.32
N LEU G 163 67.48 -4.99 23.36
CA LEU G 163 67.98 -4.96 24.74
C LEU G 163 68.82 -6.18 25.08
N VAL G 164 68.42 -7.38 24.66
CA VAL G 164 69.16 -8.58 25.07
C VAL G 164 70.58 -8.62 24.50
N ARG G 165 70.83 -7.96 23.38
CA ARG G 165 72.17 -7.89 22.78
C ARG G 165 72.96 -6.76 23.43
N ALA G 166 74.13 -7.11 24.01
CA ALA G 166 75.00 -6.27 24.86
C ALA G 166 74.20 -5.72 26.02
N PRO G 167 73.53 -6.57 26.80
CA PRO G 167 72.40 -6.11 27.63
C PRO G 167 72.61 -5.23 28.87
N GLY G 168 73.47 -5.61 29.81
CA GLY G 168 73.47 -4.99 31.12
C GLY G 168 72.14 -5.01 31.84
N PHE G 169 71.45 -6.16 31.83
CA PHE G 169 70.13 -6.26 32.47
C PHE G 169 70.12 -6.01 33.97
N ALA G 170 69.06 -5.33 34.37
CA ALA G 170 68.69 -4.92 35.71
C ALA G 170 67.20 -4.61 35.64
N ARG G 171 66.66 -4.06 36.73
CA ARG G 171 65.28 -3.57 36.72
C ARG G 171 65.10 -2.48 35.66
N LEU G 172 66.11 -1.62 35.52
CA LEU G 172 66.04 -0.52 34.56
C LEU G 172 65.96 -0.96 33.09
N PRO G 173 66.71 -1.95 32.57
CA PRO G 173 66.39 -2.45 31.23
C PRO G 173 65.01 -3.07 31.14
N LEU G 174 64.53 -3.68 32.23
CA LEU G 174 63.24 -4.35 32.24
C LEU G 174 62.10 -3.36 31.98
N VAL G 175 62.07 -2.27 32.75
CA VAL G 175 60.99 -1.28 32.65
C VAL G 175 60.87 -0.64 31.27
N VAL G 176 61.98 -0.29 30.62
CA VAL G 176 61.91 0.54 29.41
C VAL G 176 61.19 -0.20 28.27
N GLU G 177 61.50 -1.48 28.05
CA GLU G 177 60.69 -2.31 27.17
C GLU G 177 59.32 -2.60 27.78
N ASP G 178 59.25 -2.68 29.12
CA ASP G 178 58.01 -3.05 29.80
C ASP G 178 56.91 -2.02 29.51
N PHE G 179 57.29 -0.75 29.38
CA PHE G 179 56.28 0.30 29.24
C PHE G 179 55.44 0.12 27.97
N VAL G 180 56.08 -0.12 26.83
CA VAL G 180 55.31 -0.47 25.63
C VAL G 180 54.65 -1.82 25.81
N LYS G 181 55.33 -2.72 26.51
CA LYS G 181 54.85 -4.08 26.73
C LYS G 181 53.53 -4.14 27.50
N ASP G 182 53.32 -3.25 28.47
CA ASP G 182 52.10 -3.30 29.29
C ASP G 182 50.84 -3.01 28.50
N SER G 183 50.86 -2.04 27.61
CA SER G 183 49.65 -1.69 26.89
C SER G 183 49.60 -2.55 25.65
N GLY G 184 48.62 -3.44 25.60
CA GLY G 184 48.39 -4.23 24.40
C GLY G 184 47.98 -3.39 23.22
N ALA G 185 47.21 -2.32 23.48
CA ALA G 185 46.87 -1.37 22.43
C ALA G 185 48.12 -0.71 21.86
N CYS G 186 49.11 -0.44 22.72
CA CYS G 186 50.44 -0.10 22.25
C CYS G 186 51.12 -1.31 21.60
N PHE G 187 52.02 -1.06 20.66
CA PHE G 187 52.65 -2.14 19.93
C PHE G 187 54.16 -2.03 19.98
N SER G 188 54.81 -3.17 19.78
CA SER G 188 56.27 -3.24 19.76
C SER G 188 56.70 -4.10 18.58
N ALA G 189 57.63 -3.60 17.77
CA ALA G 189 58.19 -4.35 16.65
C ALA G 189 59.68 -4.57 16.89
N SER G 190 60.12 -5.81 16.77
CA SER G 190 61.50 -6.17 17.09
C SER G 190 62.30 -6.54 15.85
N GLU G 191 63.35 -5.76 15.58
CA GLU G 191 64.37 -5.96 14.57
C GLU G 191 65.68 -5.72 15.30
N PRO G 192 66.69 -6.58 15.13
CA PRO G 192 67.92 -6.44 15.93
C PRO G 192 68.73 -5.18 15.69
N ASP G 193 68.99 -4.82 14.45
CA ASP G 193 69.78 -3.63 14.10
C ASP G 193 69.26 -3.04 12.80
N ALA G 194 68.00 -2.64 12.77
CA ALA G 194 67.40 -2.23 11.51
C ALA G 194 66.63 -0.92 11.62
N VAL G 195 66.79 -0.10 10.58
CA VAL G 195 66.02 1.11 10.40
C VAL G 195 64.53 0.77 10.44
N HIS G 196 63.81 1.35 11.40
CA HIS G 196 62.39 1.09 11.51
C HIS G 196 61.67 2.35 11.98
N VAL G 197 60.73 2.83 11.16
CA VAL G 197 60.02 4.08 11.40
C VAL G 197 58.53 3.81 11.33
N VAL G 198 57.78 4.32 12.30
CA VAL G 198 56.33 4.20 12.36
C VAL G 198 55.76 5.60 12.49
N LEU G 199 54.86 5.97 11.58
CA LEU G 199 54.18 7.25 11.64
C LEU G 199 52.69 6.92 11.68
N ASP G 200 52.09 7.08 12.85
CA ASP G 200 50.67 6.86 13.08
C ASP G 200 50.07 8.11 13.70
N ARG G 201 49.42 8.93 12.86
CA ARG G 201 48.62 10.11 13.20
C ARG G 201 49.32 10.97 14.24
N HIS G 202 50.35 11.72 13.83
N HIS G 202 50.36 11.69 13.82
CA HIS G 202 51.12 12.69 14.62
CA HIS G 202 51.13 12.66 14.60
C HIS G 202 52.01 12.01 15.64
C HIS G 202 52.04 12.00 15.62
N LEU G 203 52.05 10.68 15.70
CA LEU G 203 52.99 9.98 16.55
C LEU G 203 53.98 9.25 15.65
N VAL G 204 55.26 9.59 15.79
CA VAL G 204 56.34 8.95 15.06
C VAL G 204 57.22 8.25 16.07
N THR G 205 57.52 6.99 15.80
CA THR G 205 58.42 6.21 16.64
C THR G 205 59.46 5.53 15.76
N GLY G 206 60.72 5.65 16.16
CA GLY G 206 61.83 4.95 15.55
C GLY G 206 62.26 3.83 16.49
N GLN G 207 62.65 2.69 15.91
CA GLN G 207 63.03 1.56 16.75
C GLN G 207 64.40 1.73 17.39
N ASN G 208 65.34 2.35 16.70
CA ASN G 208 66.73 2.24 17.14
C ASN G 208 67.53 3.41 16.56
N ALA G 209 68.84 3.36 16.84
CA ALA G 209 69.76 4.42 16.42
C ALA G 209 69.85 4.54 14.91
N SER G 210 69.68 3.43 14.20
CA SER G 210 69.69 3.47 12.74
C SER G 210 68.46 4.19 12.20
N SER G 211 67.29 3.93 12.80
CA SER G 211 65.99 4.47 12.40
C SER G 211 65.79 5.98 12.44
N THR G 212 66.81 6.75 12.80
CA THR G 212 66.63 8.15 13.10
C THR G 212 66.29 9.00 11.87
N VAL G 213 67.01 8.79 10.77
CA VAL G 213 66.90 9.70 9.62
C VAL G 213 65.52 9.80 8.97
N PRO G 214 64.74 8.72 8.74
CA PRO G 214 63.43 8.98 8.12
C PRO G 214 62.39 9.52 9.09
N ALA G 215 62.49 9.08 10.35
CA ALA G 215 61.51 9.41 11.38
C ALA G 215 61.40 10.91 11.57
N VAL G 216 62.53 11.57 11.73
CA VAL G 216 62.49 13.01 11.96
C VAL G 216 62.15 13.71 10.65
N GLN G 217 62.53 13.10 9.50
CA GLN G 217 62.09 13.58 8.20
C GLN G 217 60.59 13.52 8.09
N ASN G 218 60.00 12.48 8.69
CA ASN G 218 58.56 12.34 8.69
C ASN G 218 57.95 13.46 9.50
N LEU G 219 58.55 13.73 10.67
CA LEU G 219 58.17 14.90 11.46
C LEU G 219 58.36 16.16 10.64
N LEU G 220 59.46 16.21 9.87
CA LEU G 220 59.73 17.32 8.97
C LEU G 220 58.62 17.40 7.93
N PHE G 221 58.17 16.24 7.47
CA PHE G 221 57.07 16.23 6.52
C PHE G 221 55.78 16.67 7.19
N LEU G 222 55.58 16.23 8.44
CA LEU G 222 54.38 16.61 9.20
C LEU G 222 54.23 18.12 9.30
N CYS G 223 55.32 18.83 9.54
CA CYS G 223 55.34 20.28 9.60
C CYS G 223 55.70 20.90 8.25
N GLY G 224 55.61 20.13 7.17
CA GLY G 224 55.94 20.61 5.85
C GLY G 224 54.75 21.22 5.15
N ASN H 15 71.53 11.55 -13.88
CA ASN H 15 70.48 10.55 -13.97
C ASN H 15 69.56 10.60 -12.75
N ARG H 16 68.27 10.36 -12.98
CA ARG H 16 67.31 10.30 -11.91
C ARG H 16 66.55 8.99 -12.01
N PRO H 17 66.27 8.33 -10.89
CA PRO H 17 65.79 6.94 -10.92
C PRO H 17 64.39 6.71 -11.46
N ALA H 18 64.16 5.44 -11.79
CA ALA H 18 62.92 4.91 -12.35
C ALA H 18 62.19 4.06 -11.30
N CYS H 19 60.87 4.09 -11.37
CA CYS H 19 60.03 3.38 -10.43
C CYS H 19 58.91 2.63 -11.15
N LEU H 20 58.69 1.40 -10.71
CA LEU H 20 57.64 0.56 -11.24
C LEU H 20 56.38 0.71 -10.41
N LEU H 21 55.27 1.03 -11.08
CA LEU H 21 53.95 1.12 -10.47
C LEU H 21 53.16 -0.08 -10.98
N VAL H 22 52.87 -1.02 -10.11
CA VAL H 22 51.97 -2.11 -10.47
C VAL H 22 50.60 -1.82 -9.88
N ALA H 23 49.55 -2.11 -10.67
CA ALA H 23 48.17 -1.80 -10.34
C ALA H 23 47.29 -2.90 -10.92
N SER H 24 46.03 -2.92 -10.49
CA SER H 24 45.06 -3.90 -10.96
C SER H 24 44.08 -3.31 -11.97
N GLY H 25 44.02 -3.90 -13.18
CA GLY H 25 43.09 -3.37 -14.16
C GLY H 25 41.82 -4.17 -14.38
N ALA H 26 41.18 -4.55 -13.28
CA ALA H 26 39.92 -5.28 -13.23
C ALA H 26 38.98 -4.38 -12.46
N ALA H 27 37.68 -4.43 -12.79
CA ALA H 27 36.54 -3.67 -12.23
C ALA H 27 36.79 -3.03 -10.85
N GLU H 28 36.46 -1.74 -10.75
CA GLU H 28 36.67 -0.84 -9.60
C GLU H 28 38.11 -1.01 -9.11
N GLY H 29 39.02 -0.83 -10.07
CA GLY H 29 40.45 -1.09 -9.96
C GLY H 29 41.41 -0.11 -9.36
N VAL H 30 41.05 1.10 -8.91
CA VAL H 30 41.96 2.11 -8.34
C VAL H 30 41.18 3.21 -7.62
N SER H 31 41.47 3.42 -6.34
CA SER H 31 41.06 4.65 -5.65
C SER H 31 41.75 5.86 -6.28
N ALA H 32 40.96 6.86 -6.68
CA ALA H 32 41.47 7.93 -7.55
C ALA H 32 42.43 8.85 -6.82
N GLN H 33 42.11 9.23 -5.58
CA GLN H 33 42.92 10.19 -4.83
C GLN H 33 44.31 9.63 -4.55
N SER H 34 44.36 8.35 -4.19
CA SER H 34 45.61 7.63 -3.99
C SER H 34 46.47 7.60 -5.24
N PHE H 35 45.86 7.31 -6.38
CA PHE H 35 46.61 7.27 -7.64
C PHE H 35 47.15 8.64 -7.98
N LEU H 36 46.31 9.66 -7.81
CA LEU H 36 46.70 11.03 -8.10
C LEU H 36 47.91 11.43 -7.27
N HIS H 37 47.89 11.12 -5.98
CA HIS H 37 49.01 11.52 -5.15
C HIS H 37 50.27 10.72 -5.46
N CYS H 38 50.16 9.38 -5.48
CA CYS H 38 51.30 8.51 -5.80
C CYS H 38 51.95 8.87 -7.13
N PHE H 39 51.13 9.02 -8.17
CA PHE H 39 51.66 9.20 -9.51
C PHE H 39 52.26 10.58 -9.66
N THR H 40 51.51 11.63 -9.30
CA THR H 40 52.00 12.96 -9.58
C THR H 40 53.21 13.35 -8.72
N MET H 41 53.22 13.03 -7.42
CA MET H 41 54.41 13.44 -6.66
C MET H 41 55.60 12.54 -6.99
N ALA H 42 55.37 11.22 -7.13
CA ALA H 42 56.46 10.32 -7.50
C ALA H 42 57.05 10.65 -8.86
N SER H 43 56.20 11.00 -9.83
CA SER H 43 56.62 11.13 -11.21
C SER H 43 57.59 12.27 -11.45
N THR H 44 57.61 13.26 -10.56
CA THR H 44 58.62 14.31 -10.66
C THR H 44 59.97 13.86 -10.13
N ALA H 45 60.00 12.88 -9.24
CA ALA H 45 61.25 12.38 -8.69
C ALA H 45 61.56 10.95 -9.12
N PHE H 46 60.72 10.37 -9.98
CA PHE H 46 60.91 9.02 -10.46
C PHE H 46 60.45 8.98 -11.90
N ASN H 47 60.89 7.96 -12.64
CA ASN H 47 60.30 7.63 -13.92
C ASN H 47 59.33 6.47 -13.69
N LEU H 48 58.04 6.73 -13.80
CA LEU H 48 57.05 5.73 -13.41
C LEU H 48 56.58 4.95 -14.62
N GLN H 49 56.31 3.67 -14.40
CA GLN H 49 55.68 2.90 -15.45
C GLN H 49 54.57 2.10 -14.80
N VAL H 50 53.35 2.26 -15.30
CA VAL H 50 52.14 1.67 -14.72
C VAL H 50 51.91 0.33 -15.42
N ALA H 51 51.51 -0.68 -14.65
CA ALA H 51 51.34 -2.01 -15.21
C ALA H 51 50.19 -2.73 -14.52
N THR H 52 49.48 -3.53 -15.30
CA THR H 52 48.32 -4.32 -14.89
C THR H 52 48.40 -5.64 -15.62
N PRO H 53 47.82 -6.69 -15.05
CA PRO H 53 47.65 -7.94 -15.82
C PRO H 53 46.77 -7.73 -17.05
N GLY H 54 47.22 -8.27 -18.18
CA GLY H 54 46.54 -8.18 -19.46
C GLY H 54 46.26 -6.83 -20.11
N GLY H 55 46.72 -5.74 -19.51
CA GLY H 55 46.51 -4.41 -20.10
C GLY H 55 45.08 -3.94 -20.24
N LYS H 56 44.15 -4.53 -19.47
CA LYS H 56 42.74 -4.16 -19.52
C LYS H 56 42.57 -2.75 -18.97
N ALA H 57 41.61 -2.02 -19.54
CA ALA H 57 41.43 -0.60 -19.25
C ALA H 57 41.18 -0.33 -17.77
N MET H 58 41.70 0.80 -17.32
CA MET H 58 41.75 1.13 -15.90
C MET H 58 40.40 1.63 -15.41
N GLU H 59 40.04 1.25 -14.18
CA GLU H 59 38.82 1.71 -13.52
C GLU H 59 39.12 2.48 -12.24
N PHE H 60 38.49 3.64 -12.10
CA PHE H 60 38.74 4.53 -10.98
C PHE H 60 37.63 4.43 -9.94
N VAL H 61 38.05 4.22 -8.69
CA VAL H 61 37.20 4.31 -7.51
C VAL H 61 37.46 5.69 -6.91
N ASP H 62 36.41 6.31 -6.34
CA ASP H 62 36.52 7.52 -5.51
C ASP H 62 36.95 8.71 -6.37
N VAL H 63 36.28 8.85 -7.52
CA VAL H 63 36.33 10.10 -8.23
C VAL H 63 35.73 11.20 -7.34
N THR H 64 36.27 12.40 -7.47
CA THR H 64 35.82 13.49 -6.61
C THR H 64 35.67 14.72 -7.50
N GLU H 65 34.87 15.69 -7.04
CA GLU H 65 34.69 16.94 -7.77
C GLU H 65 35.99 17.75 -7.85
N SER H 66 36.87 17.58 -6.87
CA SER H 66 38.17 18.24 -6.94
C SER H 66 39.05 17.52 -7.97
N ASN H 67 38.89 16.21 -8.08
CA ASN H 67 39.70 15.37 -8.96
C ASN H 67 39.04 15.04 -10.29
N ALA H 68 37.83 15.53 -10.56
CA ALA H 68 37.13 15.15 -11.80
C ALA H 68 37.83 15.70 -13.03
N ARG H 69 38.23 16.97 -12.99
CA ARG H 69 39.04 17.58 -14.04
C ARG H 69 40.36 16.84 -14.22
N TRP H 70 41.00 16.49 -13.11
CA TRP H 70 42.32 15.87 -13.14
C TRP H 70 42.27 14.44 -13.64
N VAL H 71 41.20 13.68 -13.32
CA VAL H 71 41.07 12.35 -13.90
C VAL H 71 40.69 12.43 -15.39
N GLN H 72 39.95 13.48 -15.81
CA GLN H 72 39.73 13.64 -17.24
C GLN H 72 41.04 14.02 -17.95
N ASP H 73 41.91 14.75 -17.27
CA ASP H 73 43.23 15.02 -17.81
C ASP H 73 44.05 13.74 -17.90
N PHE H 74 43.93 12.87 -16.89
CA PHE H 74 44.66 11.60 -16.88
C PHE H 74 44.20 10.73 -18.04
N ARG H 75 42.89 10.71 -18.32
CA ARG H 75 42.41 10.02 -19.51
C ARG H 75 42.96 10.68 -20.77
N LEU H 76 43.04 12.02 -20.77
CA LEU H 76 43.64 12.74 -21.89
C LEU H 76 45.14 12.43 -22.03
N LYS H 77 45.83 12.21 -20.89
CA LYS H 77 47.28 11.92 -20.90
C LYS H 77 47.62 10.70 -21.72
N ALA H 78 48.71 10.81 -22.48
CA ALA H 78 49.20 9.70 -23.30
C ALA H 78 49.62 8.54 -22.42
N TYR H 79 50.28 8.84 -21.30
CA TYR H 79 50.78 7.81 -20.38
C TYR H 79 49.69 7.40 -19.40
N ALA H 80 48.62 6.85 -19.96
CA ALA H 80 47.53 6.26 -19.21
C ALA H 80 47.32 4.80 -19.54
N SER H 81 47.96 4.28 -20.58
CA SER H 81 47.79 2.89 -20.93
C SER H 81 48.54 2.00 -19.95
N PRO H 82 47.92 0.92 -19.50
CA PRO H 82 48.65 -0.04 -18.65
C PRO H 82 49.28 -1.18 -19.44
N ALA H 83 50.60 -1.25 -19.39
CA ALA H 83 51.33 -2.29 -20.10
C ALA H 83 51.27 -3.62 -19.36
N LYS H 84 51.54 -4.69 -20.09
CA LYS H 84 51.64 -6.01 -19.49
C LYS H 84 52.79 -6.07 -18.48
N LEU H 85 52.53 -6.73 -17.35
CA LEU H 85 53.46 -6.72 -16.23
C LEU H 85 54.57 -7.76 -16.35
N GLU H 86 54.31 -8.89 -16.98
CA GLU H 86 55.29 -9.98 -16.99
C GLU H 86 56.43 -9.79 -17.98
N SER H 87 56.49 -8.69 -18.71
CA SER H 87 57.64 -8.40 -19.57
C SER H 87 58.56 -7.34 -18.96
N ILE H 88 58.45 -7.10 -17.67
CA ILE H 88 59.15 -6.00 -17.01
C ILE H 88 60.47 -6.49 -16.42
N ASP H 89 61.54 -5.80 -16.77
CA ASP H 89 62.85 -5.96 -16.13
C ASP H 89 63.00 -4.99 -14.95
N GLY H 90 63.01 -5.56 -13.75
CA GLY H 90 63.10 -4.75 -12.53
C GLY H 90 64.34 -3.89 -12.39
N ALA H 91 65.48 -4.35 -12.93
CA ALA H 91 66.77 -3.67 -12.75
C ALA H 91 66.80 -2.24 -13.28
N ARG H 92 65.92 -1.88 -14.21
CA ARG H 92 65.85 -0.50 -14.65
C ARG H 92 65.15 0.37 -13.61
N TYR H 93 64.30 -0.24 -12.78
CA TYR H 93 63.47 0.51 -11.86
C TYR H 93 64.12 0.46 -10.49
N HIS H 94 64.44 1.62 -9.97
CA HIS H 94 65.09 1.70 -8.67
C HIS H 94 64.10 1.53 -7.53
N ALA H 95 62.81 1.73 -7.78
CA ALA H 95 61.79 1.66 -6.75
C ALA H 95 60.55 0.96 -7.29
N LEU H 96 59.71 0.50 -6.37
CA LEU H 96 58.42 -0.08 -6.70
C LEU H 96 57.37 0.66 -5.89
N LEU H 97 56.25 1.01 -6.51
CA LEU H 97 55.24 1.87 -5.88
C LEU H 97 53.87 1.30 -6.15
N ILE H 98 53.09 1.05 -5.11
CA ILE H 98 51.76 0.49 -5.31
C ILE H 98 50.69 1.44 -4.76
N PRO H 99 49.88 2.08 -5.59
CA PRO H 99 48.78 2.87 -5.08
C PRO H 99 47.70 2.00 -4.48
N SER H 100 46.81 2.64 -3.72
CA SER H 100 45.69 1.93 -3.10
C SER H 100 44.71 1.55 -4.19
N CYS H 101 44.64 0.26 -4.48
CA CYS H 101 43.82 -0.27 -5.57
C CYS H 101 42.98 -1.45 -5.09
N PRO H 102 41.69 -1.24 -4.85
CA PRO H 102 40.80 -2.31 -4.37
C PRO H 102 40.74 -3.56 -5.22
N GLY H 103 40.91 -3.47 -6.53
CA GLY H 103 40.89 -4.69 -7.31
C GLY H 103 42.15 -5.53 -7.27
N ALA H 104 43.17 -5.14 -6.49
CA ALA H 104 44.36 -5.95 -6.30
C ALA H 104 44.03 -7.27 -5.64
N LEU H 105 42.99 -7.26 -4.82
CA LEU H 105 42.64 -8.36 -3.93
C LEU H 105 42.16 -9.59 -4.68
N THR H 106 41.69 -9.42 -5.91
CA THR H 106 41.53 -10.54 -6.83
C THR H 106 42.71 -10.73 -7.77
N ASP H 107 43.15 -9.65 -8.43
CA ASP H 107 44.23 -9.76 -9.40
C ASP H 107 45.60 -9.95 -8.78
N LEU H 108 46.05 -8.94 -8.04
CA LEU H 108 47.47 -8.82 -7.80
C LEU H 108 47.90 -9.71 -6.66
N ALA H 109 46.99 -9.94 -5.70
CA ALA H 109 47.25 -10.89 -4.62
C ALA H 109 47.41 -12.33 -5.12
N SER H 110 47.08 -12.60 -6.38
CA SER H 110 47.26 -13.91 -6.99
C SER H 110 48.16 -13.88 -8.22
N SER H 111 48.78 -12.73 -8.53
CA SER H 111 49.67 -12.57 -9.68
C SER H 111 51.07 -13.09 -9.37
N GLY H 112 51.41 -14.27 -9.90
CA GLY H 112 52.75 -14.83 -9.72
C GLY H 112 53.89 -13.96 -10.22
N SER H 113 53.61 -13.09 -11.20
CA SER H 113 54.63 -12.19 -11.69
C SER H 113 54.96 -11.12 -10.66
N LEU H 114 53.96 -10.68 -9.87
CA LEU H 114 54.27 -9.74 -8.80
C LEU H 114 55.11 -10.40 -7.72
N ALA H 115 54.93 -11.71 -7.52
CA ALA H 115 55.80 -12.46 -6.62
C ALA H 115 57.22 -12.46 -7.15
N ARG H 116 57.36 -12.67 -8.47
CA ARG H 116 58.67 -12.71 -9.11
C ARG H 116 59.37 -11.35 -9.02
N ILE H 117 58.63 -10.26 -9.17
CA ILE H 117 59.30 -8.97 -9.11
C ILE H 117 59.56 -8.55 -7.66
N LEU H 118 58.68 -8.91 -6.71
CA LEU H 118 58.93 -8.55 -5.33
C LEU H 118 60.14 -9.29 -4.80
N GLN H 119 60.23 -10.58 -5.09
CA GLN H 119 61.39 -11.34 -4.65
C GLN H 119 62.64 -10.85 -5.36
N HIS H 120 62.52 -10.44 -6.64
CA HIS H 120 63.62 -9.76 -7.30
C HIS H 120 64.06 -8.51 -6.55
N PHE H 121 63.10 -7.69 -6.15
CA PHE H 121 63.37 -6.52 -5.32
C PHE H 121 64.00 -6.91 -4.00
N HIS H 122 63.56 -8.05 -3.44
CA HIS H 122 64.11 -8.54 -2.19
C HIS H 122 65.56 -8.97 -2.34
N SER H 123 65.88 -9.65 -3.44
CA SER H 123 67.20 -10.25 -3.59
C SER H 123 68.29 -9.19 -3.70
N GLU H 124 68.01 -8.07 -4.35
CA GLU H 124 68.92 -6.93 -4.31
C GLU H 124 68.61 -5.91 -3.21
N SER H 125 67.62 -6.19 -2.35
CA SER H 125 67.14 -5.28 -1.30
C SER H 125 66.80 -3.89 -1.85
N LYS H 126 66.03 -3.88 -2.91
CA LYS H 126 65.67 -2.67 -3.63
C LYS H 126 64.35 -2.13 -3.06
N PRO H 127 64.13 -0.80 -3.00
CA PRO H 127 62.98 -0.26 -2.25
C PRO H 127 61.60 -0.57 -2.84
N ILE H 128 60.69 -0.99 -1.96
CA ILE H 128 59.30 -1.34 -2.27
C ILE H 128 58.36 -0.41 -1.50
N CYS H 129 57.27 0.02 -2.15
CA CYS H 129 56.27 0.90 -1.55
C CYS H 129 54.88 0.36 -1.85
N ALA H 130 54.13 -0.02 -0.81
CA ALA H 130 52.75 -0.39 -0.99
C ALA H 130 51.84 0.35 -0.02
N VAL H 131 50.76 0.93 -0.53
CA VAL H 131 49.83 1.66 0.32
C VAL H 131 48.46 0.99 0.22
N GLY H 132 47.76 0.97 1.35
CA GLY H 132 46.40 0.51 1.50
C GLY H 132 45.97 -0.84 0.95
N HIS H 133 45.05 -0.81 -0.01
CA HIS H 133 44.51 -2.02 -0.59
C HIS H 133 45.56 -2.78 -1.38
N GLY H 134 46.42 -2.02 -2.07
CA GLY H 134 47.58 -2.56 -2.75
C GLY H 134 48.50 -3.38 -1.88
N VAL H 135 48.50 -3.09 -0.56
CA VAL H 135 49.33 -3.81 0.41
C VAL H 135 49.03 -5.30 0.39
N ALA H 136 47.77 -5.68 0.11
CA ALA H 136 47.40 -7.09 0.08
C ALA H 136 48.08 -7.85 -1.07
N ALA H 137 48.58 -7.12 -2.09
CA ALA H 137 49.32 -7.74 -3.18
C ALA H 137 50.61 -8.38 -2.69
N LEU H 138 51.15 -7.89 -1.57
CA LEU H 138 52.39 -8.45 -1.02
C LEU H 138 52.19 -9.84 -0.45
N CYS H 139 50.95 -10.28 -0.30
CA CYS H 139 50.69 -11.64 0.13
C CYS H 139 51.16 -12.63 -0.92
N CYS H 140 51.09 -12.23 -2.20
CA CYS H 140 51.37 -13.12 -3.32
C CYS H 140 52.81 -13.66 -3.36
N ALA H 141 53.73 -13.12 -2.57
CA ALA H 141 55.15 -13.42 -2.75
C ALA H 141 55.53 -14.71 -2.03
N THR H 142 54.76 -15.77 -2.31
CA THR H 142 55.04 -17.09 -1.78
C THR H 142 56.30 -17.71 -2.36
N ASN H 143 56.99 -18.48 -1.53
CA ASN H 143 58.10 -19.32 -1.93
C ASN H 143 57.54 -20.64 -2.45
N GLU H 144 58.40 -21.65 -2.61
CA GLU H 144 57.92 -22.97 -2.93
C GLU H 144 57.21 -23.59 -1.72
N ASP H 145 57.83 -23.44 -0.54
CA ASP H 145 57.20 -23.71 0.74
C ASP H 145 56.42 -22.49 1.21
N ARG H 146 55.61 -22.71 2.25
CA ARG H 146 54.79 -21.66 2.86
C ARG H 146 55.62 -20.51 3.44
N SER H 147 56.88 -20.76 3.81
CA SER H 147 57.80 -19.74 4.31
C SER H 147 57.85 -18.51 3.41
N TRP H 148 57.51 -17.37 3.98
CA TRP H 148 57.45 -16.12 3.24
C TRP H 148 58.83 -15.50 3.08
N VAL H 149 58.99 -14.78 1.97
CA VAL H 149 60.22 -14.05 1.73
C VAL H 149 60.31 -12.82 2.64
N PHE H 150 59.18 -12.26 3.07
CA PHE H 150 59.17 -11.09 3.95
C PHE H 150 58.69 -11.44 5.36
N ASP H 151 59.13 -12.58 5.86
CA ASP H 151 58.90 -12.98 7.25
C ASP H 151 59.34 -11.93 8.28
N SER H 152 60.62 -11.58 8.28
CA SER H 152 61.20 -10.73 9.33
C SER H 152 60.80 -9.28 9.23
N TYR H 153 60.14 -8.86 8.16
CA TYR H 153 59.85 -7.46 7.95
C TYR H 153 58.69 -7.04 8.85
N SER H 154 58.74 -5.81 9.33
CA SER H 154 57.62 -5.21 10.04
C SER H 154 56.90 -4.24 9.11
N LEU H 155 55.58 -4.40 9.00
CA LEU H 155 54.80 -3.57 8.09
C LEU H 155 53.37 -3.47 8.61
N THR H 156 52.65 -2.49 8.07
CA THR H 156 51.25 -2.29 8.40
C THR H 156 50.37 -2.86 7.30
N GLY H 157 49.07 -2.84 7.54
CA GLY H 157 48.16 -3.35 6.56
C GLY H 157 46.73 -3.03 6.88
N PRO H 158 45.80 -3.51 6.07
CA PRO H 158 44.38 -3.30 6.35
C PRO H 158 43.88 -4.38 7.32
N SER H 159 43.40 -3.93 8.47
CA SER H 159 42.96 -4.85 9.51
C SER H 159 41.48 -5.12 9.30
N VAL H 160 40.82 -5.70 10.29
CA VAL H 160 39.39 -5.99 10.18
C VAL H 160 38.57 -4.70 10.20
N CYS H 161 39.04 -3.69 10.95
CA CYS H 161 38.42 -2.38 11.11
C CYS H 161 37.90 -1.71 9.83
N GLU H 162 38.80 -1.34 8.91
CA GLU H 162 38.33 -0.69 7.69
C GLU H 162 37.48 -1.67 6.88
N LEU H 163 37.89 -2.94 6.85
CA LEU H 163 37.14 -3.96 6.14
C LEU H 163 35.74 -4.14 6.70
N VAL H 164 35.58 -4.09 8.03
CA VAL H 164 34.23 -4.26 8.56
C VAL H 164 33.42 -2.99 8.30
N ARG H 165 34.04 -1.82 8.46
CA ARG H 165 33.30 -0.56 8.33
C ARG H 165 32.80 -0.37 6.90
N ALA H 166 33.59 -0.75 5.92
CA ALA H 166 33.12 -0.77 4.55
C ALA H 166 32.35 -2.08 4.31
N PRO H 167 31.55 -2.14 3.25
CA PRO H 167 30.91 -3.42 2.89
C PRO H 167 31.92 -4.47 2.46
N GLY H 168 31.83 -5.65 3.09
CA GLY H 168 32.82 -6.69 2.80
C GLY H 168 32.33 -8.10 2.48
N PHE H 169 31.33 -8.21 1.62
CA PHE H 169 30.78 -9.50 1.21
C PHE H 169 31.53 -10.04 0.00
N ALA H 170 31.06 -11.21 -0.47
CA ALA H 170 31.53 -11.88 -1.70
C ALA H 170 33.02 -12.20 -1.67
N ARG H 171 33.52 -12.52 -0.47
CA ARG H 171 34.91 -12.84 -0.19
C ARG H 171 35.82 -11.74 -0.72
N LEU H 172 35.43 -10.49 -0.49
CA LEU H 172 36.34 -9.47 -0.98
C LEU H 172 37.42 -9.19 0.05
N PRO H 173 37.14 -8.95 1.35
CA PRO H 173 38.27 -8.84 2.29
C PRO H 173 38.68 -10.11 3.01
N LEU H 174 38.00 -11.24 2.73
CA LEU H 174 38.33 -12.52 3.39
C LEU H 174 39.76 -12.93 3.06
N VAL H 175 40.14 -12.72 1.80
CA VAL H 175 41.50 -13.01 1.36
C VAL H 175 42.50 -12.27 2.27
N VAL H 176 42.33 -10.96 2.40
CA VAL H 176 43.18 -10.10 3.24
C VAL H 176 43.22 -10.56 4.69
N GLU H 177 42.04 -10.86 5.30
CA GLU H 177 42.00 -11.36 6.68
C GLU H 177 42.95 -12.54 6.83
N ASP H 178 42.78 -13.55 5.96
CA ASP H 178 43.65 -14.71 6.02
C ASP H 178 45.13 -14.31 5.84
N PHE H 179 45.42 -13.41 4.87
CA PHE H 179 46.80 -12.96 4.60
C PHE H 179 47.51 -12.36 5.82
N VAL H 180 46.80 -11.56 6.63
CA VAL H 180 47.41 -10.96 7.84
C VAL H 180 48.04 -12.06 8.70
N LYS H 181 47.25 -13.09 9.02
CA LYS H 181 47.65 -14.17 9.92
C LYS H 181 48.95 -14.84 9.50
N ASP H 182 49.12 -15.09 8.20
CA ASP H 182 50.33 -15.73 7.70
C ASP H 182 51.54 -14.84 7.94
N SER H 183 51.38 -13.55 7.69
CA SER H 183 52.42 -12.58 8.00
C SER H 183 52.64 -12.48 9.49
N GLY H 184 53.90 -12.36 9.88
CA GLY H 184 54.25 -12.26 11.28
C GLY H 184 55.08 -11.02 11.50
N ALA H 185 55.02 -10.52 12.75
CA ALA H 185 55.64 -9.25 13.18
C ALA H 185 55.13 -8.09 12.32
N CYS H 186 53.84 -8.15 11.95
CA CYS H 186 53.24 -7.14 11.09
C CYS H 186 51.88 -6.88 11.71
N PHE H 187 51.89 -6.08 12.76
CA PHE H 187 50.67 -5.77 13.49
C PHE H 187 49.92 -4.63 12.85
N SER H 188 48.86 -4.96 12.12
CA SER H 188 48.00 -3.98 11.49
C SER H 188 47.44 -3.00 12.52
N ALA H 189 47.59 -1.72 12.23
CA ALA H 189 47.09 -0.68 13.11
C ALA H 189 45.57 -0.63 13.13
N SER H 190 45.04 -0.19 14.26
CA SER H 190 43.61 -0.02 14.47
C SER H 190 43.29 1.43 14.08
N GLU H 191 42.09 1.94 14.46
CA GLU H 191 41.62 3.30 14.12
C GLU H 191 41.71 3.53 12.63
N PRO H 192 40.89 2.85 11.81
CA PRO H 192 40.96 2.91 10.33
C PRO H 192 41.20 4.26 9.67
N ASP H 193 40.49 5.27 10.17
CA ASP H 193 40.55 6.61 9.62
C ASP H 193 41.88 7.33 9.84
N ALA H 194 42.72 6.85 10.76
CA ALA H 194 43.99 7.51 11.02
C ALA H 194 45.08 7.08 10.06
N VAL H 195 45.93 8.04 9.67
CA VAL H 195 47.04 7.79 8.76
C VAL H 195 48.07 6.88 9.42
N HIS H 196 48.68 6.00 8.63
CA HIS H 196 49.66 5.09 9.20
C HIS H 196 50.66 4.64 8.13
N VAL H 197 51.94 4.93 8.37
CA VAL H 197 53.03 4.57 7.46
C VAL H 197 54.12 3.89 8.27
N VAL H 198 54.63 2.76 7.76
CA VAL H 198 55.67 1.98 8.42
C VAL H 198 56.78 1.69 7.42
N LEU H 199 58.02 2.01 7.81
CA LEU H 199 59.21 1.72 7.00
C LEU H 199 60.13 0.81 7.80
N ASP H 200 60.33 -0.41 7.32
CA ASP H 200 61.33 -1.30 7.90
C ASP H 200 62.21 -1.96 6.83
N ARG H 201 63.47 -1.49 6.71
CA ARG H 201 64.45 -1.99 5.73
C ARG H 201 63.97 -2.15 4.30
N HIS H 202 63.89 -1.03 3.57
N HIS H 202 63.89 -1.03 3.57
CA HIS H 202 63.58 -0.89 2.15
CA HIS H 202 63.58 -0.89 2.14
C HIS H 202 62.13 -1.15 1.81
C HIS H 202 62.12 -1.14 1.82
N LEU H 203 61.26 -1.42 2.78
CA LEU H 203 59.84 -1.50 2.50
C LEU H 203 59.07 -0.43 3.27
N VAL H 204 58.33 0.41 2.54
CA VAL H 204 57.40 1.36 3.16
C VAL H 204 55.98 0.90 2.83
N THR H 205 55.14 0.93 3.85
CA THR H 205 53.79 0.43 3.76
C THR H 205 52.81 1.41 4.39
N GLY H 206 51.76 1.76 3.65
CA GLY H 206 50.69 2.62 4.13
C GLY H 206 49.42 1.82 4.39
N GLN H 207 48.73 2.19 5.47
CA GLN H 207 47.56 1.42 5.91
C GLN H 207 46.33 1.66 5.05
N ASN H 208 46.14 2.86 4.50
CA ASN H 208 44.88 3.21 3.86
C ASN H 208 45.11 4.34 2.86
N ALA H 209 44.00 4.79 2.25
CA ALA H 209 44.04 5.89 1.29
C ALA H 209 44.46 7.20 1.93
N SER H 210 44.23 7.36 3.24
CA SER H 210 44.74 8.54 3.92
C SER H 210 46.25 8.49 4.02
N SER H 211 46.81 7.32 4.32
CA SER H 211 48.24 7.08 4.42
C SER H 211 49.07 7.22 3.13
N THR H 212 48.45 7.61 2.00
CA THR H 212 49.16 7.67 0.72
C THR H 212 50.21 8.77 0.69
N VAL H 213 49.86 9.96 1.18
CA VAL H 213 50.72 11.13 1.05
C VAL H 213 52.11 10.98 1.68
N PRO H 214 52.27 10.52 2.96
CA PRO H 214 53.64 10.41 3.47
C PRO H 214 54.45 9.23 2.97
N ALA H 215 53.75 8.13 2.69
CA ALA H 215 54.36 6.84 2.38
C ALA H 215 55.34 6.93 1.22
N VAL H 216 54.92 7.50 0.10
CA VAL H 216 55.84 7.56 -1.03
C VAL H 216 56.88 8.63 -0.79
N GLN H 217 56.53 9.66 0.02
CA GLN H 217 57.53 10.61 0.48
C GLN H 217 58.60 9.92 1.31
N ASN H 218 58.18 8.93 2.10
CA ASN H 218 59.15 8.13 2.84
C ASN H 218 59.97 7.31 1.86
N LEU H 219 59.30 6.72 0.86
CA LEU H 219 59.99 6.12 -0.27
C LEU H 219 60.90 7.14 -0.94
N LEU H 220 60.39 8.36 -1.12
CA LEU H 220 61.20 9.46 -1.67
C LEU H 220 62.41 9.71 -0.78
N PHE H 221 62.25 9.58 0.53
CA PHE H 221 63.40 9.74 1.39
C PHE H 221 64.33 8.55 1.22
N LEU H 222 63.74 7.35 1.06
CA LEU H 222 64.51 6.13 0.80
C LEU H 222 65.41 6.28 -0.41
N CYS H 223 64.88 6.82 -1.50
CA CYS H 223 65.62 6.93 -2.74
C CYS H 223 66.38 8.24 -2.84
N GLY H 224 66.53 8.95 -1.73
CA GLY H 224 67.26 10.20 -1.72
C GLY H 224 68.73 9.90 -1.48
#